data_6GAV
#
_entry.id   6GAV
#
_cell.length_a   97.506
_cell.length_b   157.617
_cell.length_c   103.504
_cell.angle_alpha   90.000
_cell.angle_beta   98.110
_cell.angle_gamma   90.000
#
_symmetry.space_group_name_H-M   'P 1 21 1'
#
loop_
_entity.id
_entity.type
_entity.pdbx_description
1 polymer 'DNA gyrase subunit B,DNA gyrase subunit A'
2 non-polymer '2-(N-MORPHOLINO)-ETHANESULFONIC ACID'
3 water water
#
_entity_poly.entity_id   1
_entity_poly.type   'polypeptide(L)'
_entity_poly.pdbx_seq_one_letter_code
;MVAAQKKKAQDEYGAASITILEGLEAVRKRPGMYIGSTGERGLHHLIWEVVDNAVDEAMAGYATTVNVVLLEDGGVEVAD
DGRGIPVATHASGIPTVDVVMTQLHAGGKFDSDAYAISGGLHGVGVSVVNALSTRLEVEIKRDGYEWSQVYEKSEPLGLK
QGAPTKKTGSTVRFWADPAVFETTEYDFETVARRLQEMAFLNKGLTINLTDERVTQDEVVDEVVSDVAEAPKSASERAAE
STAPHKVKSRTFHYPGGLVDFVKHINRTKNAIHSSIVDFSGKGTGHEVEIAMQWNAGYSESVHTFANTINTHEGGTHEEG
FRSALTSVVNKYAKDRKLLKDKDPNLTGDDIREGLAAVISVKVSEPQFEGQTKTKLGNTEVKSFVQKVCNEQLTHWFEAN
PTDAKVVVNKAVSSAQARIAARKARELVRRKSATDIGGLPGKLADCRSTDPRKSELYVVEGDSAGGSAKSGRDSMFQAIL
PLRGKIINVEKARIDRVLKNTEVQAIITALGTGIHDEFDIGKLRYHKIVLMADADVDGQHISTLLLTLLFRFMRPLIENG
HVFLAQPPLYKLKWQRSDPEFAYSDRERDGLLEAGLKAGKKINKEDGIQRYKGLGEMDAKELWETTMDPSVRVLRQVTLD
DAAAADELFSILMGEDVDARRSFITRNAKDVRFLDVGDLTDTTLPPDDSLDRIEPVDIEQEMQRSYIDYAMSVIVGRALP
EVRDGLKPVHRRVLYAMFDSGFRPDRSHAKSARSVAETMGNYHPHGDASIYDSLVRMAQPWSLRYPLVDGQGNFGSPGND
PPAAMRYTEARLTPLAMEMLREIDEETVDFIPNYDGRVQEPTVLPSRFPNLLANGSGGIAVGMATNIPPHNLRELADAVF
WALENHDADEEETLAAVMGRVKGPDFPTAGLIVGSQGTADAYKTGRGSIRMRGVVEVEEDSRGRTSLVITELPYQVNHDN
FITSIAEQVRDGKLAGISNIEDQSSDRVGLRIVIEIKRDAVAKVVINNLYKHTQLQTSFGANMLAIVDGVPRTLRLDQLI
RYYVDHQLDVIVRRTTYRLRKANERAHILRGLVKALDALDEVIALIRASETVDIARAGLIELLDIDEIQAQAILDMQLRR
LAALERQRIIDDLAKIEAEIADLEDILAKPERQRGIVRDELAEIVDRHGDDRRTRIIAA
;
_entity_poly.pdbx_strand_id   A,B
#
loop_
_chem_comp.id
_chem_comp.type
_chem_comp.name
_chem_comp.formula
MES non-polymer '2-(N-MORPHOLINO)-ETHANESULFONIC ACID' 'C6 H13 N O4 S'
#
# COMPACT_ATOMS: atom_id res chain seq x y z
N ALA A 26 0.18 -60.57 -0.21
CA ALA A 26 0.57 -60.41 -1.60
C ALA A 26 0.25 -59.00 -2.11
N VAL A 27 -1.07 -58.68 -2.23
CA VAL A 27 -1.59 -57.37 -2.66
C VAL A 27 -1.25 -56.33 -1.56
N ARG A 28 -1.35 -56.76 -0.27
CA ARG A 28 -1.04 -55.96 0.93
C ARG A 28 0.41 -55.48 0.95
N LYS A 29 1.34 -56.28 0.38
CA LYS A 29 2.77 -55.97 0.30
C LYS A 29 3.03 -54.74 -0.57
N ARG A 30 2.37 -54.67 -1.74
CA ARG A 30 2.50 -53.55 -2.68
C ARG A 30 1.10 -53.03 -3.08
N PRO A 31 0.36 -52.30 -2.17
CA PRO A 31 -1.00 -51.84 -2.52
C PRO A 31 -1.10 -50.90 -3.72
N GLY A 32 -0.08 -50.06 -3.90
CA GLY A 32 -0.01 -49.09 -4.99
C GLY A 32 0.01 -49.69 -6.39
N MET A 33 0.65 -50.86 -6.51
CA MET A 33 0.80 -51.60 -7.77
C MET A 33 -0.54 -52.10 -8.34
N TYR A 34 -1.54 -52.32 -7.46
CA TYR A 34 -2.84 -52.86 -7.85
C TYR A 34 -3.98 -51.84 -7.89
N ILE A 35 -4.19 -51.09 -6.78
CA ILE A 35 -5.32 -50.16 -6.65
C ILE A 35 -5.01 -48.69 -7.07
N GLY A 36 -3.73 -48.37 -7.31
CA GLY A 36 -3.30 -47.04 -7.73
C GLY A 36 -2.38 -46.38 -6.73
N SER A 37 -2.94 -45.92 -5.61
CA SER A 37 -2.20 -45.28 -4.52
C SER A 37 -2.73 -45.79 -3.17
N THR A 38 -2.19 -45.27 -2.06
CA THR A 38 -2.66 -45.60 -0.73
C THR A 38 -3.39 -44.36 -0.17
N GLY A 39 -3.71 -43.43 -1.07
CA GLY A 39 -4.41 -42.19 -0.76
C GLY A 39 -5.82 -42.16 -1.31
N GLU A 40 -6.31 -40.94 -1.64
CA GLU A 40 -7.66 -40.67 -2.17
C GLU A 40 -7.98 -41.47 -3.44
N ARG A 41 -7.03 -41.56 -4.37
CA ARG A 41 -7.21 -42.30 -5.63
C ARG A 41 -7.40 -43.80 -5.39
N GLY A 42 -6.51 -44.41 -4.60
CA GLY A 42 -6.59 -45.82 -4.24
C GLY A 42 -7.89 -46.20 -3.53
N LEU A 43 -8.32 -45.35 -2.59
CA LEU A 43 -9.54 -45.50 -1.78
C LEU A 43 -10.81 -45.54 -2.65
N HIS A 44 -10.88 -44.65 -3.65
CA HIS A 44 -12.03 -44.57 -4.55
C HIS A 44 -12.11 -45.72 -5.55
N HIS A 45 -10.94 -46.30 -5.90
CA HIS A 45 -10.81 -47.45 -6.79
C HIS A 45 -11.44 -48.70 -6.17
N LEU A 46 -11.55 -48.72 -4.82
CA LEU A 46 -12.19 -49.81 -4.07
C LEU A 46 -13.69 -49.74 -4.36
N ILE A 47 -14.27 -48.51 -4.32
CA ILE A 47 -15.69 -48.30 -4.63
C ILE A 47 -15.94 -48.71 -6.08
N TRP A 48 -15.14 -48.17 -7.03
CA TRP A 48 -15.27 -48.48 -8.46
C TRP A 48 -15.27 -49.97 -8.75
N GLU A 49 -14.33 -50.75 -8.18
CA GLU A 49 -14.24 -52.21 -8.40
C GLU A 49 -15.51 -52.97 -8.04
N VAL A 50 -16.10 -52.64 -6.88
CA VAL A 50 -17.33 -53.27 -6.37
C VAL A 50 -18.54 -52.82 -7.21
N VAL A 51 -18.60 -51.52 -7.56
CA VAL A 51 -19.69 -50.93 -8.36
C VAL A 51 -19.63 -51.47 -9.81
N ASP A 52 -18.42 -51.61 -10.38
CA ASP A 52 -18.19 -52.12 -11.74
C ASP A 52 -18.84 -53.48 -11.96
N ASN A 53 -18.60 -54.47 -11.05
CA ASN A 53 -19.19 -55.80 -11.19
C ASN A 53 -20.71 -55.80 -10.92
N ALA A 54 -21.22 -54.77 -10.20
CA ALA A 54 -22.65 -54.59 -9.94
C ALA A 54 -23.32 -54.03 -11.20
N VAL A 55 -22.68 -53.06 -11.88
CA VAL A 55 -23.18 -52.45 -13.12
C VAL A 55 -22.98 -53.43 -14.30
N ASP A 56 -22.09 -54.43 -14.14
CA ASP A 56 -21.85 -55.49 -15.13
C ASP A 56 -23.10 -56.37 -15.24
N GLU A 57 -23.84 -56.51 -14.12
CA GLU A 57 -25.09 -57.26 -14.03
C GLU A 57 -26.21 -56.54 -14.77
N ALA A 58 -26.16 -55.20 -14.77
CA ALA A 58 -27.12 -54.34 -15.47
C ALA A 58 -26.79 -54.35 -16.97
N MET A 59 -25.48 -54.41 -17.32
CA MET A 59 -24.96 -54.46 -18.70
C MET A 59 -25.31 -55.78 -19.36
N ALA A 60 -25.40 -56.86 -18.57
CA ALA A 60 -25.79 -58.20 -19.01
C ALA A 60 -27.32 -58.25 -19.17
N GLY A 61 -28.00 -57.27 -18.56
CA GLY A 61 -29.45 -57.10 -18.62
C GLY A 61 -30.24 -57.77 -17.50
N TYR A 62 -29.56 -58.11 -16.38
CA TYR A 62 -30.20 -58.79 -15.25
C TYR A 62 -30.50 -57.85 -14.07
N ALA A 63 -29.78 -56.71 -13.97
CA ALA A 63 -30.00 -55.73 -12.90
C ALA A 63 -30.60 -54.41 -13.38
N THR A 64 -31.48 -53.81 -12.54
CA THR A 64 -32.19 -52.55 -12.80
C THR A 64 -31.86 -51.47 -11.76
N THR A 65 -31.50 -51.86 -10.52
CA THR A 65 -31.20 -50.93 -9.43
C THR A 65 -29.89 -51.22 -8.70
N VAL A 66 -29.00 -50.21 -8.59
CA VAL A 66 -27.73 -50.29 -7.86
C VAL A 66 -27.78 -49.25 -6.74
N ASN A 67 -27.74 -49.68 -5.47
CA ASN A 67 -27.78 -48.77 -4.34
C ASN A 67 -26.42 -48.69 -3.66
N VAL A 68 -25.88 -47.47 -3.53
CA VAL A 68 -24.58 -47.21 -2.94
C VAL A 68 -24.75 -46.38 -1.67
N VAL A 69 -24.28 -46.92 -0.52
CA VAL A 69 -24.35 -46.24 0.77
C VAL A 69 -22.94 -45.97 1.31
N LEU A 70 -22.71 -44.77 1.89
CA LEU A 70 -21.46 -44.37 2.53
C LEU A 70 -21.75 -44.21 4.02
N LEU A 71 -21.28 -45.18 4.82
CA LEU A 71 -21.53 -45.23 6.26
C LEU A 71 -20.59 -44.33 7.05
N GLU A 72 -21.04 -43.92 8.25
CA GLU A 72 -20.30 -43.05 9.17
C GLU A 72 -19.04 -43.73 9.74
N ASP A 73 -19.04 -45.08 9.82
CA ASP A 73 -17.91 -45.86 10.33
C ASP A 73 -16.76 -46.05 9.32
N GLY A 74 -16.97 -45.65 8.06
CA GLY A 74 -15.98 -45.77 7.00
C GLY A 74 -16.32 -46.82 5.96
N GLY A 75 -17.37 -47.58 6.22
CA GLY A 75 -17.85 -48.64 5.34
C GLY A 75 -18.55 -48.13 4.10
N VAL A 76 -18.72 -49.02 3.13
CA VAL A 76 -19.41 -48.79 1.87
C VAL A 76 -20.29 -50.01 1.65
N GLU A 77 -21.52 -49.79 1.20
CA GLU A 77 -22.45 -50.85 0.87
C GLU A 77 -22.85 -50.68 -0.59
N VAL A 78 -22.72 -51.76 -1.38
CA VAL A 78 -23.10 -51.75 -2.79
C VAL A 78 -24.07 -52.90 -3.02
N ALA A 79 -25.37 -52.58 -3.02
CA ALA A 79 -26.46 -53.51 -3.24
C ALA A 79 -26.94 -53.51 -4.70
N ASP A 80 -27.27 -54.70 -5.23
CA ASP A 80 -27.78 -54.89 -6.59
C ASP A 80 -28.90 -55.94 -6.66
N ASP A 81 -29.74 -55.86 -7.70
CA ASP A 81 -30.87 -56.77 -7.94
C ASP A 81 -30.57 -57.76 -9.10
N GLY A 82 -29.28 -58.00 -9.36
CA GLY A 82 -28.82 -58.89 -10.42
C GLY A 82 -29.06 -60.36 -10.18
N ARG A 83 -28.11 -61.20 -10.62
CA ARG A 83 -28.17 -62.65 -10.48
C ARG A 83 -27.57 -63.10 -9.16
N GLY A 84 -26.61 -62.33 -8.65
CA GLY A 84 -25.90 -62.63 -7.42
C GLY A 84 -24.64 -63.43 -7.70
N ILE A 85 -23.60 -63.22 -6.88
CA ILE A 85 -22.31 -63.92 -7.00
C ILE A 85 -22.55 -65.44 -6.82
N PRO A 86 -22.08 -66.32 -7.75
CA PRO A 86 -22.35 -67.77 -7.63
C PRO A 86 -21.93 -68.40 -6.29
N VAL A 87 -22.93 -68.94 -5.58
CA VAL A 87 -22.77 -69.58 -4.27
C VAL A 87 -22.42 -71.08 -4.40
N ALA A 88 -22.70 -71.68 -5.59
CA ALA A 88 -22.44 -73.08 -5.91
C ALA A 88 -20.97 -73.45 -5.76
N THR A 89 -20.70 -74.72 -5.40
CA THR A 89 -19.35 -75.23 -5.17
C THR A 89 -18.52 -75.25 -6.46
N HIS A 90 -17.43 -74.47 -6.45
CA HIS A 90 -16.47 -74.32 -7.55
C HIS A 90 -15.68 -75.62 -7.74
N ALA A 91 -15.11 -75.81 -8.96
CA ALA A 91 -14.31 -76.98 -9.36
C ALA A 91 -13.16 -77.33 -8.39
N SER A 92 -12.63 -76.32 -7.65
CA SER A 92 -11.56 -76.51 -6.68
C SER A 92 -12.02 -77.26 -5.42
N GLY A 93 -13.05 -76.72 -4.75
CA GLY A 93 -13.61 -77.31 -3.53
C GLY A 93 -14.41 -76.36 -2.66
N ILE A 94 -14.02 -75.06 -2.66
CA ILE A 94 -14.66 -73.97 -1.89
C ILE A 94 -15.78 -73.30 -2.71
N PRO A 95 -16.75 -72.56 -2.11
CA PRO A 95 -17.79 -71.91 -2.95
C PRO A 95 -17.20 -70.86 -3.88
N THR A 96 -17.86 -70.62 -5.03
CA THR A 96 -17.42 -69.67 -6.06
C THR A 96 -17.38 -68.22 -5.51
N VAL A 97 -18.17 -67.90 -4.44
CA VAL A 97 -18.16 -66.59 -3.78
C VAL A 97 -16.79 -66.34 -3.14
N ASP A 98 -16.24 -67.36 -2.46
CA ASP A 98 -14.93 -67.34 -1.81
C ASP A 98 -13.77 -67.25 -2.82
N VAL A 99 -13.88 -67.96 -3.98
CA VAL A 99 -12.89 -67.97 -5.07
C VAL A 99 -12.74 -66.55 -5.66
N VAL A 100 -13.87 -65.89 -5.94
CA VAL A 100 -13.96 -64.55 -6.49
C VAL A 100 -13.43 -63.51 -5.48
N MET A 101 -13.71 -63.74 -4.19
CA MET A 101 -13.33 -62.83 -3.11
C MET A 101 -11.92 -63.04 -2.52
N THR A 102 -11.27 -64.20 -2.75
CA THR A 102 -9.92 -64.43 -2.19
C THR A 102 -8.84 -64.57 -3.26
N GLN A 103 -9.08 -65.39 -4.30
CA GLN A 103 -8.13 -65.62 -5.40
C GLN A 103 -8.28 -64.58 -6.50
N LEU A 104 -7.15 -64.07 -7.04
CA LEU A 104 -7.10 -63.07 -8.11
C LEU A 104 -7.59 -63.65 -9.46
N HIS A 105 -8.15 -62.78 -10.32
CA HIS A 105 -8.72 -63.08 -11.66
C HIS A 105 -9.92 -64.03 -11.58
N GLY A 125 -9.61 -56.55 -9.85
CA GLY A 125 -10.58 -57.48 -9.30
C GLY A 125 -11.07 -57.17 -7.89
N VAL A 126 -12.26 -57.67 -7.53
CA VAL A 126 -12.91 -57.47 -6.22
C VAL A 126 -12.12 -58.12 -5.04
N SER A 127 -11.22 -59.10 -5.35
CA SER A 127 -10.36 -59.77 -4.37
C SER A 127 -9.36 -58.77 -3.75
N VAL A 128 -9.01 -57.71 -4.52
CA VAL A 128 -8.11 -56.61 -4.11
C VAL A 128 -8.83 -55.77 -3.05
N VAL A 129 -10.17 -55.60 -3.19
CA VAL A 129 -11.00 -54.86 -2.24
C VAL A 129 -10.96 -55.57 -0.89
N ASN A 130 -11.12 -56.92 -0.90
CA ASN A 130 -11.10 -57.77 0.29
C ASN A 130 -9.74 -57.74 1.01
N ALA A 131 -8.64 -57.78 0.24
CA ALA A 131 -7.25 -57.75 0.74
C ALA A 131 -6.92 -56.41 1.42
N LEU A 132 -7.50 -55.30 0.93
CA LEU A 132 -7.24 -53.97 1.50
C LEU A 132 -8.37 -53.48 2.39
N SER A 133 -9.12 -54.44 2.99
CA SER A 133 -10.24 -54.22 3.90
C SER A 133 -10.10 -55.06 5.15
N THR A 134 -10.39 -54.46 6.31
CA THR A 134 -10.37 -55.14 7.61
C THR A 134 -11.51 -56.16 7.68
N ARG A 135 -12.64 -55.85 7.01
CA ARG A 135 -13.84 -56.66 6.92
C ARG A 135 -14.54 -56.46 5.56
N LEU A 136 -15.15 -57.55 5.07
CA LEU A 136 -15.96 -57.58 3.87
C LEU A 136 -17.12 -58.55 4.11
N GLU A 137 -18.35 -58.03 4.07
CA GLU A 137 -19.59 -58.79 4.24
C GLU A 137 -20.26 -58.91 2.88
N VAL A 138 -20.86 -60.08 2.59
CA VAL A 138 -21.61 -60.31 1.36
C VAL A 138 -22.94 -60.99 1.66
N GLU A 139 -24.01 -60.48 1.04
CA GLU A 139 -25.35 -61.03 1.17
C GLU A 139 -25.83 -61.33 -0.24
N ILE A 140 -25.94 -62.63 -0.58
CA ILE A 140 -26.34 -63.08 -1.92
C ILE A 140 -27.71 -63.73 -1.88
N LYS A 141 -28.53 -63.41 -2.90
CA LYS A 141 -29.85 -63.98 -3.13
C LYS A 141 -29.75 -64.65 -4.50
N ARG A 142 -29.61 -65.99 -4.47
CA ARG A 142 -29.43 -66.85 -5.63
C ARG A 142 -29.92 -68.25 -5.24
N ASP A 143 -30.33 -69.07 -6.24
CA ASP A 143 -30.84 -70.44 -6.06
C ASP A 143 -32.06 -70.51 -5.09
N GLY A 144 -32.81 -69.40 -5.02
CA GLY A 144 -33.99 -69.25 -4.17
C GLY A 144 -33.70 -69.33 -2.68
N TYR A 145 -32.61 -68.67 -2.22
CA TYR A 145 -32.16 -68.65 -0.82
C TYR A 145 -31.44 -67.34 -0.46
N GLU A 146 -31.39 -67.02 0.85
CA GLU A 146 -30.70 -65.85 1.40
C GLU A 146 -29.34 -66.28 1.98
N TRP A 147 -28.31 -66.31 1.13
CA TRP A 147 -26.94 -66.67 1.50
C TRP A 147 -26.25 -65.53 2.23
N SER A 148 -25.36 -65.86 3.18
CA SER A 148 -24.62 -64.90 3.99
C SER A 148 -23.16 -65.35 4.16
N GLN A 149 -22.22 -64.39 4.18
CA GLN A 149 -20.78 -64.63 4.34
C GLN A 149 -20.07 -63.39 4.90
N VAL A 150 -19.04 -63.60 5.72
CA VAL A 150 -18.23 -62.56 6.35
C VAL A 150 -16.74 -62.91 6.13
N TYR A 151 -15.95 -61.90 5.73
CA TYR A 151 -14.52 -62.03 5.50
C TYR A 151 -13.82 -61.13 6.50
N GLU A 152 -13.25 -61.74 7.55
CA GLU A 152 -12.53 -61.05 8.61
C GLU A 152 -11.07 -61.02 8.16
N LYS A 153 -10.53 -59.82 7.85
CA LYS A 153 -9.16 -59.60 7.34
C LYS A 153 -8.91 -60.50 6.11
N SER A 154 -9.87 -60.44 5.14
CA SER A 154 -9.96 -61.18 3.87
C SER A 154 -10.11 -62.72 4.01
N GLU A 155 -10.21 -63.25 5.26
CA GLU A 155 -10.37 -64.69 5.55
C GLU A 155 -11.86 -65.07 5.68
N PRO A 156 -12.42 -65.90 4.78
CA PRO A 156 -13.85 -66.27 4.90
C PRO A 156 -14.17 -67.06 6.16
N LEU A 157 -15.28 -66.71 6.81
CA LEU A 157 -15.71 -67.37 8.06
C LEU A 157 -16.74 -68.50 7.83
N GLY A 158 -17.35 -68.55 6.65
CA GLY A 158 -18.31 -69.59 6.28
C GLY A 158 -19.60 -69.10 5.64
N LEU A 159 -19.93 -69.68 4.47
CA LEU A 159 -21.13 -69.36 3.70
C LEU A 159 -22.39 -69.96 4.35
N LYS A 160 -23.12 -69.11 5.10
CA LYS A 160 -24.33 -69.47 5.82
C LYS A 160 -25.59 -69.28 4.97
N GLN A 161 -26.25 -70.40 4.63
CA GLN A 161 -27.52 -70.45 3.89
C GLN A 161 -28.63 -70.07 4.87
N GLY A 162 -29.48 -69.12 4.47
CA GLY A 162 -30.58 -68.63 5.29
C GLY A 162 -31.94 -68.92 4.71
N ALA A 163 -32.90 -68.01 4.97
CA ALA A 163 -34.30 -68.08 4.55
C ALA A 163 -34.46 -68.21 3.03
N PRO A 164 -35.32 -69.11 2.53
CA PRO A 164 -35.49 -69.22 1.07
C PRO A 164 -36.37 -68.08 0.53
N THR A 165 -35.92 -67.42 -0.55
CA THR A 165 -36.64 -66.32 -1.22
C THR A 165 -36.27 -66.29 -2.72
N LYS A 166 -37.32 -66.31 -3.57
CA LYS A 166 -37.27 -66.34 -5.03
C LYS A 166 -36.51 -65.17 -5.69
N LYS A 167 -36.44 -64.00 -5.03
CA LYS A 167 -35.73 -62.83 -5.56
C LYS A 167 -34.20 -63.05 -5.66
N THR A 168 -33.54 -62.35 -6.60
CA THR A 168 -32.08 -62.46 -6.80
C THR A 168 -31.34 -61.13 -6.62
N GLY A 169 -30.01 -61.21 -6.58
CA GLY A 169 -29.13 -60.07 -6.41
C GLY A 169 -28.07 -60.26 -5.35
N SER A 170 -27.19 -59.25 -5.18
CA SER A 170 -26.10 -59.30 -4.19
C SER A 170 -25.76 -57.96 -3.57
N THR A 171 -25.42 -57.97 -2.27
CA THR A 171 -25.03 -56.80 -1.48
C THR A 171 -23.60 -57.02 -0.97
N VAL A 172 -22.72 -56.01 -1.15
CA VAL A 172 -21.32 -56.09 -0.72
C VAL A 172 -21.00 -54.90 0.20
N ARG A 173 -20.62 -55.20 1.44
CA ARG A 173 -20.22 -54.21 2.45
C ARG A 173 -18.72 -54.37 2.71
N PHE A 174 -17.94 -53.29 2.58
CA PHE A 174 -16.50 -53.33 2.85
C PHE A 174 -16.02 -52.15 3.64
N TRP A 175 -15.07 -52.39 4.56
CA TRP A 175 -14.46 -51.38 5.41
C TRP A 175 -12.98 -51.29 5.08
N ALA A 176 -12.60 -50.27 4.27
CA ALA A 176 -11.22 -50.01 3.83
C ALA A 176 -10.25 -50.01 5.02
N ASP A 177 -9.09 -50.66 4.83
CA ASP A 177 -8.07 -50.80 5.87
C ASP A 177 -7.42 -49.46 6.26
N PRO A 178 -7.60 -49.00 7.53
CA PRO A 178 -6.98 -47.72 7.95
C PRO A 178 -5.46 -47.78 8.04
N ALA A 179 -4.93 -49.00 8.15
CA ALA A 179 -3.50 -49.32 8.21
C ALA A 179 -2.87 -49.24 6.81
N VAL A 180 -3.70 -49.47 5.76
CA VAL A 180 -3.28 -49.42 4.35
C VAL A 180 -3.37 -47.98 3.84
N PHE A 181 -4.57 -47.38 3.96
CA PHE A 181 -4.90 -46.05 3.45
C PHE A 181 -4.55 -44.90 4.37
N GLU A 182 -4.12 -43.79 3.74
CA GLU A 182 -3.73 -42.52 4.37
C GLU A 182 -5.00 -41.76 4.80
N THR A 183 -6.12 -41.98 4.09
CA THR A 183 -7.44 -41.41 4.37
C THR A 183 -8.48 -42.52 4.18
N THR A 184 -9.51 -42.52 5.03
CA THR A 184 -10.59 -43.51 4.97
C THR A 184 -11.93 -42.78 4.63
N GLU A 185 -11.80 -41.49 4.22
CA GLU A 185 -12.87 -40.56 3.86
C GLU A 185 -13.05 -40.46 2.34
N TYR A 186 -14.16 -41.04 1.87
CA TYR A 186 -14.54 -40.99 0.45
C TYR A 186 -15.10 -39.61 0.15
N ASP A 187 -14.89 -39.14 -1.08
CA ASP A 187 -15.41 -37.86 -1.51
C ASP A 187 -16.74 -38.09 -2.21
N PHE A 188 -17.82 -37.60 -1.59
CA PHE A 188 -19.19 -37.72 -2.08
C PHE A 188 -19.34 -37.25 -3.52
N GLU A 189 -18.76 -36.09 -3.84
CA GLU A 189 -18.87 -35.50 -5.16
C GLU A 189 -18.28 -36.38 -6.25
N THR A 190 -17.11 -37.01 -5.99
CA THR A 190 -16.46 -37.90 -6.95
C THR A 190 -17.33 -39.10 -7.23
N VAL A 191 -17.85 -39.73 -6.15
CA VAL A 191 -18.72 -40.89 -6.18
C VAL A 191 -19.98 -40.57 -6.96
N ALA A 192 -20.64 -39.42 -6.66
CA ALA A 192 -21.87 -38.97 -7.34
C ALA A 192 -21.72 -38.77 -8.85
N ARG A 193 -20.62 -38.11 -9.26
CA ARG A 193 -20.26 -37.82 -10.66
C ARG A 193 -20.10 -39.11 -11.50
N ARG A 194 -19.49 -40.17 -10.92
CA ARG A 194 -19.25 -41.46 -11.57
C ARG A 194 -20.50 -42.31 -11.66
N LEU A 195 -21.38 -42.24 -10.64
CA LEU A 195 -22.63 -42.99 -10.60
C LEU A 195 -23.61 -42.40 -11.60
N GLN A 196 -23.59 -41.06 -11.76
CA GLN A 196 -24.42 -40.31 -12.72
C GLN A 196 -24.02 -40.70 -14.15
N GLU A 197 -22.71 -40.83 -14.38
CA GLU A 197 -22.11 -41.22 -15.66
C GLU A 197 -22.56 -42.62 -16.08
N MET A 198 -22.45 -43.59 -15.15
CA MET A 198 -22.84 -44.99 -15.32
C MET A 198 -24.32 -45.13 -15.67
N ALA A 199 -25.18 -44.29 -15.05
CA ALA A 199 -26.62 -44.24 -15.29
C ALA A 199 -26.93 -43.73 -16.70
N PHE A 200 -26.10 -42.81 -17.24
CA PHE A 200 -26.28 -42.30 -18.61
C PHE A 200 -25.93 -43.41 -19.61
N LEU A 201 -24.92 -44.24 -19.27
CA LEU A 201 -24.44 -45.36 -20.09
C LEU A 201 -25.34 -46.60 -20.08
N ASN A 202 -26.34 -46.66 -19.17
CA ASN A 202 -27.30 -47.77 -19.05
C ASN A 202 -28.72 -47.23 -18.84
N LYS A 203 -29.50 -47.12 -19.94
CA LYS A 203 -30.86 -46.56 -20.00
C LYS A 203 -31.83 -46.99 -18.88
N GLY A 204 -31.99 -48.28 -18.67
CA GLY A 204 -32.93 -48.82 -17.69
C GLY A 204 -32.41 -49.04 -16.28
N LEU A 205 -31.26 -48.44 -15.96
CA LEU A 205 -30.61 -48.59 -14.66
C LEU A 205 -30.86 -47.38 -13.78
N THR A 206 -31.14 -47.65 -12.49
CA THR A 206 -31.34 -46.63 -11.47
C THR A 206 -30.22 -46.78 -10.45
N ILE A 207 -29.50 -45.69 -10.19
CA ILE A 207 -28.46 -45.70 -9.18
C ILE A 207 -28.83 -44.74 -8.07
N ASN A 208 -29.01 -45.27 -6.86
CA ASN A 208 -29.30 -44.46 -5.68
C ASN A 208 -28.02 -44.36 -4.85
N LEU A 209 -27.64 -43.12 -4.48
CA LEU A 209 -26.47 -42.87 -3.65
C LEU A 209 -26.93 -42.18 -2.36
N THR A 210 -26.47 -42.70 -1.22
CA THR A 210 -26.84 -42.13 0.06
C THR A 210 -25.60 -42.02 0.93
N ASP A 211 -25.36 -40.82 1.46
CA ASP A 211 -24.23 -40.50 2.30
C ASP A 211 -24.76 -40.23 3.70
N GLU A 212 -24.37 -41.09 4.66
CA GLU A 212 -24.78 -41.03 6.05
C GLU A 212 -23.91 -40.13 6.91
N ARG A 213 -22.68 -39.78 6.43
CA ARG A 213 -21.72 -38.94 7.15
C ARG A 213 -22.14 -37.47 7.06
N VAL A 214 -23.31 -37.16 7.65
CA VAL A 214 -23.98 -35.87 7.56
C VAL A 214 -24.56 -35.39 8.92
N THR A 215 -24.48 -34.07 9.21
CA THR A 215 -25.06 -33.44 10.42
C THR A 215 -26.50 -33.01 10.08
N GLN A 216 -27.41 -32.92 11.08
CA GLN A 216 -28.83 -32.58 10.81
C GLN A 216 -29.03 -31.17 10.21
N ASP A 217 -28.10 -30.23 10.44
CA ASP A 217 -28.12 -28.86 9.95
C ASP A 217 -27.49 -28.68 8.55
N GLU A 218 -26.61 -29.63 8.16
CA GLU A 218 -25.83 -29.66 6.92
C GLU A 218 -26.63 -29.42 5.64
N VAL A 219 -26.03 -28.66 4.70
CA VAL A 219 -26.57 -28.38 3.36
C VAL A 219 -26.24 -29.61 2.51
N VAL A 220 -27.27 -30.38 2.13
CA VAL A 220 -27.10 -31.67 1.41
C VAL A 220 -27.76 -31.73 0.02
N ASP A 221 -28.63 -30.76 -0.33
CA ASP A 221 -29.34 -30.72 -1.61
C ASP A 221 -28.44 -30.37 -2.80
N GLU A 222 -28.74 -30.93 -3.98
CA GLU A 222 -28.00 -30.70 -5.23
C GLU A 222 -28.17 -29.24 -5.67
N VAL A 223 -29.41 -28.74 -5.58
CA VAL A 223 -29.79 -27.37 -5.88
C VAL A 223 -30.12 -26.72 -4.55
N VAL A 224 -29.25 -25.79 -4.15
CA VAL A 224 -29.36 -24.99 -2.94
C VAL A 224 -30.14 -23.72 -3.34
N SER A 225 -31.18 -23.38 -2.56
CA SER A 225 -32.01 -22.21 -2.88
C SER A 225 -31.39 -20.87 -2.44
N ASP A 226 -31.70 -19.82 -3.21
CA ASP A 226 -31.30 -18.43 -2.98
C ASP A 226 -32.19 -17.78 -1.90
N VAL A 227 -33.26 -18.50 -1.48
CA VAL A 227 -34.28 -18.13 -0.51
C VAL A 227 -34.18 -19.00 0.76
N ALA A 228 -34.58 -18.45 1.91
CA ALA A 228 -34.60 -19.11 3.22
C ALA A 228 -35.64 -20.21 3.32
N GLU A 229 -35.39 -21.18 4.22
CA GLU A 229 -36.26 -22.32 4.52
C GLU A 229 -37.52 -21.87 5.26
N ALA A 230 -38.64 -22.57 5.06
CA ALA A 230 -39.93 -22.25 5.68
C ALA A 230 -39.91 -22.41 7.22
N PRO A 231 -40.61 -21.51 7.97
CA PRO A 231 -40.61 -21.64 9.45
C PRO A 231 -41.31 -22.90 9.91
N LYS A 232 -40.78 -23.52 10.97
CA LYS A 232 -41.32 -24.76 11.50
C LYS A 232 -42.18 -24.52 12.74
N SER A 233 -43.39 -25.11 12.74
CA SER A 233 -44.33 -25.06 13.87
C SER A 233 -43.84 -26.00 14.98
N ALA A 234 -44.43 -25.86 16.20
CA ALA A 234 -44.10 -26.70 17.37
C ALA A 234 -44.17 -28.20 17.07
N SER A 235 -45.14 -28.62 16.21
CA SER A 235 -45.34 -30.00 15.76
C SER A 235 -44.20 -30.44 14.83
N GLU A 236 -43.83 -29.58 13.85
CA GLU A 236 -42.75 -29.81 12.88
C GLU A 236 -41.39 -29.94 13.58
N ARG A 237 -41.13 -29.07 14.59
CA ARG A 237 -39.91 -29.04 15.40
C ARG A 237 -39.80 -30.31 16.25
N ALA A 238 -40.94 -30.75 16.85
CA ALA A 238 -41.02 -31.96 17.67
C ALA A 238 -40.77 -33.20 16.81
N ALA A 239 -41.35 -33.22 15.58
CA ALA A 239 -41.20 -34.30 14.62
C ALA A 239 -39.73 -34.45 14.20
N GLU A 240 -39.05 -33.32 13.90
CA GLU A 240 -37.64 -33.26 13.48
C GLU A 240 -36.66 -33.75 14.56
N SER A 241 -36.95 -33.46 15.85
CA SER A 241 -36.12 -33.85 16.99
C SER A 241 -36.18 -35.36 17.24
N THR A 242 -37.42 -35.94 17.20
CA THR A 242 -37.66 -37.39 17.39
C THR A 242 -37.13 -38.18 16.19
N ALA A 243 -37.20 -37.57 14.98
CA ALA A 243 -36.75 -38.14 13.71
C ALA A 243 -35.27 -38.56 13.75
N PRO A 244 -34.89 -39.71 13.14
CA PRO A 244 -33.48 -40.10 13.17
C PRO A 244 -32.59 -39.30 12.21
N HIS A 245 -31.30 -39.66 12.20
CA HIS A 245 -30.19 -39.11 11.43
C HIS A 245 -30.55 -38.79 9.97
N LYS A 246 -30.34 -37.52 9.56
CA LYS A 246 -30.58 -37.05 8.19
C LYS A 246 -29.45 -37.59 7.28
N VAL A 247 -29.76 -37.81 5.97
CA VAL A 247 -28.79 -38.31 4.98
C VAL A 247 -28.76 -37.46 3.71
N LYS A 248 -27.63 -37.49 2.98
CA LYS A 248 -27.46 -36.81 1.70
C LYS A 248 -27.76 -37.86 0.62
N SER A 249 -28.83 -37.69 -0.14
CA SER A 249 -29.18 -38.68 -1.15
C SER A 249 -29.31 -38.12 -2.57
N ARG A 250 -29.06 -38.99 -3.56
CA ARG A 250 -29.14 -38.69 -5.00
C ARG A 250 -29.65 -39.94 -5.73
N THR A 251 -30.52 -39.74 -6.74
CA THR A 251 -31.05 -40.82 -7.59
C THR A 251 -30.63 -40.51 -9.03
N PHE A 252 -30.19 -41.55 -9.77
CA PHE A 252 -29.77 -41.40 -11.16
C PHE A 252 -30.45 -42.41 -12.06
N HIS A 253 -31.36 -41.92 -12.90
CA HIS A 253 -32.09 -42.70 -13.89
C HIS A 253 -32.30 -41.82 -15.09
N TYR A 254 -31.71 -42.21 -16.22
CA TYR A 254 -31.81 -41.46 -17.47
C TYR A 254 -32.37 -42.36 -18.57
N PRO A 255 -33.72 -42.34 -18.79
CA PRO A 255 -34.33 -43.22 -19.80
C PRO A 255 -33.96 -42.86 -21.25
N GLY A 256 -33.36 -41.69 -21.44
CA GLY A 256 -32.88 -41.20 -22.73
C GLY A 256 -31.50 -41.75 -23.02
N GLY A 257 -30.81 -42.15 -21.96
CA GLY A 257 -29.46 -42.70 -22.01
C GLY A 257 -28.42 -41.67 -22.36
N LEU A 258 -27.71 -41.90 -23.47
CA LEU A 258 -26.67 -41.00 -23.96
C LEU A 258 -27.26 -39.67 -24.44
N VAL A 259 -28.55 -39.66 -24.83
CA VAL A 259 -29.30 -38.47 -25.25
C VAL A 259 -29.37 -37.53 -24.04
N ASP A 260 -29.70 -38.09 -22.85
CA ASP A 260 -29.75 -37.38 -21.57
C ASP A 260 -28.34 -36.89 -21.14
N PHE A 261 -27.28 -37.65 -21.54
CA PHE A 261 -25.88 -37.31 -21.27
C PHE A 261 -25.49 -36.06 -22.05
N VAL A 262 -25.75 -36.06 -23.38
CA VAL A 262 -25.46 -34.94 -24.30
C VAL A 262 -26.26 -33.69 -23.90
N LYS A 263 -27.53 -33.89 -23.51
CA LYS A 263 -28.43 -32.84 -23.01
C LYS A 263 -27.82 -32.21 -21.74
N HIS A 264 -27.17 -33.04 -20.88
CA HIS A 264 -26.52 -32.61 -19.65
C HIS A 264 -25.25 -31.80 -19.94
N ILE A 265 -24.44 -32.26 -20.92
CA ILE A 265 -23.19 -31.60 -21.35
C ILE A 265 -23.52 -30.22 -21.93
N ASN A 266 -24.48 -30.16 -22.88
CA ASN A 266 -24.91 -28.94 -23.56
C ASN A 266 -25.83 -28.03 -22.75
N ARG A 267 -26.05 -28.33 -21.45
CA ARG A 267 -26.90 -27.52 -20.57
C ARG A 267 -26.27 -26.14 -20.31
N THR A 268 -25.03 -26.12 -19.77
CA THR A 268 -24.24 -24.91 -19.46
C THR A 268 -23.80 -24.20 -20.75
N LYS A 269 -23.75 -24.97 -21.85
CA LYS A 269 -23.39 -24.53 -23.20
C LYS A 269 -24.68 -24.08 -23.92
N ASN A 270 -24.55 -23.53 -25.13
CA ASN A 270 -25.72 -23.07 -25.87
C ASN A 270 -25.89 -23.82 -27.18
N ALA A 271 -26.64 -24.95 -27.13
CA ALA A 271 -26.92 -25.81 -28.29
C ALA A 271 -27.57 -25.01 -29.41
N ILE A 272 -27.32 -25.42 -30.66
CA ILE A 272 -27.87 -24.70 -31.81
C ILE A 272 -29.05 -25.45 -32.44
N HIS A 273 -28.83 -26.69 -32.88
CA HIS A 273 -29.86 -27.50 -33.51
C HIS A 273 -30.81 -28.16 -32.52
N SER A 274 -32.11 -28.13 -32.84
CA SER A 274 -33.19 -28.68 -32.03
C SER A 274 -33.37 -30.20 -32.28
N SER A 275 -32.27 -30.92 -32.55
CA SER A 275 -32.29 -32.36 -32.80
C SER A 275 -30.97 -33.07 -32.49
N ILE A 276 -30.92 -33.79 -31.36
CA ILE A 276 -29.73 -34.55 -30.95
C ILE A 276 -29.66 -35.81 -31.83
N VAL A 277 -28.46 -36.14 -32.35
CA VAL A 277 -28.24 -37.34 -33.16
C VAL A 277 -28.26 -38.53 -32.21
N ASP A 278 -29.07 -39.56 -32.50
CA ASP A 278 -29.17 -40.75 -31.65
C ASP A 278 -29.22 -42.01 -32.51
N PHE A 279 -28.18 -42.86 -32.42
CA PHE A 279 -28.13 -44.09 -33.19
C PHE A 279 -27.36 -45.23 -32.52
N SER A 280 -27.80 -46.46 -32.80
CA SER A 280 -27.21 -47.70 -32.29
C SER A 280 -26.67 -48.55 -33.45
N GLY A 281 -25.84 -49.54 -33.11
CA GLY A 281 -25.23 -50.46 -34.05
C GLY A 281 -24.73 -51.73 -33.39
N LYS A 282 -25.23 -52.89 -33.84
CA LYS A 282 -24.85 -54.20 -33.29
C LYS A 282 -24.03 -55.04 -34.28
N GLY A 283 -22.93 -55.61 -33.80
CA GLY A 283 -22.02 -56.45 -34.57
C GLY A 283 -21.87 -57.83 -33.98
N THR A 284 -20.78 -58.53 -34.35
CA THR A 284 -20.47 -59.90 -33.89
C THR A 284 -20.16 -59.90 -32.37
N GLY A 285 -18.91 -59.61 -31.99
CA GLY A 285 -18.48 -59.55 -30.60
C GLY A 285 -18.42 -58.14 -30.05
N HIS A 286 -19.14 -57.21 -30.72
CA HIS A 286 -19.18 -55.80 -30.35
C HIS A 286 -20.54 -55.13 -30.59
N GLU A 287 -20.77 -54.00 -29.89
CA GLU A 287 -21.97 -53.18 -29.93
C GLU A 287 -21.56 -51.70 -29.77
N VAL A 288 -22.37 -50.75 -30.31
CA VAL A 288 -22.10 -49.30 -30.26
C VAL A 288 -23.40 -48.46 -30.17
N GLU A 289 -23.34 -47.36 -29.41
CA GLU A 289 -24.41 -46.39 -29.22
C GLU A 289 -23.74 -45.01 -29.21
N ILE A 290 -24.23 -44.09 -30.05
CA ILE A 290 -23.65 -42.74 -30.18
C ILE A 290 -24.72 -41.66 -30.11
N ALA A 291 -24.46 -40.63 -29.28
CA ALA A 291 -25.31 -39.45 -29.14
C ALA A 291 -24.44 -38.21 -29.29
N MET A 292 -24.87 -37.24 -30.13
CA MET A 292 -24.11 -36.00 -30.37
C MET A 292 -25.01 -34.79 -30.68
N GLN A 293 -24.54 -33.59 -30.30
CA GLN A 293 -25.20 -32.30 -30.50
C GLN A 293 -24.19 -31.14 -30.39
N TRP A 294 -24.18 -30.23 -31.39
CA TRP A 294 -23.30 -29.06 -31.48
C TRP A 294 -23.83 -27.83 -30.73
N ASN A 295 -22.91 -27.02 -30.16
CA ASN A 295 -23.21 -25.81 -29.40
C ASN A 295 -22.43 -24.56 -29.87
N ALA A 296 -22.75 -23.38 -29.29
CA ALA A 296 -22.14 -22.09 -29.61
C ALA A 296 -20.69 -21.96 -29.15
N GLY A 297 -20.30 -22.76 -28.15
CA GLY A 297 -18.95 -22.77 -27.59
C GLY A 297 -17.88 -23.28 -28.55
N TYR A 298 -16.60 -23.04 -28.22
CA TYR A 298 -15.46 -23.43 -29.05
C TYR A 298 -14.52 -24.38 -28.29
N SER A 299 -15.02 -25.59 -27.99
CA SER A 299 -14.29 -26.65 -27.28
C SER A 299 -14.83 -28.03 -27.65
N GLU A 300 -14.01 -29.07 -27.48
CA GLU A 300 -14.37 -30.45 -27.81
C GLU A 300 -14.79 -31.22 -26.54
N SER A 301 -16.09 -31.55 -26.44
CA SER A 301 -16.66 -32.30 -25.31
C SER A 301 -17.10 -33.69 -25.80
N VAL A 302 -16.15 -34.44 -26.37
CA VAL A 302 -16.34 -35.78 -26.92
C VAL A 302 -15.81 -36.81 -25.92
N HIS A 303 -16.73 -37.54 -25.27
CA HIS A 303 -16.40 -38.55 -24.26
C HIS A 303 -16.70 -39.94 -24.77
N THR A 304 -15.66 -40.77 -24.79
CA THR A 304 -15.70 -42.12 -25.31
C THR A 304 -15.61 -43.16 -24.17
N PHE A 305 -16.33 -44.30 -24.34
CA PHE A 305 -16.46 -45.38 -23.36
C PHE A 305 -16.47 -46.78 -23.95
N ALA A 306 -15.82 -47.73 -23.25
CA ALA A 306 -15.80 -49.15 -23.61
C ALA A 306 -16.18 -49.94 -22.35
N ASN A 307 -17.34 -50.64 -22.40
CA ASN A 307 -17.91 -51.43 -21.29
C ASN A 307 -18.05 -50.56 -20.04
N THR A 308 -18.67 -49.37 -20.22
CA THR A 308 -18.94 -48.32 -19.22
C THR A 308 -17.64 -47.69 -18.63
N ILE A 309 -16.45 -48.11 -19.10
CA ILE A 309 -15.14 -47.58 -18.67
C ILE A 309 -14.77 -46.37 -19.56
N ASN A 310 -14.37 -45.24 -18.95
CA ASN A 310 -13.97 -44.03 -19.68
C ASN A 310 -12.63 -44.20 -20.37
N THR A 311 -12.66 -44.32 -21.71
CA THR A 311 -11.50 -44.53 -22.57
C THR A 311 -10.86 -43.20 -23.00
N HIS A 312 -10.41 -42.40 -22.01
CA HIS A 312 -9.83 -41.06 -22.20
C HIS A 312 -8.54 -41.05 -23.06
N GLU A 313 -7.77 -42.15 -23.10
CA GLU A 313 -6.58 -42.21 -23.95
C GLU A 313 -6.97 -42.54 -25.40
N GLY A 314 -8.26 -42.33 -25.71
CA GLY A 314 -8.85 -42.56 -27.01
C GLY A 314 -9.18 -44.01 -27.27
N GLY A 315 -8.88 -44.46 -28.48
CA GLY A 315 -9.12 -45.83 -28.89
C GLY A 315 -9.57 -46.00 -30.32
N THR A 316 -9.66 -47.27 -30.72
CA THR A 316 -10.08 -47.75 -32.03
C THR A 316 -11.53 -47.32 -32.37
N HIS A 317 -12.41 -47.31 -31.34
CA HIS A 317 -13.80 -46.89 -31.44
C HIS A 317 -13.92 -45.38 -31.61
N GLU A 318 -13.00 -44.62 -30.99
CA GLU A 318 -12.94 -43.17 -31.09
C GLU A 318 -12.49 -42.81 -32.50
N GLU A 319 -11.38 -43.43 -32.97
CA GLU A 319 -10.81 -43.24 -34.31
C GLU A 319 -11.78 -43.66 -35.41
N GLY A 320 -12.57 -44.70 -35.13
CA GLY A 320 -13.61 -45.20 -36.02
C GLY A 320 -14.68 -44.15 -36.26
N PHE A 321 -15.10 -43.48 -35.18
CA PHE A 321 -16.08 -42.40 -35.18
C PHE A 321 -15.49 -41.15 -35.84
N ARG A 322 -14.23 -40.78 -35.45
CA ARG A 322 -13.48 -39.62 -35.94
C ARG A 322 -13.38 -39.59 -37.46
N SER A 323 -12.90 -40.70 -38.06
CA SER A 323 -12.70 -40.87 -39.49
C SER A 323 -14.03 -40.84 -40.25
N ALA A 324 -15.07 -41.47 -39.69
CA ALA A 324 -16.41 -41.52 -40.28
C ALA A 324 -17.11 -40.17 -40.21
N LEU A 325 -16.87 -39.39 -39.14
CA LEU A 325 -17.46 -38.06 -38.95
C LEU A 325 -16.94 -37.10 -40.03
N THR A 326 -15.61 -37.05 -40.22
CA THR A 326 -14.91 -36.19 -41.19
C THR A 326 -15.34 -36.50 -42.63
N SER A 327 -15.41 -37.80 -43.00
CA SER A 327 -15.79 -38.27 -44.32
C SER A 327 -17.24 -37.93 -44.70
N VAL A 328 -18.16 -37.90 -43.71
CA VAL A 328 -19.58 -37.59 -43.92
C VAL A 328 -19.79 -36.09 -44.18
N VAL A 329 -19.20 -35.22 -43.33
CA VAL A 329 -19.30 -33.75 -43.45
C VAL A 329 -18.58 -33.22 -44.71
N ASN A 330 -17.49 -33.88 -45.14
CA ASN A 330 -16.72 -33.50 -46.33
C ASN A 330 -17.42 -33.97 -47.63
N LYS A 331 -18.30 -35.00 -47.52
CA LYS A 331 -19.15 -35.49 -48.61
C LYS A 331 -20.25 -34.43 -48.80
N TYR A 332 -20.65 -33.80 -47.69
CA TYR A 332 -21.62 -32.72 -47.59
C TYR A 332 -20.89 -31.38 -47.88
N ALA A 333 -20.33 -31.27 -49.11
CA ALA A 333 -19.60 -30.10 -49.62
C ALA A 333 -20.50 -29.30 -50.56
N LYS A 334 -21.48 -29.99 -51.17
CA LYS A 334 -22.48 -29.46 -52.11
C LYS A 334 -23.43 -28.49 -51.40
N PRO A 344 -9.86 -28.04 -50.38
CA PRO A 344 -9.45 -27.48 -49.08
C PRO A 344 -10.18 -28.17 -47.91
N ASN A 345 -10.09 -29.52 -47.88
CA ASN A 345 -10.71 -30.45 -46.92
C ASN A 345 -10.72 -29.99 -45.47
N LEU A 346 -11.84 -30.22 -44.76
CA LEU A 346 -12.02 -29.85 -43.36
C LEU A 346 -11.42 -30.93 -42.47
N THR A 347 -10.50 -30.51 -41.55
CA THR A 347 -9.84 -31.41 -40.60
C THR A 347 -10.82 -31.75 -39.48
N GLY A 348 -10.61 -32.91 -38.85
CA GLY A 348 -11.41 -33.40 -37.74
C GLY A 348 -11.62 -32.38 -36.63
N ASP A 349 -10.56 -31.62 -36.31
CA ASP A 349 -10.53 -30.56 -35.29
C ASP A 349 -11.58 -29.47 -35.53
N ASP A 350 -11.83 -29.12 -36.80
CA ASP A 350 -12.81 -28.10 -37.21
C ASP A 350 -14.24 -28.56 -36.91
N ILE A 351 -14.56 -29.82 -37.28
CA ILE A 351 -15.86 -30.45 -37.09
C ILE A 351 -16.12 -30.78 -35.62
N ARG A 352 -15.08 -31.28 -34.90
CA ARG A 352 -15.17 -31.66 -33.48
C ARG A 352 -15.29 -30.46 -32.52
N GLU A 353 -14.99 -29.22 -33.00
CA GLU A 353 -15.09 -27.99 -32.21
C GLU A 353 -16.56 -27.63 -31.97
N GLY A 354 -16.91 -27.43 -30.70
CA GLY A 354 -18.26 -27.10 -30.28
C GLY A 354 -19.19 -28.29 -30.24
N LEU A 355 -18.65 -29.51 -30.36
CA LEU A 355 -19.41 -30.76 -30.36
C LEU A 355 -19.43 -31.42 -28.98
N ALA A 356 -20.63 -31.85 -28.55
CA ALA A 356 -20.85 -32.58 -27.31
C ALA A 356 -21.27 -33.97 -27.76
N ALA A 357 -20.37 -34.95 -27.66
CA ALA A 357 -20.63 -36.32 -28.11
C ALA A 357 -20.26 -37.40 -27.11
N VAL A 358 -21.08 -38.48 -27.08
CA VAL A 358 -20.83 -39.65 -26.23
C VAL A 358 -20.80 -40.89 -27.14
N ILE A 359 -19.70 -41.65 -27.07
CA ILE A 359 -19.53 -42.88 -27.85
C ILE A 359 -19.40 -44.02 -26.84
N SER A 360 -20.43 -44.89 -26.75
CA SER A 360 -20.42 -46.01 -25.82
C SER A 360 -20.40 -47.35 -26.56
N VAL A 361 -19.33 -48.13 -26.35
CA VAL A 361 -19.18 -49.45 -26.98
C VAL A 361 -19.23 -50.56 -25.94
N LYS A 362 -19.71 -51.75 -26.37
CA LYS A 362 -19.82 -52.96 -25.56
C LYS A 362 -19.05 -54.04 -26.31
N VAL A 363 -17.87 -54.44 -25.81
CA VAL A 363 -16.97 -55.43 -26.43
C VAL A 363 -16.86 -56.69 -25.57
N SER A 364 -17.08 -57.87 -26.17
CA SER A 364 -17.01 -59.18 -25.50
C SER A 364 -15.60 -59.52 -24.99
N GLU A 365 -14.55 -59.20 -25.79
CA GLU A 365 -13.15 -59.41 -25.43
C GLU A 365 -12.34 -58.10 -25.65
N PRO A 366 -12.19 -57.26 -24.61
CA PRO A 366 -11.48 -55.98 -24.80
C PRO A 366 -9.95 -56.04 -24.65
N GLN A 367 -9.24 -55.30 -25.52
CA GLN A 367 -7.78 -55.17 -25.54
C GLN A 367 -7.42 -53.70 -25.33
N PHE A 368 -6.41 -53.42 -24.48
CA PHE A 368 -6.01 -52.06 -24.16
C PHE A 368 -4.52 -51.75 -24.37
N GLU A 369 -4.22 -50.45 -24.63
CA GLU A 369 -2.90 -49.89 -24.89
C GLU A 369 -2.68 -48.60 -24.07
N GLY A 370 -1.48 -48.04 -24.13
CA GLY A 370 -1.11 -46.80 -23.44
C GLY A 370 -0.66 -46.97 -22.00
N GLN A 371 -0.19 -45.86 -21.36
CA GLN A 371 0.28 -45.81 -19.97
C GLN A 371 -0.78 -46.32 -18.98
N THR A 372 -2.05 -45.95 -19.22
CA THR A 372 -3.23 -46.37 -18.46
C THR A 372 -4.02 -47.32 -19.37
N LYS A 373 -4.76 -48.27 -18.78
CA LYS A 373 -5.55 -49.25 -19.53
C LYS A 373 -6.85 -48.63 -20.08
N THR A 374 -6.74 -47.49 -20.81
CA THR A 374 -7.90 -46.77 -21.36
C THR A 374 -7.91 -46.70 -22.90
N LYS A 375 -6.75 -46.68 -23.60
CA LYS A 375 -6.76 -46.64 -25.07
C LYS A 375 -7.20 -48.02 -25.61
N LEU A 376 -8.39 -48.09 -26.25
CA LEU A 376 -8.92 -49.34 -26.80
C LEU A 376 -8.17 -49.79 -28.06
N GLY A 377 -7.53 -50.96 -27.99
CA GLY A 377 -6.74 -51.53 -29.07
C GLY A 377 -7.33 -52.75 -29.75
N ASN A 378 -8.63 -52.69 -30.10
CA ASN A 378 -9.36 -53.76 -30.78
C ASN A 378 -9.59 -53.38 -32.24
N THR A 379 -8.62 -53.70 -33.11
CA THR A 379 -8.58 -53.41 -34.55
C THR A 379 -9.92 -53.59 -35.31
N GLU A 380 -10.73 -54.60 -34.94
CA GLU A 380 -12.03 -54.89 -35.57
C GLU A 380 -13.12 -53.84 -35.26
N VAL A 381 -12.97 -53.12 -34.14
CA VAL A 381 -13.93 -52.10 -33.68
C VAL A 381 -13.80 -50.81 -34.52
N LYS A 382 -12.59 -50.51 -35.06
CA LYS A 382 -12.35 -49.32 -35.90
C LYS A 382 -13.26 -49.36 -37.12
N SER A 383 -13.19 -50.47 -37.88
CA SER A 383 -13.99 -50.73 -39.08
C SER A 383 -15.49 -50.83 -38.74
N PHE A 384 -15.81 -51.39 -37.55
CA PHE A 384 -17.19 -51.55 -37.07
C PHE A 384 -17.85 -50.19 -36.78
N VAL A 385 -17.20 -49.34 -35.92
CA VAL A 385 -17.69 -48.01 -35.56
C VAL A 385 -17.80 -47.13 -36.81
N GLN A 386 -16.77 -47.16 -37.68
CA GLN A 386 -16.74 -46.40 -38.94
C GLN A 386 -17.91 -46.79 -39.86
N LYS A 387 -18.33 -48.07 -39.86
CA LYS A 387 -19.46 -48.56 -40.67
C LYS A 387 -20.78 -47.97 -40.15
N VAL A 388 -21.08 -48.18 -38.84
CA VAL A 388 -22.29 -47.72 -38.15
C VAL A 388 -22.46 -46.20 -38.29
N CYS A 389 -21.34 -45.46 -38.13
CA CYS A 389 -21.31 -44.00 -38.25
C CYS A 389 -21.56 -43.52 -39.68
N ASN A 390 -20.82 -44.07 -40.68
CA ASN A 390 -20.96 -43.69 -42.10
C ASN A 390 -22.39 -43.80 -42.62
N GLU A 391 -23.11 -44.87 -42.20
CA GLU A 391 -24.49 -45.13 -42.60
C GLU A 391 -25.52 -44.24 -41.90
N GLN A 392 -25.34 -44.02 -40.57
CA GLN A 392 -26.28 -43.25 -39.74
C GLN A 392 -26.07 -41.73 -39.74
N LEU A 393 -24.81 -41.26 -39.88
CA LEU A 393 -24.49 -39.84 -39.91
C LEU A 393 -25.02 -39.19 -41.18
N THR A 394 -24.82 -39.86 -42.34
CA THR A 394 -25.32 -39.40 -43.64
C THR A 394 -26.85 -39.28 -43.60
N HIS A 395 -27.52 -40.29 -42.99
CA HIS A 395 -28.98 -40.35 -42.84
C HIS A 395 -29.54 -39.16 -42.06
N TRP A 396 -28.87 -38.76 -40.96
CA TRP A 396 -29.27 -37.63 -40.12
C TRP A 396 -29.07 -36.30 -40.87
N PHE A 397 -27.91 -36.14 -41.54
CA PHE A 397 -27.55 -34.94 -42.31
C PHE A 397 -28.49 -34.68 -43.49
N GLU A 398 -29.05 -35.74 -44.09
CA GLU A 398 -30.01 -35.63 -45.18
C GLU A 398 -31.39 -35.31 -44.61
N ALA A 399 -31.83 -36.06 -43.57
CA ALA A 399 -33.13 -35.89 -42.89
C ALA A 399 -33.29 -34.54 -42.18
N ASN A 400 -32.16 -33.94 -41.74
CA ASN A 400 -32.16 -32.63 -41.09
C ASN A 400 -31.23 -31.69 -41.87
N PRO A 401 -31.69 -31.12 -43.02
CA PRO A 401 -30.79 -30.25 -43.81
C PRO A 401 -30.62 -28.84 -43.25
N THR A 402 -31.64 -28.31 -42.53
CA THR A 402 -31.60 -26.98 -41.92
C THR A 402 -30.65 -26.97 -40.73
N ASP A 403 -30.68 -28.05 -39.93
CA ASP A 403 -29.80 -28.25 -38.76
C ASP A 403 -28.36 -28.45 -39.25
N ALA A 404 -28.19 -29.18 -40.38
CA ALA A 404 -26.91 -29.46 -41.03
C ALA A 404 -26.21 -28.20 -41.54
N LYS A 405 -27.00 -27.20 -42.03
CA LYS A 405 -26.50 -25.93 -42.55
C LYS A 405 -25.74 -25.13 -41.48
N VAL A 406 -26.24 -25.16 -40.22
CA VAL A 406 -25.64 -24.45 -39.10
C VAL A 406 -24.34 -25.11 -38.63
N VAL A 407 -24.30 -26.46 -38.60
CA VAL A 407 -23.12 -27.22 -38.12
C VAL A 407 -21.99 -27.17 -39.16
N VAL A 408 -22.31 -27.10 -40.46
CA VAL A 408 -21.31 -27.00 -41.53
C VAL A 408 -20.69 -25.58 -41.47
N ASN A 409 -21.49 -24.55 -41.16
CA ASN A 409 -21.04 -23.15 -41.04
C ASN A 409 -20.17 -22.89 -39.81
N LYS A 410 -20.28 -23.72 -38.76
CA LYS A 410 -19.46 -23.59 -37.54
C LYS A 410 -18.09 -24.21 -37.77
N ALA A 411 -18.02 -25.24 -38.65
CA ALA A 411 -16.78 -25.93 -39.02
C ALA A 411 -16.02 -25.11 -40.05
N VAL A 412 -16.75 -24.47 -41.00
CA VAL A 412 -16.23 -23.59 -42.05
C VAL A 412 -15.57 -22.36 -41.39
N SER A 413 -16.22 -21.81 -40.35
CA SER A 413 -15.72 -20.67 -39.59
C SER A 413 -14.43 -21.05 -38.82
N SER A 414 -14.38 -22.30 -38.30
CA SER A 414 -13.24 -22.85 -37.56
C SER A 414 -12.07 -23.14 -38.51
N ALA A 415 -12.37 -23.67 -39.72
CA ALA A 415 -11.38 -24.00 -40.76
C ALA A 415 -10.64 -22.73 -41.22
N GLN A 416 -11.39 -21.63 -41.45
CA GLN A 416 -10.82 -20.34 -41.85
C GLN A 416 -10.00 -19.74 -40.72
N ALA A 417 -10.46 -19.91 -39.47
CA ALA A 417 -9.81 -19.41 -38.25
C ALA A 417 -8.43 -20.02 -38.03
N ARG A 418 -8.28 -21.35 -38.23
CA ARG A 418 -7.01 -22.05 -38.04
C ARG A 418 -6.04 -21.83 -39.21
N ILE A 419 -6.57 -21.65 -40.44
CA ILE A 419 -5.78 -21.39 -41.65
C ILE A 419 -5.16 -19.98 -41.54
N ALA A 420 -5.95 -19.02 -41.01
CA ALA A 420 -5.52 -17.64 -40.78
C ALA A 420 -4.48 -17.62 -39.68
N ALA A 421 -4.66 -18.51 -38.67
CA ALA A 421 -3.76 -18.68 -37.52
C ALA A 421 -2.42 -19.27 -37.96
N ARG A 422 -2.43 -20.33 -38.81
CA ARG A 422 -1.24 -20.98 -39.38
C ARG A 422 -0.38 -19.98 -40.15
N LYS A 423 -1.04 -19.11 -40.96
CA LYS A 423 -0.41 -18.06 -41.77
C LYS A 423 0.23 -16.99 -40.88
N ALA A 424 -0.45 -16.63 -39.77
CA ALA A 424 0.03 -15.65 -38.79
C ALA A 424 1.22 -16.25 -38.02
N ARG A 425 1.12 -17.55 -37.66
CA ARG A 425 2.13 -18.34 -36.94
C ARG A 425 3.39 -18.50 -37.79
N GLU A 426 3.22 -18.82 -39.09
CA GLU A 426 4.33 -18.98 -40.03
C GLU A 426 5.02 -17.64 -40.30
N LEU A 427 4.26 -16.53 -40.26
CA LEU A 427 4.80 -15.18 -40.43
C LEU A 427 5.69 -14.86 -39.23
N VAL A 428 5.25 -15.28 -38.02
CA VAL A 428 5.96 -15.13 -36.75
C VAL A 428 7.32 -15.87 -36.83
N ARG A 429 7.31 -17.11 -37.37
CA ARG A 429 8.49 -17.96 -37.56
C ARG A 429 9.54 -17.25 -38.44
N ARG A 430 9.09 -16.55 -39.50
CA ARG A 430 9.93 -15.81 -40.43
C ARG A 430 10.43 -14.50 -39.82
N LYS A 431 9.66 -13.91 -38.88
CA LYS A 431 10.04 -12.70 -38.14
C LYS A 431 11.15 -13.07 -37.15
N SER A 432 11.08 -14.31 -36.57
CA SER A 432 12.07 -14.85 -35.64
C SER A 432 13.36 -15.33 -36.37
N ALA A 433 13.94 -14.41 -37.17
CA ALA A 433 15.17 -14.60 -37.92
C ALA A 433 16.31 -14.27 -36.95
N THR A 434 17.14 -15.28 -36.66
CA THR A 434 18.29 -15.26 -35.72
C THR A 434 17.83 -14.95 -34.27
N ASP A 435 16.58 -15.33 -33.92
CA ASP A 435 16.04 -15.12 -32.57
C ASP A 435 16.65 -16.14 -31.61
N ILE A 436 17.33 -15.62 -30.58
CA ILE A 436 18.11 -16.37 -29.62
C ILE A 436 17.35 -16.71 -28.34
N GLY A 437 17.58 -17.93 -27.85
CA GLY A 437 16.96 -18.47 -26.66
C GLY A 437 15.47 -18.73 -26.76
N GLY A 438 14.89 -19.12 -25.63
CA GLY A 438 13.47 -19.41 -25.49
C GLY A 438 12.74 -18.23 -24.90
N LEU A 439 13.02 -17.93 -23.61
CA LEU A 439 12.42 -16.82 -22.87
C LEU A 439 13.50 -16.05 -22.10
N PRO A 440 14.39 -15.29 -22.79
CA PRO A 440 15.46 -14.57 -22.08
C PRO A 440 14.94 -13.53 -21.10
N GLY A 441 15.47 -13.58 -19.89
CA GLY A 441 15.08 -12.68 -18.82
C GLY A 441 13.85 -13.14 -18.05
N LYS A 442 13.24 -14.25 -18.53
CA LYS A 442 12.03 -14.85 -17.96
C LYS A 442 12.32 -16.27 -17.42
N LEU A 443 12.63 -17.22 -18.31
CA LEU A 443 12.91 -18.61 -17.97
C LEU A 443 14.36 -18.79 -17.51
N ALA A 444 14.54 -19.51 -16.40
CA ALA A 444 15.86 -19.88 -15.89
C ALA A 444 16.04 -21.30 -16.41
N ASP A 445 16.99 -21.48 -17.32
CA ASP A 445 17.23 -22.74 -17.99
C ASP A 445 18.09 -23.70 -17.17
N CYS A 446 18.02 -25.00 -17.52
CA CYS A 446 18.87 -26.03 -16.92
C CYS A 446 19.92 -26.43 -17.96
N ARG A 447 21.10 -26.93 -17.51
CA ARG A 447 22.22 -27.32 -18.39
C ARG A 447 21.88 -28.51 -19.27
N SER A 448 21.19 -29.51 -18.70
CA SER A 448 20.76 -30.73 -19.38
C SER A 448 19.86 -30.42 -20.56
N THR A 449 20.11 -31.11 -21.67
CA THR A 449 19.35 -30.98 -22.91
C THR A 449 18.43 -32.21 -23.11
N ASP A 450 18.52 -33.20 -22.18
CA ASP A 450 17.72 -34.42 -22.19
C ASP A 450 16.37 -34.19 -21.50
N PRO A 451 15.23 -34.30 -22.25
CA PRO A 451 13.91 -34.08 -21.62
C PRO A 451 13.61 -35.03 -20.47
N ARG A 452 14.07 -36.30 -20.58
CA ARG A 452 13.90 -37.35 -19.57
C ARG A 452 14.50 -36.92 -18.22
N LYS A 453 15.69 -36.30 -18.24
CA LYS A 453 16.42 -35.83 -17.07
C LYS A 453 15.99 -34.42 -16.60
N SER A 454 15.47 -33.58 -17.52
CA SER A 454 15.05 -32.20 -17.25
C SER A 454 13.71 -32.08 -16.52
N GLU A 455 13.61 -31.05 -15.65
CA GLU A 455 12.44 -30.73 -14.83
C GLU A 455 12.11 -29.24 -14.93
N LEU A 456 10.83 -28.88 -15.10
CA LEU A 456 10.40 -27.49 -15.15
C LEU A 456 9.53 -27.19 -13.95
N TYR A 457 9.96 -26.23 -13.12
CA TYR A 457 9.21 -25.80 -11.97
C TYR A 457 8.46 -24.54 -12.33
N VAL A 458 7.12 -24.65 -12.41
CA VAL A 458 6.22 -23.54 -12.71
C VAL A 458 5.80 -22.95 -11.37
N VAL A 459 6.27 -21.73 -11.10
CA VAL A 459 6.06 -21.04 -9.84
C VAL A 459 5.50 -19.63 -10.09
N GLU A 460 4.94 -19.01 -9.07
CA GLU A 460 4.48 -17.63 -9.12
C GLU A 460 5.72 -16.77 -8.74
N GLY A 461 6.14 -15.86 -9.63
CA GLY A 461 7.30 -15.00 -9.43
C GLY A 461 7.39 -14.36 -8.06
N ASP A 462 6.25 -13.81 -7.58
CA ASP A 462 6.05 -13.15 -6.29
C ASP A 462 6.20 -14.12 -5.12
N SER A 463 6.01 -15.43 -5.36
CA SER A 463 6.07 -16.48 -4.37
C SER A 463 7.49 -17.07 -4.21
N ALA A 464 8.02 -17.78 -5.24
CA ALA A 464 9.34 -18.39 -5.18
C ALA A 464 10.14 -18.29 -6.48
N GLY A 465 10.08 -17.14 -7.15
CA GLY A 465 10.86 -16.91 -8.36
C GLY A 465 12.34 -16.91 -8.05
N GLY A 466 12.74 -16.06 -7.11
CA GLY A 466 14.12 -15.92 -6.67
C GLY A 466 14.67 -17.15 -5.97
N SER A 467 13.94 -17.63 -4.97
CA SER A 467 14.32 -18.79 -4.16
C SER A 467 14.39 -20.10 -4.94
N ALA A 468 13.47 -20.34 -5.91
CA ALA A 468 13.53 -21.55 -6.75
C ALA A 468 14.73 -21.49 -7.68
N LYS A 469 15.03 -20.30 -8.25
CA LYS A 469 16.19 -20.12 -9.14
C LYS A 469 17.53 -20.28 -8.39
N SER A 470 17.57 -19.94 -7.07
CA SER A 470 18.77 -20.04 -6.23
C SER A 470 18.93 -21.42 -5.61
N GLY A 471 17.85 -21.98 -5.08
CA GLY A 471 17.85 -23.28 -4.41
C GLY A 471 18.12 -24.48 -5.30
N ARG A 472 17.57 -24.47 -6.52
CA ARG A 472 17.64 -25.53 -7.53
C ARG A 472 19.02 -26.08 -7.85
N ASP A 473 19.00 -27.23 -8.52
CA ASP A 473 20.16 -27.88 -9.09
C ASP A 473 20.00 -27.49 -10.56
N SER A 474 20.69 -26.41 -10.98
CA SER A 474 20.63 -25.86 -12.33
C SER A 474 21.10 -26.81 -13.45
N MET A 475 21.62 -28.00 -13.09
CA MET A 475 22.07 -28.99 -14.05
C MET A 475 20.86 -29.62 -14.72
N PHE A 476 19.80 -29.91 -13.95
CA PHE A 476 18.61 -30.56 -14.51
C PHE A 476 17.28 -29.89 -14.10
N GLN A 477 17.33 -28.76 -13.38
CA GLN A 477 16.09 -28.07 -12.97
C GLN A 477 15.98 -26.68 -13.57
N ALA A 478 14.85 -26.41 -14.24
CA ALA A 478 14.53 -25.13 -14.89
C ALA A 478 13.37 -24.43 -14.17
N ILE A 479 13.40 -23.08 -14.14
CA ILE A 479 12.37 -22.31 -13.44
C ILE A 479 11.63 -21.36 -14.39
N LEU A 480 10.28 -21.45 -14.39
CA LEU A 480 9.42 -20.55 -15.14
C LEU A 480 8.58 -19.76 -14.15
N PRO A 481 9.07 -18.56 -13.78
CA PRO A 481 8.29 -17.73 -12.85
C PRO A 481 7.16 -17.02 -13.58
N LEU A 482 5.95 -17.13 -13.06
CA LEU A 482 4.78 -16.49 -13.65
C LEU A 482 4.68 -15.08 -13.09
N ARG A 483 4.97 -14.11 -13.97
CA ARG A 483 5.03 -12.68 -13.67
C ARG A 483 3.73 -11.93 -13.99
N GLY A 484 2.70 -12.65 -14.43
CA GLY A 484 1.40 -12.08 -14.75
C GLY A 484 0.24 -12.91 -14.21
N LYS A 485 -0.96 -12.72 -14.80
CA LYS A 485 -2.18 -13.43 -14.40
C LYS A 485 -2.58 -14.46 -15.44
N ILE A 486 -2.84 -15.70 -15.01
CA ILE A 486 -3.31 -16.77 -15.89
C ILE A 486 -4.81 -16.54 -16.02
N ILE A 487 -5.32 -16.53 -17.26
CA ILE A 487 -6.74 -16.33 -17.55
C ILE A 487 -7.53 -17.64 -17.39
N ASN A 488 -8.84 -17.56 -17.14
CA ASN A 488 -9.66 -18.76 -17.04
C ASN A 488 -10.03 -19.16 -18.47
N VAL A 489 -9.45 -20.26 -18.93
CA VAL A 489 -9.59 -20.76 -20.29
C VAL A 489 -10.79 -21.71 -20.49
N GLU A 490 -11.60 -21.96 -19.44
CA GLU A 490 -12.75 -22.86 -19.49
C GLU A 490 -13.70 -22.60 -20.67
N LYS A 491 -14.26 -21.38 -20.74
CA LYS A 491 -15.18 -21.02 -21.83
C LYS A 491 -14.55 -19.96 -22.77
N ALA A 492 -13.21 -19.94 -22.86
CA ALA A 492 -12.42 -19.03 -23.71
C ALA A 492 -12.02 -19.76 -24.99
N ARG A 493 -12.03 -19.04 -26.13
CA ARG A 493 -11.62 -19.67 -27.39
C ARG A 493 -10.13 -19.42 -27.65
N ILE A 494 -9.47 -20.40 -28.31
CA ILE A 494 -8.04 -20.53 -28.62
C ILE A 494 -7.27 -19.19 -28.81
N ASP A 495 -7.82 -18.22 -29.58
CA ASP A 495 -7.14 -16.92 -29.82
C ASP A 495 -7.02 -16.07 -28.56
N ARG A 496 -8.06 -16.06 -27.71
CA ARG A 496 -8.11 -15.33 -26.44
C ARG A 496 -7.08 -15.93 -25.47
N VAL A 497 -6.97 -17.27 -25.47
CA VAL A 497 -6.05 -18.08 -24.65
C VAL A 497 -4.60 -17.73 -25.00
N LEU A 498 -4.32 -17.54 -26.30
CA LEU A 498 -2.99 -17.21 -26.83
C LEU A 498 -2.59 -15.74 -26.70
N LYS A 499 -3.56 -14.86 -26.36
CA LYS A 499 -3.32 -13.44 -26.12
C LYS A 499 -2.76 -13.22 -24.71
N ASN A 500 -2.82 -14.27 -23.85
CA ASN A 500 -2.32 -14.27 -22.47
C ASN A 500 -0.81 -14.59 -22.49
N THR A 501 0.01 -13.66 -21.97
CA THR A 501 1.47 -13.78 -21.97
C THR A 501 2.00 -14.95 -21.16
N GLU A 502 1.32 -15.29 -20.06
CA GLU A 502 1.75 -16.38 -19.18
C GLU A 502 1.49 -17.77 -19.79
N VAL A 503 0.35 -17.92 -20.47
CA VAL A 503 -0.06 -19.14 -21.17
C VAL A 503 0.96 -19.35 -22.30
N GLN A 504 1.29 -18.27 -23.03
CA GLN A 504 2.28 -18.28 -24.10
C GLN A 504 3.69 -18.64 -23.61
N ALA A 505 4.06 -18.22 -22.38
CA ALA A 505 5.37 -18.54 -21.79
C ALA A 505 5.44 -20.03 -21.47
N ILE A 506 4.32 -20.59 -20.95
CA ILE A 506 4.18 -22.02 -20.63
C ILE A 506 4.40 -22.87 -21.89
N ILE A 507 3.73 -22.52 -23.02
CA ILE A 507 3.84 -23.21 -24.31
C ILE A 507 5.27 -23.11 -24.83
N THR A 508 5.86 -21.89 -24.85
CA THR A 508 7.25 -21.67 -25.30
C THR A 508 8.22 -22.55 -24.48
N ALA A 509 8.04 -22.64 -23.15
CA ALA A 509 8.86 -23.46 -22.26
C ALA A 509 8.73 -24.96 -22.53
N LEU A 510 7.48 -25.46 -22.69
CA LEU A 510 7.20 -26.88 -22.96
C LEU A 510 7.59 -27.31 -24.37
N GLY A 511 7.42 -26.38 -25.33
CA GLY A 511 7.74 -26.54 -26.75
C GLY A 511 6.90 -27.56 -27.48
N THR A 512 5.71 -27.82 -26.97
CA THR A 512 4.75 -28.82 -27.48
C THR A 512 3.74 -28.26 -28.49
N GLY A 513 3.35 -27.00 -28.31
CA GLY A 513 2.30 -26.36 -29.09
C GLY A 513 0.99 -26.54 -28.35
N ILE A 514 -0.14 -26.20 -28.98
CA ILE A 514 -1.48 -26.34 -28.37
C ILE A 514 -2.53 -26.66 -29.43
N HIS A 515 -3.26 -27.78 -29.24
CA HIS A 515 -4.33 -28.33 -30.10
C HIS A 515 -3.93 -28.48 -31.58
N ASP A 516 -3.96 -27.36 -32.34
CA ASP A 516 -3.62 -27.26 -33.75
C ASP A 516 -2.17 -27.68 -34.05
N GLU A 517 -1.24 -27.38 -33.13
CA GLU A 517 0.18 -27.71 -33.27
C GLU A 517 0.74 -28.54 -32.09
N PHE A 518 -0.14 -29.14 -31.24
CA PHE A 518 0.31 -29.95 -30.10
C PHE A 518 1.01 -31.24 -30.52
N ASP A 519 2.18 -31.49 -29.91
CA ASP A 519 3.01 -32.67 -30.17
C ASP A 519 3.73 -33.02 -28.88
N ILE A 520 3.36 -34.15 -28.27
CA ILE A 520 3.93 -34.68 -27.03
C ILE A 520 5.41 -35.07 -27.22
N GLY A 521 5.79 -35.38 -28.46
CA GLY A 521 7.15 -35.75 -28.83
C GLY A 521 8.11 -34.58 -28.80
N LYS A 522 7.59 -33.34 -28.84
CA LYS A 522 8.36 -32.10 -28.81
C LYS A 522 8.60 -31.58 -27.37
N LEU A 523 8.05 -32.29 -26.36
CA LEU A 523 8.15 -31.96 -24.93
C LEU A 523 9.60 -31.87 -24.42
N ARG A 524 9.95 -30.71 -23.83
CA ARG A 524 11.28 -30.35 -23.34
C ARG A 524 11.55 -30.81 -21.89
N TYR A 525 10.50 -31.02 -21.08
CA TYR A 525 10.64 -31.44 -19.69
C TYR A 525 9.71 -32.61 -19.38
N HIS A 526 10.27 -33.77 -18.98
CA HIS A 526 9.47 -34.96 -18.65
C HIS A 526 8.79 -34.86 -17.27
N LYS A 527 9.12 -33.81 -16.50
CA LYS A 527 8.54 -33.50 -15.19
C LYS A 527 8.23 -32.00 -15.14
N ILE A 528 6.92 -31.65 -15.14
CA ILE A 528 6.41 -30.29 -15.02
C ILE A 528 5.85 -30.21 -13.61
N VAL A 529 6.58 -29.54 -12.72
CA VAL A 529 6.21 -29.40 -11.31
C VAL A 529 5.56 -28.04 -11.05
N LEU A 530 4.28 -28.06 -10.71
CA LEU A 530 3.56 -26.83 -10.38
C LEU A 530 3.78 -26.54 -8.90
N MET A 531 4.58 -25.50 -8.63
CA MET A 531 4.94 -25.09 -7.28
C MET A 531 4.14 -23.85 -6.88
N ALA A 532 2.93 -24.06 -6.33
CA ALA A 532 2.01 -23.01 -5.89
C ALA A 532 1.90 -22.96 -4.35
N ASP A 533 1.43 -21.81 -3.81
CA ASP A 533 1.27 -21.58 -2.37
C ASP A 533 0.01 -22.23 -1.81
N ALA A 534 0.01 -22.48 -0.48
CA ALA A 534 -1.12 -23.04 0.24
C ALA A 534 -1.98 -21.91 0.83
N ASP A 535 -2.21 -20.85 0.04
CA ASP A 535 -3.02 -19.68 0.39
C ASP A 535 -4.07 -19.39 -0.72
N VAL A 536 -5.02 -18.46 -0.45
CA VAL A 536 -6.13 -18.11 -1.36
C VAL A 536 -5.64 -17.84 -2.80
N ASP A 537 -4.54 -17.08 -2.94
CA ASP A 537 -3.93 -16.72 -4.22
C ASP A 537 -3.25 -17.91 -4.89
N GLY A 538 -2.56 -18.73 -4.10
CA GLY A 538 -1.87 -19.92 -4.57
C GLY A 538 -2.83 -20.99 -5.03
N GLN A 539 -3.88 -21.24 -4.23
CA GLN A 539 -4.94 -22.21 -4.54
C GLN A 539 -5.67 -21.80 -5.81
N HIS A 540 -5.85 -20.48 -6.03
CA HIS A 540 -6.46 -19.94 -7.23
C HIS A 540 -5.60 -20.22 -8.48
N ILE A 541 -4.27 -20.00 -8.40
CA ILE A 541 -3.33 -20.27 -9.52
C ILE A 541 -3.39 -21.76 -9.89
N SER A 542 -3.51 -22.64 -8.88
CA SER A 542 -3.61 -24.09 -9.06
C SER A 542 -4.87 -24.43 -9.87
N THR A 543 -6.02 -23.78 -9.56
CA THR A 543 -7.27 -24.00 -10.32
C THR A 543 -7.08 -23.55 -11.77
N LEU A 544 -6.42 -22.41 -11.97
CA LEU A 544 -6.16 -21.81 -13.29
C LEU A 544 -5.20 -22.62 -14.14
N LEU A 545 -4.16 -23.20 -13.51
CA LEU A 545 -3.14 -24.00 -14.20
C LEU A 545 -3.73 -25.33 -14.67
N LEU A 546 -4.41 -26.05 -13.76
CA LEU A 546 -5.06 -27.34 -14.03
C LEU A 546 -6.10 -27.25 -15.13
N THR A 547 -6.89 -26.14 -15.16
CA THR A 547 -7.90 -25.85 -16.18
C THR A 547 -7.21 -25.73 -17.54
N LEU A 548 -6.05 -25.02 -17.61
CA LEU A 548 -5.28 -24.85 -18.85
C LEU A 548 -4.72 -26.19 -19.31
N LEU A 549 -4.09 -26.95 -18.40
CA LEU A 549 -3.51 -28.25 -18.71
C LEU A 549 -4.56 -29.27 -19.16
N PHE A 550 -5.69 -29.40 -18.44
CA PHE A 550 -6.77 -30.33 -18.79
C PHE A 550 -7.50 -29.97 -20.10
N ARG A 551 -7.76 -28.69 -20.34
CA ARG A 551 -8.49 -28.25 -21.52
C ARG A 551 -7.65 -27.99 -22.76
N PHE A 552 -6.33 -27.76 -22.62
CA PHE A 552 -5.49 -27.44 -23.78
C PHE A 552 -4.24 -28.31 -23.93
N MET A 553 -3.81 -29.04 -22.88
CA MET A 553 -2.61 -29.87 -22.90
C MET A 553 -2.80 -31.21 -22.18
N ARG A 554 -4.00 -31.83 -22.34
CA ARG A 554 -4.41 -33.10 -21.70
C ARG A 554 -3.39 -34.26 -21.78
N PRO A 555 -2.70 -34.57 -22.92
CA PRO A 555 -1.78 -35.72 -22.91
C PRO A 555 -0.60 -35.63 -21.93
N LEU A 556 -0.27 -34.40 -21.48
CA LEU A 556 0.80 -34.17 -20.49
C LEU A 556 0.41 -34.77 -19.14
N ILE A 557 -0.89 -34.68 -18.79
CA ILE A 557 -1.45 -35.26 -17.58
C ILE A 557 -1.50 -36.79 -17.76
N GLU A 558 -2.12 -37.24 -18.88
CA GLU A 558 -2.31 -38.65 -19.27
C GLU A 558 -1.03 -39.48 -19.28
N ASN A 559 0.09 -38.90 -19.76
CA ASN A 559 1.35 -39.62 -19.82
C ASN A 559 2.21 -39.41 -18.57
N GLY A 560 1.65 -38.73 -17.57
CA GLY A 560 2.26 -38.49 -16.27
C GLY A 560 3.44 -37.55 -16.26
N HIS A 561 3.26 -36.34 -16.81
CA HIS A 561 4.30 -35.32 -16.84
C HIS A 561 3.96 -34.19 -15.86
N VAL A 562 2.69 -34.09 -15.44
CA VAL A 562 2.24 -33.04 -14.53
C VAL A 562 2.31 -33.50 -13.08
N PHE A 563 3.01 -32.70 -12.26
CA PHE A 563 3.25 -32.95 -10.85
C PHE A 563 2.94 -31.70 -10.03
N LEU A 564 2.52 -31.91 -8.78
CA LEU A 564 2.27 -30.84 -7.80
C LEU A 564 3.35 -30.96 -6.75
N ALA A 565 3.96 -29.83 -6.39
CA ALA A 565 4.99 -29.78 -5.36
C ALA A 565 4.35 -29.95 -3.98
N GLN A 566 5.00 -30.72 -3.11
CA GLN A 566 4.53 -30.97 -1.76
C GLN A 566 5.52 -30.34 -0.76
N PRO A 567 5.40 -29.02 -0.47
CA PRO A 567 6.33 -28.41 0.48
C PRO A 567 5.97 -28.76 1.93
N PRO A 568 6.89 -28.59 2.90
CA PRO A 568 6.52 -28.91 4.29
C PRO A 568 5.34 -28.08 4.78
N LEU A 569 4.51 -28.73 5.62
CA LEU A 569 3.35 -28.13 6.26
C LEU A 569 3.80 -27.39 7.52
N TYR A 570 4.78 -27.96 8.24
CA TYR A 570 5.29 -27.38 9.49
C TYR A 570 6.79 -27.38 9.56
N LYS A 571 7.33 -26.42 10.35
CA LYS A 571 8.74 -26.30 10.72
C LYS A 571 8.79 -26.31 12.25
N LEU A 572 9.44 -27.34 12.82
CA LEU A 572 9.57 -27.49 14.28
C LEU A 572 10.82 -26.73 14.71
N LYS A 573 10.63 -25.50 15.18
CA LYS A 573 11.69 -24.60 15.61
C LYS A 573 12.22 -24.97 17.01
N TRP A 574 13.19 -25.90 17.05
CA TRP A 574 13.82 -26.34 18.30
C TRP A 574 14.74 -25.23 18.80
N GLN A 575 14.74 -25.00 20.13
CA GLN A 575 15.54 -23.96 20.78
C GLN A 575 17.05 -24.21 20.73
N ARG A 576 17.49 -25.50 20.73
CA ARG A 576 18.91 -25.84 20.68
C ARG A 576 19.34 -26.43 19.33
N SER A 577 18.66 -27.51 18.88
CA SER A 577 18.99 -28.21 17.64
C SER A 577 18.32 -27.65 16.38
N ASP A 578 18.76 -28.13 15.20
CA ASP A 578 18.29 -27.80 13.85
C ASP A 578 16.76 -27.97 13.73
N PRO A 579 16.06 -27.20 12.87
CA PRO A 579 14.61 -27.41 12.75
C PRO A 579 14.27 -28.67 11.96
N GLU A 580 13.13 -29.29 12.30
CA GLU A 580 12.63 -30.48 11.63
C GLU A 580 11.42 -30.07 10.79
N PHE A 581 11.14 -30.81 9.70
CA PHE A 581 10.02 -30.48 8.82
C PHE A 581 8.94 -31.56 8.82
N ALA A 582 7.68 -31.13 8.93
CA ALA A 582 6.52 -32.03 8.92
C ALA A 582 5.66 -31.76 7.70
N TYR A 583 5.11 -32.84 7.18
CA TYR A 583 4.29 -32.76 6.00
C TYR A 583 2.84 -33.04 6.32
N SER A 584 2.59 -33.78 7.39
CA SER A 584 1.25 -34.06 7.85
C SER A 584 1.15 -33.75 9.32
N ASP A 585 -0.02 -33.38 9.79
CA ASP A 585 -0.26 -33.09 11.20
C ASP A 585 0.21 -34.19 12.13
N ARG A 586 0.03 -35.45 11.82
CA ARG A 586 0.52 -36.49 12.68
C ARG A 586 2.01 -36.63 12.70
N GLU A 587 2.69 -36.19 11.66
CA GLU A 587 4.12 -36.26 11.65
C GLU A 587 4.53 -35.18 12.60
N ARG A 588 3.89 -34.04 12.51
CA ARG A 588 4.27 -32.93 13.39
C ARG A 588 4.27 -33.42 14.85
N ASP A 589 3.15 -34.05 15.28
CA ASP A 589 2.96 -34.61 16.63
C ASP A 589 4.03 -35.67 16.97
N GLY A 590 4.38 -36.49 15.98
CA GLY A 590 5.40 -37.52 16.10
C GLY A 590 6.77 -36.95 16.34
N LEU A 591 7.18 -35.97 15.51
CA LEU A 591 8.48 -35.28 15.60
C LEU A 591 8.58 -34.45 16.89
N LEU A 592 7.44 -33.92 17.38
CA LEU A 592 7.35 -33.13 18.61
C LEU A 592 7.51 -34.03 19.83
N GLU A 593 6.79 -35.16 19.88
CA GLU A 593 6.83 -36.13 20.97
C GLU A 593 8.21 -36.78 21.11
N ALA A 594 8.77 -37.29 19.99
CA ALA A 594 10.10 -37.93 19.92
C ALA A 594 11.23 -36.95 20.27
N GLY A 595 11.08 -35.69 19.86
CA GLY A 595 12.05 -34.63 20.12
C GLY A 595 12.12 -34.27 21.59
N LEU A 596 10.95 -34.18 22.26
CA LEU A 596 10.85 -33.88 23.69
C LEU A 596 11.39 -35.02 24.55
N LYS A 597 11.18 -36.29 24.08
CA LYS A 597 11.66 -37.52 24.73
C LYS A 597 13.20 -37.58 24.70
N ALA A 598 13.82 -36.90 23.70
CA ALA A 598 15.26 -36.77 23.53
C ALA A 598 15.82 -35.59 24.34
N GLY A 599 14.91 -34.77 24.89
CA GLY A 599 15.23 -33.63 25.73
C GLY A 599 15.33 -32.29 25.03
N LYS A 600 14.86 -32.21 23.78
CA LYS A 600 14.87 -30.97 22.97
C LYS A 600 13.84 -29.98 23.52
N LYS A 601 14.18 -28.68 23.50
CA LYS A 601 13.30 -27.61 23.97
C LYS A 601 12.61 -26.87 22.80
N ILE A 602 11.33 -26.47 22.99
CA ILE A 602 10.50 -25.79 22.00
C ILE A 602 9.43 -24.90 22.67
N ASN A 603 9.09 -23.75 22.05
CA ASN A 603 8.05 -22.83 22.56
C ASN A 603 6.66 -23.44 22.33
N LYS A 604 5.82 -23.43 23.37
CA LYS A 604 4.47 -24.01 23.36
C LYS A 604 3.48 -23.36 22.37
N GLU A 605 3.75 -22.11 21.92
CA GLU A 605 2.87 -21.39 20.99
C GLU A 605 3.47 -21.21 19.60
N ASP A 606 4.53 -20.38 19.50
CA ASP A 606 5.24 -20.02 18.26
C ASP A 606 6.40 -20.97 17.90
N GLY A 607 6.46 -22.13 18.56
CA GLY A 607 7.49 -23.14 18.30
C GLY A 607 7.29 -23.92 17.02
N ILE A 608 6.00 -24.15 16.62
CA ILE A 608 5.68 -24.86 15.39
C ILE A 608 5.05 -23.91 14.37
N GLN A 609 5.82 -23.60 13.31
CA GLN A 609 5.47 -22.69 12.24
C GLN A 609 4.62 -23.40 11.17
N ARG A 610 3.40 -22.90 10.94
CA ARG A 610 2.56 -23.48 9.89
C ARG A 610 2.82 -22.71 8.58
N TYR A 611 3.21 -23.45 7.55
CA TYR A 611 3.54 -22.88 6.25
C TYR A 611 2.31 -22.65 5.41
N LYS A 612 2.30 -21.53 4.66
CA LYS A 612 1.22 -21.15 3.74
C LYS A 612 1.81 -20.62 2.43
N GLY A 613 2.96 -19.96 2.53
CA GLY A 613 3.68 -19.40 1.40
C GLY A 613 5.03 -20.06 1.20
N LEU A 614 5.36 -20.38 -0.06
CA LEU A 614 6.64 -20.98 -0.44
C LEU A 614 7.76 -19.97 -0.18
N GLY A 615 7.43 -18.69 -0.33
CA GLY A 615 8.32 -17.55 -0.10
C GLY A 615 8.78 -17.34 1.33
N GLU A 616 8.25 -18.13 2.30
CA GLU A 616 8.63 -18.10 3.72
C GLU A 616 9.96 -18.82 3.87
N MET A 617 10.19 -19.84 3.02
CA MET A 617 11.38 -20.68 3.02
C MET A 617 12.58 -20.08 2.29
N ASP A 618 13.77 -20.20 2.91
CA ASP A 618 15.05 -19.78 2.32
C ASP A 618 15.28 -20.71 1.13
N ALA A 619 16.12 -20.27 0.14
CA ALA A 619 16.44 -21.09 -1.04
C ALA A 619 16.85 -22.51 -0.62
N LYS A 620 17.79 -22.65 0.35
CA LYS A 620 18.27 -23.92 0.91
C LYS A 620 17.13 -24.80 1.45
N GLU A 621 16.19 -24.22 2.24
CA GLU A 621 15.04 -24.90 2.81
C GLU A 621 14.18 -25.47 1.68
N LEU A 622 13.85 -24.62 0.67
CA LEU A 622 13.05 -24.96 -0.50
C LEU A 622 13.67 -26.11 -1.29
N TRP A 623 15.01 -26.16 -1.37
CA TRP A 623 15.71 -27.24 -2.04
C TRP A 623 15.57 -28.54 -1.24
N GLU A 624 16.17 -28.55 -0.02
CA GLU A 624 16.23 -29.67 0.93
C GLU A 624 14.89 -30.33 1.29
N THR A 625 13.75 -29.67 1.00
CA THR A 625 12.44 -30.19 1.39
C THR A 625 11.47 -30.48 0.25
N THR A 626 11.44 -29.64 -0.79
CA THR A 626 10.44 -29.81 -1.84
C THR A 626 11.05 -29.96 -3.27
N MET A 627 12.34 -29.61 -3.46
CA MET A 627 12.99 -29.71 -4.78
C MET A 627 14.01 -30.85 -4.93
N ASP A 628 14.73 -31.22 -3.84
CA ASP A 628 15.74 -32.28 -3.84
C ASP A 628 15.13 -33.64 -4.22
N PRO A 629 15.52 -34.24 -5.38
CA PRO A 629 14.88 -35.51 -5.82
C PRO A 629 14.99 -36.70 -4.89
N SER A 630 16.04 -36.75 -4.07
CA SER A 630 16.31 -37.84 -3.13
C SER A 630 15.39 -37.87 -1.92
N VAL A 631 14.86 -36.70 -1.50
CA VAL A 631 14.01 -36.59 -0.30
C VAL A 631 12.57 -36.08 -0.59
N ARG A 632 12.36 -35.34 -1.69
CA ARG A 632 11.03 -34.81 -2.03
C ARG A 632 10.03 -35.92 -2.37
N VAL A 633 8.74 -35.59 -2.30
CA VAL A 633 7.65 -36.47 -2.71
C VAL A 633 6.75 -35.64 -3.63
N LEU A 634 6.75 -35.97 -4.92
CA LEU A 634 5.92 -35.25 -5.88
C LEU A 634 4.53 -35.87 -5.95
N ARG A 635 3.57 -35.08 -6.43
CA ARG A 635 2.20 -35.53 -6.54
C ARG A 635 1.78 -35.57 -8.00
N GLN A 636 1.91 -36.75 -8.62
CA GLN A 636 1.60 -37.00 -10.02
C GLN A 636 0.11 -36.84 -10.32
N VAL A 637 -0.24 -35.77 -11.05
CA VAL A 637 -1.63 -35.50 -11.46
C VAL A 637 -2.01 -36.57 -12.49
N THR A 638 -3.11 -37.28 -12.21
CA THR A 638 -3.66 -38.34 -13.05
C THR A 638 -5.07 -37.95 -13.46
N LEU A 639 -5.52 -38.46 -14.61
CA LEU A 639 -6.87 -38.22 -15.12
C LEU A 639 -7.51 -39.60 -15.26
N ASP A 640 -8.27 -40.02 -14.25
CA ASP A 640 -8.92 -41.34 -14.28
C ASP A 640 -10.23 -41.34 -15.06
N ASP A 641 -10.80 -40.15 -15.32
CA ASP A 641 -12.05 -39.99 -16.05
C ASP A 641 -12.16 -38.58 -16.61
N ALA A 642 -12.02 -38.45 -17.94
CA ALA A 642 -12.13 -37.16 -18.61
C ALA A 642 -13.57 -36.64 -18.68
N ALA A 643 -14.57 -37.57 -18.66
CA ALA A 643 -15.98 -37.20 -18.68
C ALA A 643 -16.40 -36.62 -17.33
N ALA A 644 -15.95 -37.24 -16.21
CA ALA A 644 -16.22 -36.78 -14.84
C ALA A 644 -15.50 -35.47 -14.54
N ALA A 645 -14.23 -35.33 -15.00
CA ALA A 645 -13.43 -34.11 -14.83
C ALA A 645 -14.04 -32.96 -15.64
N ASP A 646 -14.52 -33.24 -16.87
CA ASP A 646 -15.22 -32.24 -17.69
C ASP A 646 -16.42 -31.67 -16.91
N GLU A 647 -17.21 -32.54 -16.25
CA GLU A 647 -18.34 -32.12 -15.45
C GLU A 647 -17.88 -31.18 -14.31
N LEU A 648 -16.81 -31.56 -13.58
CA LEU A 648 -16.24 -30.78 -12.48
C LEU A 648 -15.76 -29.39 -12.94
N PHE A 649 -14.82 -29.34 -13.91
CA PHE A 649 -14.26 -28.11 -14.44
C PHE A 649 -15.33 -27.17 -15.01
N SER A 650 -16.40 -27.72 -15.60
CA SER A 650 -17.51 -26.94 -16.15
C SER A 650 -18.31 -26.26 -15.04
N ILE A 651 -18.50 -26.94 -13.88
CA ILE A 651 -19.22 -26.39 -12.75
C ILE A 651 -18.41 -25.23 -12.14
N LEU A 652 -17.18 -25.54 -11.70
CA LEU A 652 -16.25 -24.63 -11.02
C LEU A 652 -15.75 -23.45 -11.85
N MET A 653 -15.31 -23.70 -13.09
CA MET A 653 -14.71 -22.67 -13.95
C MET A 653 -15.62 -22.09 -15.04
N GLY A 654 -16.87 -22.60 -15.12
CA GLY A 654 -17.86 -22.16 -16.09
C GLY A 654 -18.57 -20.86 -15.78
N GLU A 655 -19.72 -20.63 -16.43
CA GLU A 655 -20.51 -19.41 -16.29
C GLU A 655 -21.80 -19.64 -15.51
N ASP A 656 -22.10 -20.92 -15.16
CA ASP A 656 -23.27 -21.29 -14.38
C ASP A 656 -23.01 -20.92 -12.93
N VAL A 657 -23.44 -19.71 -12.56
CA VAL A 657 -23.27 -19.11 -11.23
C VAL A 657 -24.07 -19.87 -10.18
N ASP A 658 -25.29 -20.32 -10.54
CA ASP A 658 -26.18 -21.05 -9.64
C ASP A 658 -25.67 -22.44 -9.28
N ALA A 659 -25.14 -23.19 -10.26
CA ALA A 659 -24.59 -24.52 -10.03
C ALA A 659 -23.34 -24.44 -9.16
N ARG A 660 -22.47 -23.45 -9.46
CA ARG A 660 -21.25 -23.19 -8.72
C ARG A 660 -21.56 -22.80 -7.28
N ARG A 661 -22.58 -21.95 -7.06
CA ARG A 661 -23.00 -21.52 -5.72
C ARG A 661 -23.53 -22.69 -4.92
N SER A 662 -24.21 -23.64 -5.59
CA SER A 662 -24.75 -24.85 -4.96
C SER A 662 -23.62 -25.77 -4.51
N PHE A 663 -22.57 -25.92 -5.35
CA PHE A 663 -21.39 -26.74 -5.08
C PHE A 663 -20.62 -26.22 -3.87
N ILE A 664 -20.27 -24.91 -3.85
CA ILE A 664 -19.53 -24.29 -2.75
C ILE A 664 -20.27 -24.46 -1.44
N THR A 665 -21.58 -24.14 -1.42
CA THR A 665 -22.42 -24.24 -0.21
C THR A 665 -22.47 -25.65 0.36
N ARG A 666 -22.77 -26.70 -0.46
CA ARG A 666 -22.86 -28.07 0.05
C ARG A 666 -21.48 -28.71 0.39
N ASN A 667 -20.37 -27.98 0.14
CA ASN A 667 -19.01 -28.42 0.42
C ASN A 667 -18.24 -27.35 1.23
N ALA A 668 -18.98 -26.41 1.86
CA ALA A 668 -18.44 -25.31 2.67
C ALA A 668 -17.72 -25.78 3.92
N LYS A 669 -18.28 -26.77 4.61
CA LYS A 669 -17.65 -27.32 5.80
C LYS A 669 -17.08 -28.68 5.46
N ASP A 670 -15.98 -29.05 6.13
CA ASP A 670 -15.38 -30.37 5.93
C ASP A 670 -16.25 -31.41 6.64
N VAL A 671 -16.42 -32.58 5.99
CA VAL A 671 -17.24 -33.71 6.45
C VAL A 671 -16.92 -34.07 7.88
N ARG A 672 -17.95 -34.11 8.76
CA ARG A 672 -17.77 -34.52 10.15
C ARG A 672 -17.69 -36.05 10.10
N PHE A 673 -16.44 -36.54 9.99
CA PHE A 673 -16.12 -37.94 9.86
C PHE A 673 -14.81 -38.27 10.56
N LEU A 674 -14.80 -39.39 11.23
CA LEU A 674 -13.66 -39.81 11.91
C LEU A 674 -12.70 -40.41 10.94
N ASP A 675 -11.76 -39.62 10.45
CA ASP A 675 -10.77 -40.16 9.53
C ASP A 675 -9.85 -41.11 10.24
N VAL A 676 -10.23 -42.37 10.34
CA VAL A 676 -9.43 -43.33 11.03
C VAL A 676 -8.18 -43.44 10.28
N GLY A 677 -8.28 -43.62 8.97
CA GLY A 677 -7.13 -43.74 8.08
C GLY A 677 -6.06 -42.71 8.27
N ASP A 678 -6.42 -41.46 8.46
CA ASP A 678 -5.50 -40.41 8.73
C ASP A 678 -4.82 -40.67 10.05
N LEU A 679 -5.57 -41.11 11.04
CA LEU A 679 -5.05 -41.32 12.36
C LEU A 679 -4.27 -42.58 12.57
N THR A 680 -4.39 -43.51 11.66
CA THR A 680 -3.61 -44.72 11.82
C THR A 680 -2.65 -44.81 10.67
N ASP A 681 -1.37 -45.00 10.97
CA ASP A 681 -0.38 -45.09 9.91
C ASP A 681 -0.08 -46.54 9.65
N THR A 682 1.03 -46.71 9.04
CA THR A 682 1.68 -48.02 9.17
C THR A 682 1.75 -48.95 7.98
N THR A 683 2.40 -50.07 8.25
CA THR A 683 2.61 -51.18 7.36
C THR A 683 2.38 -52.42 8.22
N ASP A 691 13.61 -40.90 -6.19
CA ASP A 691 12.49 -40.10 -6.68
C ASP A 691 11.15 -40.74 -6.25
N ARG A 692 10.49 -40.14 -5.24
CA ARG A 692 9.22 -40.65 -4.71
C ARG A 692 8.03 -39.94 -5.30
N ILE A 693 7.03 -40.72 -5.76
CA ILE A 693 5.80 -40.20 -6.37
C ILE A 693 4.54 -40.79 -5.74
N GLU A 694 3.52 -39.95 -5.56
CA GLU A 694 2.20 -40.34 -5.06
C GLU A 694 1.17 -39.91 -6.12
N PRO A 695 0.48 -40.86 -6.79
CA PRO A 695 -0.49 -40.44 -7.82
C PRO A 695 -1.78 -39.85 -7.26
N VAL A 696 -2.07 -38.58 -7.63
CA VAL A 696 -3.26 -37.84 -7.18
C VAL A 696 -4.17 -37.55 -8.38
N ASP A 697 -5.47 -37.84 -8.26
CA ASP A 697 -6.45 -37.60 -9.31
C ASP A 697 -6.74 -36.10 -9.43
N ILE A 698 -6.85 -35.59 -10.68
CA ILE A 698 -7.13 -34.18 -10.96
C ILE A 698 -8.44 -33.72 -10.28
N GLU A 699 -9.48 -34.59 -10.33
CA GLU A 699 -10.82 -34.38 -9.75
C GLU A 699 -10.76 -33.99 -8.27
N GLN A 700 -10.02 -34.75 -7.44
CA GLN A 700 -9.90 -34.52 -6.01
C GLN A 700 -9.09 -33.28 -5.72
N GLU A 701 -7.98 -33.11 -6.46
CA GLU A 701 -7.08 -31.97 -6.34
C GLU A 701 -7.74 -30.64 -6.66
N MET A 702 -8.41 -30.56 -7.84
CA MET A 702 -9.13 -29.39 -8.34
C MET A 702 -10.26 -28.96 -7.39
N GLN A 703 -11.02 -29.94 -6.88
CA GLN A 703 -12.13 -29.75 -5.94
C GLN A 703 -11.68 -29.07 -4.65
N ARG A 704 -10.61 -29.58 -4.03
CA ARG A 704 -10.01 -29.08 -2.79
C ARG A 704 -9.47 -27.66 -3.01
N SER A 705 -8.70 -27.46 -4.10
CA SER A 705 -8.12 -26.16 -4.46
C SER A 705 -9.19 -25.11 -4.65
N TYR A 706 -10.28 -25.41 -5.40
CA TYR A 706 -11.37 -24.46 -5.61
C TYR A 706 -12.15 -24.17 -4.34
N ILE A 707 -12.55 -25.22 -3.58
CA ILE A 707 -13.29 -25.06 -2.33
C ILE A 707 -12.52 -24.17 -1.34
N ASP A 708 -11.18 -24.37 -1.24
CA ASP A 708 -10.32 -23.58 -0.36
C ASP A 708 -10.25 -22.13 -0.82
N TYR A 709 -10.11 -21.92 -2.14
CA TYR A 709 -10.08 -20.59 -2.74
C TYR A 709 -11.41 -19.87 -2.47
N ALA A 710 -12.53 -20.50 -2.89
CA ALA A 710 -13.89 -20.01 -2.73
C ALA A 710 -14.20 -19.62 -1.29
N MET A 711 -14.02 -20.55 -0.33
CA MET A 711 -14.31 -20.29 1.08
C MET A 711 -13.49 -19.18 1.70
N SER A 712 -12.24 -18.99 1.26
CA SER A 712 -11.37 -17.91 1.75
C SER A 712 -11.89 -16.54 1.34
N VAL A 713 -12.20 -16.32 0.05
CA VAL A 713 -12.74 -15.05 -0.46
C VAL A 713 -14.15 -14.79 0.10
N ILE A 714 -14.93 -15.85 0.40
CA ILE A 714 -16.29 -15.74 0.95
C ILE A 714 -16.24 -15.26 2.40
N VAL A 715 -15.51 -16.00 3.26
CA VAL A 715 -15.34 -15.67 4.66
C VAL A 715 -14.56 -14.34 4.81
N GLY A 716 -13.50 -14.18 4.01
CA GLY A 716 -12.62 -13.03 4.01
C GLY A 716 -13.21 -11.70 3.57
N ARG A 717 -14.04 -11.66 2.52
CA ARG A 717 -14.57 -10.38 2.03
C ARG A 717 -16.04 -10.36 1.55
N ALA A 718 -16.68 -11.53 1.44
CA ALA A 718 -18.05 -11.56 0.94
C ALA A 718 -19.12 -11.58 2.00
N LEU A 719 -19.05 -12.51 2.96
CA LEU A 719 -20.13 -12.67 3.92
C LEU A 719 -19.73 -12.46 5.37
N PRO A 720 -20.62 -11.80 6.15
CA PRO A 720 -20.31 -11.58 7.56
C PRO A 720 -20.73 -12.77 8.44
N GLU A 721 -20.15 -12.83 9.66
CA GLU A 721 -20.53 -13.82 10.67
C GLU A 721 -21.90 -13.35 11.20
N VAL A 722 -22.87 -14.25 11.40
CA VAL A 722 -24.21 -13.87 11.87
C VAL A 722 -24.17 -13.27 13.30
N ARG A 723 -23.27 -13.79 14.14
CA ARG A 723 -23.09 -13.44 15.54
C ARG A 723 -22.67 -12.00 15.81
N ASP A 724 -21.65 -11.49 15.08
CA ASP A 724 -21.18 -10.11 15.26
C ASP A 724 -21.39 -9.21 14.03
N GLY A 725 -21.63 -9.83 12.88
CA GLY A 725 -21.89 -9.11 11.63
C GLY A 725 -20.67 -8.51 10.98
N LEU A 726 -19.50 -9.08 11.26
CA LEU A 726 -18.21 -8.61 10.75
C LEU A 726 -17.51 -9.59 9.80
N LYS A 727 -16.50 -9.06 9.10
CA LYS A 727 -15.60 -9.79 8.21
C LYS A 727 -14.22 -9.64 8.87
N PRO A 728 -13.25 -10.57 8.63
CA PRO A 728 -11.95 -10.48 9.30
C PRO A 728 -11.27 -9.11 9.35
N VAL A 729 -11.29 -8.31 8.26
CA VAL A 729 -10.64 -6.99 8.23
C VAL A 729 -11.15 -6.09 9.33
N HIS A 730 -12.48 -5.89 9.36
CA HIS A 730 -13.19 -5.03 10.30
C HIS A 730 -12.97 -5.50 11.72
N ARG A 731 -13.18 -6.83 11.97
CA ARG A 731 -12.98 -7.47 13.28
C ARG A 731 -11.57 -7.25 13.83
N ARG A 732 -10.54 -7.33 12.95
CA ARG A 732 -9.13 -7.13 13.27
C ARG A 732 -8.80 -5.70 13.60
N VAL A 733 -9.40 -4.74 12.84
CA VAL A 733 -9.21 -3.30 13.05
C VAL A 733 -9.74 -2.97 14.42
N LEU A 734 -10.98 -3.44 14.72
CA LEU A 734 -11.61 -3.22 16.02
C LEU A 734 -10.82 -3.85 17.18
N TYR A 735 -10.31 -5.08 17.00
CA TYR A 735 -9.51 -5.74 18.03
C TYR A 735 -8.16 -5.06 18.25
N ALA A 736 -7.46 -4.70 17.16
CA ALA A 736 -6.17 -4.00 17.23
C ALA A 736 -6.31 -2.69 18.00
N MET A 737 -7.37 -1.88 17.70
CA MET A 737 -7.66 -0.59 18.37
C MET A 737 -7.94 -0.77 19.86
N PHE A 738 -8.64 -1.86 20.20
CA PHE A 738 -9.00 -2.22 21.57
C PHE A 738 -7.74 -2.58 22.36
N ASP A 739 -6.92 -3.52 21.84
CA ASP A 739 -5.66 -3.95 22.46
C ASP A 739 -4.72 -2.76 22.69
N SER A 740 -4.70 -1.81 21.72
CA SER A 740 -3.91 -0.59 21.77
C SER A 740 -4.41 0.43 22.83
N GLY A 741 -5.66 0.30 23.24
CA GLY A 741 -6.30 1.19 24.20
C GLY A 741 -6.83 2.48 23.60
N PHE A 742 -7.19 2.46 22.30
CA PHE A 742 -7.76 3.63 21.61
C PHE A 742 -9.25 3.62 21.87
N ARG A 743 -9.61 3.93 23.11
CA ARG A 743 -10.97 3.90 23.64
C ARG A 743 -11.61 5.30 23.76
N PRO A 744 -12.96 5.45 23.84
CA PRO A 744 -13.56 6.80 23.94
C PRO A 744 -13.04 7.71 25.07
N ASP A 745 -12.66 7.12 26.22
CA ASP A 745 -12.15 7.86 27.38
C ASP A 745 -10.74 8.46 27.17
N ARG A 746 -10.04 8.01 26.10
CA ARG A 746 -8.70 8.49 25.78
C ARG A 746 -8.70 9.22 24.46
N SER A 747 -7.72 10.11 24.26
CA SER A 747 -7.58 10.92 23.05
C SER A 747 -7.40 10.09 21.76
N HIS A 748 -7.82 10.66 20.61
CA HIS A 748 -7.69 10.02 19.31
C HIS A 748 -6.21 9.84 19.00
N ALA A 749 -5.87 8.69 18.42
CA ALA A 749 -4.53 8.36 17.96
C ALA A 749 -4.57 8.42 16.45
N LYS A 750 -3.48 8.83 15.80
CA LYS A 750 -3.38 8.88 14.33
C LYS A 750 -3.80 7.53 13.72
N SER A 751 -4.63 7.57 12.66
CA SER A 751 -5.16 6.37 12.01
C SER A 751 -4.08 5.36 11.61
N ALA A 752 -2.86 5.85 11.29
CA ALA A 752 -1.67 5.07 10.91
C ALA A 752 -1.26 4.09 12.02
N ARG A 753 -1.52 4.47 13.29
CA ARG A 753 -1.23 3.66 14.47
C ARG A 753 -2.15 2.44 14.51
N SER A 754 -3.43 2.63 14.20
CA SER A 754 -4.42 1.55 14.18
C SER A 754 -4.20 0.64 12.98
N VAL A 755 -3.81 1.24 11.84
CA VAL A 755 -3.54 0.50 10.60
C VAL A 755 -2.30 -0.40 10.79
N ALA A 756 -1.19 0.16 11.30
CA ALA A 756 0.05 -0.56 11.59
C ALA A 756 -0.15 -1.69 12.59
N GLU A 757 -0.87 -1.43 13.69
CA GLU A 757 -1.16 -2.45 14.70
C GLU A 757 -1.95 -3.62 14.10
N THR A 758 -2.91 -3.32 13.21
CA THR A 758 -3.71 -4.35 12.53
C THR A 758 -2.81 -5.14 11.62
N MET A 759 -2.06 -4.43 10.75
CA MET A 759 -1.17 -4.98 9.75
C MET A 759 -0.11 -5.93 10.29
N GLY A 760 0.60 -5.50 11.32
CA GLY A 760 1.69 -6.27 11.90
C GLY A 760 1.30 -7.53 12.66
N ASN A 761 0.13 -7.49 13.31
CA ASN A 761 -0.29 -8.59 14.16
C ASN A 761 -1.49 -9.42 13.65
N TYR A 762 -2.34 -8.88 12.77
CA TYR A 762 -3.55 -9.63 12.39
C TYR A 762 -3.84 -9.72 10.90
N HIS A 763 -3.71 -8.62 10.16
CA HIS A 763 -4.05 -8.55 8.74
C HIS A 763 -2.81 -8.08 7.95
N PRO A 764 -1.84 -8.99 7.69
CA PRO A 764 -0.58 -8.57 7.05
C PRO A 764 -0.63 -8.37 5.54
N HIS A 765 -1.41 -7.38 5.16
CA HIS A 765 -1.62 -7.01 3.77
C HIS A 765 -1.37 -5.48 3.64
N GLY A 766 -1.64 -4.88 2.50
CA GLY A 766 -1.42 -3.44 2.31
C GLY A 766 -2.17 -2.58 3.31
N ASP A 767 -1.71 -1.33 3.50
CA ASP A 767 -2.33 -0.37 4.42
C ASP A 767 -3.71 0.10 3.92
N ALA A 768 -3.89 0.12 2.58
CA ALA A 768 -5.08 0.58 1.89
C ALA A 768 -6.34 -0.17 2.26
N SER A 769 -6.29 -1.52 2.26
CA SER A 769 -7.42 -2.37 2.63
C SER A 769 -7.81 -2.16 4.09
N ILE A 770 -6.81 -1.98 4.99
CA ILE A 770 -7.02 -1.75 6.43
C ILE A 770 -7.61 -0.35 6.67
N TYR A 771 -6.99 0.70 6.09
CA TYR A 771 -7.45 2.09 6.24
C TYR A 771 -8.87 2.26 5.67
N ASP A 772 -9.23 1.47 4.64
CA ASP A 772 -10.57 1.46 4.05
C ASP A 772 -11.62 1.00 5.08
N SER A 773 -11.33 -0.06 5.86
CA SER A 773 -12.22 -0.59 6.91
C SER A 773 -12.48 0.47 7.99
N LEU A 774 -11.38 1.03 8.53
CA LEU A 774 -11.35 2.06 9.55
C LEU A 774 -12.25 3.22 9.12
N VAL A 775 -11.98 3.78 7.93
CA VAL A 775 -12.73 4.91 7.34
C VAL A 775 -14.24 4.62 7.27
N ARG A 776 -14.63 3.50 6.66
CA ARG A 776 -16.04 3.11 6.48
C ARG A 776 -16.77 2.85 7.79
N MET A 777 -16.03 2.55 8.86
CA MET A 777 -16.61 2.30 10.19
C MET A 777 -16.74 3.62 10.96
N ALA A 778 -16.11 4.69 10.43
CA ALA A 778 -16.10 6.03 11.01
C ALA A 778 -17.12 6.95 10.35
N GLN A 779 -17.38 6.75 9.05
CA GLN A 779 -18.30 7.58 8.25
C GLN A 779 -19.76 7.48 8.69
N PRO A 780 -20.37 8.62 9.13
CA PRO A 780 -21.76 8.59 9.59
C PRO A 780 -22.78 8.27 8.50
N TRP A 781 -22.36 8.34 7.23
CA TRP A 781 -23.25 8.02 6.13
C TRP A 781 -23.11 6.56 5.73
N SER A 782 -22.04 5.88 6.24
CA SER A 782 -21.80 4.47 5.94
C SER A 782 -22.46 3.60 6.97
N LEU A 783 -22.18 3.87 8.27
CA LEU A 783 -22.71 3.08 9.36
C LEU A 783 -23.84 3.74 10.08
N ARG A 784 -24.88 2.95 10.36
CA ARG A 784 -26.04 3.41 11.10
C ARG A 784 -25.63 3.68 12.56
N TYR A 785 -24.65 2.91 13.05
CA TYR A 785 -24.06 3.01 14.38
C TYR A 785 -22.55 2.97 14.23
N PRO A 786 -21.88 4.13 13.98
CA PRO A 786 -20.42 4.10 13.72
C PRO A 786 -19.60 3.42 14.83
N LEU A 787 -18.64 2.59 14.42
CA LEU A 787 -17.77 1.82 15.32
C LEU A 787 -16.41 2.51 15.54
N VAL A 788 -16.04 3.46 14.67
CA VAL A 788 -14.80 4.23 14.79
C VAL A 788 -15.17 5.71 14.93
N ASP A 789 -14.54 6.39 15.88
CA ASP A 789 -14.73 7.81 16.14
C ASP A 789 -13.52 8.49 15.55
N GLY A 790 -13.73 9.21 14.47
CA GLY A 790 -12.68 9.89 13.73
C GLY A 790 -12.53 11.37 13.95
N GLN A 791 -11.29 11.86 13.81
CA GLN A 791 -10.90 13.26 13.86
C GLN A 791 -10.19 13.58 12.51
N GLY A 792 -10.61 14.68 11.89
CA GLY A 792 -10.11 15.12 10.60
C GLY A 792 -11.01 14.83 9.42
N ASN A 793 -10.43 14.87 8.22
CA ASN A 793 -11.13 14.61 6.96
C ASN A 793 -11.31 13.13 6.67
N PHE A 794 -12.53 12.63 6.81
CA PHE A 794 -12.87 11.24 6.50
C PHE A 794 -13.64 11.14 5.17
N GLY A 795 -13.52 12.18 4.36
CA GLY A 795 -14.17 12.28 3.07
C GLY A 795 -15.58 12.85 3.11
N SER A 796 -16.38 12.51 2.11
CA SER A 796 -17.77 12.95 1.97
C SER A 796 -18.63 11.83 1.37
N PRO A 797 -19.99 11.89 1.44
CA PRO A 797 -20.81 10.84 0.82
C PRO A 797 -20.68 10.80 -0.71
N GLY A 798 -19.89 11.72 -1.25
CA GLY A 798 -19.56 11.84 -2.67
C GLY A 798 -18.18 11.27 -2.97
N ASN A 799 -17.47 11.84 -3.96
CA ASN A 799 -16.15 11.35 -4.38
C ASN A 799 -14.97 11.98 -3.63
N ASP A 800 -15.21 12.54 -2.46
CA ASP A 800 -14.12 13.10 -1.67
C ASP A 800 -13.55 11.99 -0.81
N PRO A 801 -12.26 11.62 -1.02
CA PRO A 801 -11.67 10.53 -0.23
C PRO A 801 -11.26 11.01 1.15
N PRO A 802 -11.04 10.09 2.13
CA PRO A 802 -10.51 10.54 3.43
C PRO A 802 -9.06 11.01 3.28
N ALA A 803 -8.58 11.85 4.21
CA ALA A 803 -7.19 12.32 4.20
C ALA A 803 -6.25 11.14 4.49
N ALA A 804 -4.93 11.33 4.31
CA ALA A 804 -3.94 10.30 4.57
C ALA A 804 -4.02 9.87 6.03
N MET A 805 -3.83 8.56 6.26
CA MET A 805 -3.88 7.90 7.56
C MET A 805 -2.97 8.53 8.62
N ARG A 806 -1.92 9.25 8.18
CA ARG A 806 -0.99 9.93 9.08
C ARG A 806 -1.57 11.22 9.65
N TYR A 807 -2.58 11.80 8.94
CA TYR A 807 -3.26 13.03 9.33
C TYR A 807 -4.54 12.77 10.13
N THR A 808 -5.41 11.87 9.64
CA THR A 808 -6.63 11.55 10.38
C THR A 808 -6.31 10.81 11.66
N GLU A 809 -7.18 10.96 12.65
CA GLU A 809 -7.03 10.31 13.93
C GLU A 809 -8.27 9.45 14.16
N ALA A 810 -8.12 8.38 14.94
CA ALA A 810 -9.21 7.44 15.22
C ALA A 810 -9.11 6.76 16.59
N ARG A 811 -10.28 6.42 17.14
CA ARG A 811 -10.49 5.69 18.39
C ARG A 811 -11.83 4.98 18.28
N LEU A 812 -12.11 4.07 19.20
CA LEU A 812 -13.37 3.35 19.18
C LEU A 812 -14.49 4.24 19.69
N THR A 813 -15.71 4.03 19.20
CA THR A 813 -16.88 4.75 19.70
C THR A 813 -17.37 3.98 20.94
N PRO A 814 -18.20 4.56 21.85
CA PRO A 814 -18.71 3.75 22.97
C PRO A 814 -19.50 2.52 22.48
N LEU A 815 -20.14 2.62 21.30
CA LEU A 815 -20.84 1.49 20.68
C LEU A 815 -19.86 0.40 20.29
N ALA A 816 -18.67 0.77 19.77
CA ALA A 816 -17.63 -0.20 19.44
C ALA A 816 -17.11 -0.89 20.71
N MET A 817 -17.12 -0.18 21.85
CA MET A 817 -16.70 -0.74 23.13
C MET A 817 -17.63 -1.86 23.57
N GLU A 818 -18.92 -1.76 23.20
CA GLU A 818 -19.92 -2.80 23.47
C GLU A 818 -19.67 -4.03 22.58
N MET A 819 -19.06 -3.83 21.41
CA MET A 819 -18.72 -4.92 20.51
C MET A 819 -17.63 -5.80 21.12
N LEU A 820 -16.62 -5.16 21.74
CA LEU A 820 -15.44 -5.76 22.35
C LEU A 820 -15.61 -6.07 23.85
N ARG A 821 -16.73 -5.63 24.45
CA ARG A 821 -17.01 -5.75 25.89
C ARG A 821 -16.68 -7.13 26.48
N GLU A 822 -15.68 -7.15 27.39
CA GLU A 822 -15.18 -8.33 28.14
C GLU A 822 -14.61 -9.44 27.22
N ILE A 823 -13.96 -9.05 26.10
CA ILE A 823 -13.34 -9.99 25.16
C ILE A 823 -12.10 -10.67 25.81
N ASP A 824 -11.58 -10.03 26.86
CA ASP A 824 -10.47 -10.45 27.71
C ASP A 824 -10.94 -11.43 28.80
N GLU A 825 -12.27 -11.61 28.95
CA GLU A 825 -12.93 -12.52 29.89
C GLU A 825 -13.27 -13.88 29.23
N GLU A 826 -12.50 -14.30 28.19
CA GLU A 826 -12.67 -15.56 27.45
C GLU A 826 -14.13 -15.82 26.96
N THR A 827 -14.81 -14.72 26.58
CA THR A 827 -16.19 -14.70 26.10
C THR A 827 -16.32 -15.22 24.66
N VAL A 828 -15.21 -15.22 23.89
CA VAL A 828 -15.19 -15.70 22.51
C VAL A 828 -14.01 -16.65 22.29
N ASP A 829 -14.11 -17.51 21.25
CA ASP A 829 -13.06 -18.44 20.85
C ASP A 829 -11.98 -17.65 20.15
N PHE A 830 -10.73 -17.76 20.62
CA PHE A 830 -9.59 -17.13 20.00
C PHE A 830 -8.82 -18.21 19.24
N ILE A 831 -8.13 -17.82 18.19
CA ILE A 831 -7.30 -18.72 17.39
C ILE A 831 -5.95 -18.04 17.17
N PRO A 832 -4.85 -18.79 16.92
CA PRO A 832 -3.57 -18.10 16.68
C PRO A 832 -3.60 -17.24 15.41
N ASN A 833 -2.93 -16.08 15.46
CA ASN A 833 -2.83 -15.12 14.37
C ASN A 833 -1.99 -15.71 13.22
N TYR A 834 -1.81 -14.94 12.12
CA TYR A 834 -1.09 -15.36 10.92
C TYR A 834 0.31 -16.00 11.18
N ASP A 835 1.04 -15.56 12.22
CA ASP A 835 2.37 -16.11 12.52
C ASP A 835 2.38 -16.99 13.79
N GLY A 836 1.18 -17.36 14.25
CA GLY A 836 0.95 -18.21 15.42
C GLY A 836 1.62 -17.77 16.70
N ARG A 837 2.07 -16.51 16.73
CA ARG A 837 2.76 -15.90 17.86
C ARG A 837 1.77 -15.38 18.90
N VAL A 838 0.63 -14.81 18.46
CA VAL A 838 -0.41 -14.29 19.36
C VAL A 838 -1.82 -14.83 18.99
N GLN A 839 -2.85 -14.54 19.82
CA GLN A 839 -4.21 -14.99 19.56
C GLN A 839 -5.06 -13.83 19.02
N GLU A 840 -6.04 -14.16 18.17
CA GLU A 840 -6.99 -13.21 17.58
C GLU A 840 -8.43 -13.78 17.69
N PRO A 841 -9.45 -12.95 17.98
CA PRO A 841 -10.81 -13.51 18.13
C PRO A 841 -11.48 -14.01 16.85
N THR A 842 -12.22 -15.13 16.93
CA THR A 842 -12.97 -15.69 15.80
C THR A 842 -14.23 -14.86 15.55
N VAL A 843 -14.78 -14.27 16.62
CA VAL A 843 -15.99 -13.46 16.68
C VAL A 843 -15.84 -12.45 17.86
N LEU A 844 -16.60 -11.35 17.87
CA LEU A 844 -16.58 -10.36 18.94
C LEU A 844 -17.82 -10.52 19.82
N PRO A 845 -17.76 -10.25 21.16
CA PRO A 845 -18.97 -10.38 22.00
C PRO A 845 -20.26 -9.76 21.43
N SER A 846 -20.15 -8.61 20.71
CA SER A 846 -21.24 -7.89 20.03
C SER A 846 -22.44 -7.78 20.95
N ARG A 847 -22.31 -6.94 21.98
CA ARG A 847 -23.33 -6.78 23.01
C ARG A 847 -24.58 -5.99 22.52
N PHE A 848 -24.62 -5.66 21.22
CA PHE A 848 -25.75 -5.04 20.52
C PHE A 848 -25.85 -5.75 19.14
N PRO A 849 -27.06 -6.06 18.61
CA PRO A 849 -27.13 -6.84 17.34
C PRO A 849 -26.61 -6.09 16.10
N ASN A 850 -25.27 -6.05 15.95
CA ASN A 850 -24.51 -5.33 14.93
C ASN A 850 -24.82 -5.71 13.48
N LEU A 851 -25.01 -7.02 13.16
CA LEU A 851 -25.30 -7.42 11.79
C LEU A 851 -26.56 -6.74 11.31
N LEU A 852 -27.66 -6.87 12.08
CA LEU A 852 -28.92 -6.23 11.74
C LEU A 852 -28.87 -4.71 11.93
N ALA A 853 -28.11 -4.22 12.92
CA ALA A 853 -27.97 -2.79 13.17
C ALA A 853 -27.24 -2.03 12.06
N ASN A 854 -26.03 -2.45 11.72
CA ASN A 854 -25.21 -1.77 10.72
C ASN A 854 -25.34 -2.34 9.29
N GLY A 855 -25.82 -3.58 9.17
CA GLY A 855 -25.98 -4.24 7.88
C GLY A 855 -24.65 -4.71 7.29
N SER A 856 -24.69 -5.34 6.11
CA SER A 856 -23.47 -5.82 5.43
C SER A 856 -23.70 -6.05 3.95
N GLY A 857 -22.70 -5.65 3.16
CA GLY A 857 -22.61 -5.87 1.73
C GLY A 857 -21.48 -6.85 1.45
N GLY A 858 -21.17 -7.08 0.18
CA GLY A 858 -20.10 -7.99 -0.22
C GLY A 858 -20.44 -9.08 -1.21
N ILE A 859 -19.64 -9.17 -2.28
CA ILE A 859 -19.76 -10.15 -3.37
C ILE A 859 -18.41 -10.87 -3.59
N ALA A 860 -18.43 -12.22 -3.63
CA ALA A 860 -17.28 -13.09 -3.93
C ALA A 860 -17.74 -14.46 -4.43
N VAL A 861 -17.21 -14.86 -5.61
CA VAL A 861 -17.49 -16.10 -6.37
C VAL A 861 -19.01 -16.45 -6.34
N GLY A 862 -19.79 -15.58 -6.98
CA GLY A 862 -21.25 -15.68 -7.12
C GLY A 862 -22.07 -15.68 -5.85
N MET A 863 -21.49 -15.18 -4.74
CA MET A 863 -22.16 -15.09 -3.45
C MET A 863 -22.17 -13.65 -2.98
N ALA A 864 -23.36 -13.05 -3.00
CA ALA A 864 -23.54 -11.67 -2.60
C ALA A 864 -24.49 -11.56 -1.44
N THR A 865 -24.17 -10.66 -0.49
CA THR A 865 -25.03 -10.35 0.63
C THR A 865 -25.38 -8.89 0.57
N ASN A 866 -26.58 -8.55 1.09
CA ASN A 866 -27.06 -7.18 1.18
C ASN A 866 -28.07 -7.09 2.30
N ILE A 867 -27.55 -7.08 3.52
CA ILE A 867 -28.33 -6.97 4.75
C ILE A 867 -28.43 -5.47 5.05
N PRO A 868 -29.65 -4.89 5.08
CA PRO A 868 -29.76 -3.45 5.37
C PRO A 868 -29.55 -3.08 6.85
N PRO A 869 -29.18 -1.82 7.15
CA PRO A 869 -29.07 -1.40 8.56
C PRO A 869 -30.47 -1.26 9.21
N HIS A 870 -30.55 -1.38 10.54
CA HIS A 870 -31.82 -1.27 11.27
C HIS A 870 -31.73 -0.35 12.49
N ASN A 871 -32.90 -0.02 13.09
CA ASN A 871 -33.00 0.80 14.30
C ASN A 871 -32.70 -0.09 15.53
N LEU A 872 -31.67 0.29 16.32
CA LEU A 872 -31.23 -0.39 17.54
C LEU A 872 -32.36 -0.65 18.53
N ARG A 873 -33.26 0.34 18.75
CA ARG A 873 -34.37 0.23 19.70
C ARG A 873 -35.38 -0.84 19.29
N GLU A 874 -35.68 -0.95 17.98
CA GLU A 874 -36.59 -1.96 17.43
C GLU A 874 -35.96 -3.35 17.51
N LEU A 875 -34.64 -3.44 17.21
CA LEU A 875 -33.86 -4.68 17.29
C LEU A 875 -33.80 -5.19 18.72
N ALA A 876 -33.68 -4.27 19.69
CA ALA A 876 -33.64 -4.60 21.11
C ALA A 876 -34.97 -5.21 21.53
N ASP A 877 -36.11 -4.64 21.07
CA ASP A 877 -37.45 -5.15 21.35
C ASP A 877 -37.59 -6.59 20.85
N ALA A 878 -37.11 -6.85 19.62
CA ALA A 878 -37.07 -8.17 19.00
C ALA A 878 -36.20 -9.14 19.81
N VAL A 879 -35.02 -8.69 20.28
CA VAL A 879 -34.11 -9.49 21.12
C VAL A 879 -34.78 -9.83 22.47
N PHE A 880 -35.42 -8.83 23.14
CA PHE A 880 -36.10 -8.99 24.42
C PHE A 880 -37.25 -10.00 24.36
N TRP A 881 -37.98 -10.05 23.22
CA TRP A 881 -39.05 -11.00 23.02
C TRP A 881 -38.48 -12.41 22.93
N ALA A 882 -37.47 -12.62 22.04
CA ALA A 882 -36.80 -13.89 21.82
C ALA A 882 -36.12 -14.45 23.09
N LEU A 883 -35.75 -13.56 24.04
CA LEU A 883 -35.12 -13.92 25.31
C LEU A 883 -36.16 -14.45 26.27
N GLU A 884 -37.23 -13.66 26.48
CA GLU A 884 -38.36 -13.96 27.35
C GLU A 884 -39.12 -15.21 26.86
N ASN A 885 -39.28 -15.33 25.53
CA ASN A 885 -39.99 -16.44 24.88
C ASN A 885 -39.03 -17.40 24.15
N HIS A 886 -37.99 -17.87 24.86
CA HIS A 886 -36.94 -18.78 24.41
C HIS A 886 -37.42 -20.12 23.81
N ASP A 887 -38.61 -20.59 24.24
CA ASP A 887 -39.20 -21.85 23.83
C ASP A 887 -40.19 -21.73 22.65
N ALA A 888 -40.47 -20.50 22.19
CA ALA A 888 -41.41 -20.27 21.10
C ALA A 888 -40.94 -20.85 19.78
N ASP A 889 -41.89 -21.40 18.98
CA ASP A 889 -41.62 -21.98 17.67
C ASP A 889 -41.23 -20.91 16.65
N GLU A 890 -40.60 -21.32 15.53
CA GLU A 890 -40.13 -20.45 14.46
C GLU A 890 -41.21 -19.50 13.90
N GLU A 891 -42.44 -20.01 13.67
CA GLU A 891 -43.56 -19.24 13.14
C GLU A 891 -43.97 -18.14 14.13
N GLU A 892 -44.03 -18.50 15.42
CA GLU A 892 -44.38 -17.64 16.55
C GLU A 892 -43.30 -16.56 16.73
N THR A 893 -42.02 -16.94 16.55
CA THR A 893 -40.85 -16.07 16.67
C THR A 893 -40.84 -15.05 15.54
N LEU A 894 -40.95 -15.52 14.28
CA LEU A 894 -40.96 -14.69 13.07
C LEU A 894 -42.02 -13.59 13.16
N ALA A 895 -43.26 -13.98 13.50
CA ALA A 895 -44.41 -13.08 13.66
C ALA A 895 -44.11 -11.97 14.67
N ALA A 896 -43.52 -12.35 15.82
CA ALA A 896 -43.18 -11.45 16.92
C ALA A 896 -42.04 -10.48 16.58
N VAL A 897 -40.95 -10.98 15.96
CA VAL A 897 -39.80 -10.12 15.58
C VAL A 897 -40.21 -9.14 14.49
N MET A 898 -41.03 -9.59 13.52
CA MET A 898 -41.59 -8.71 12.50
C MET A 898 -42.68 -7.92 13.21
N GLY A 899 -42.93 -6.70 12.77
CA GLY A 899 -43.93 -5.90 13.46
C GLY A 899 -43.42 -5.32 14.78
N ARG A 900 -42.15 -5.61 15.10
CA ARG A 900 -41.38 -5.07 16.22
C ARG A 900 -40.26 -4.32 15.55
N VAL A 901 -39.66 -4.94 14.51
CA VAL A 901 -38.67 -4.32 13.62
C VAL A 901 -39.45 -4.01 12.33
N LYS A 902 -39.85 -2.74 12.23
CA LYS A 902 -40.72 -2.15 11.21
C LYS A 902 -40.19 -2.25 9.78
N GLY A 903 -38.88 -2.08 9.64
CA GLY A 903 -38.17 -2.13 8.38
C GLY A 903 -36.74 -1.65 8.57
N PRO A 904 -35.94 -1.53 7.48
CA PRO A 904 -34.57 -1.01 7.65
C PRO A 904 -34.56 0.45 8.14
N ASP A 905 -33.41 0.91 8.64
CA ASP A 905 -33.25 2.28 9.13
C ASP A 905 -31.87 2.73 8.72
N PHE A 906 -31.78 3.40 7.58
CA PHE A 906 -30.52 3.82 6.98
C PHE A 906 -29.87 5.01 7.69
N PRO A 907 -28.52 5.10 7.67
CA PRO A 907 -27.85 6.27 8.30
C PRO A 907 -28.15 7.58 7.57
N THR A 908 -28.38 7.47 6.24
CA THR A 908 -28.68 8.52 5.27
C THR A 908 -30.18 8.92 5.27
N ALA A 909 -30.95 8.42 6.26
CA ALA A 909 -32.40 8.63 6.45
C ALA A 909 -33.23 8.19 5.23
N GLY A 910 -33.81 9.13 4.49
CA GLY A 910 -34.61 8.84 3.32
C GLY A 910 -35.95 8.21 3.64
N LEU A 911 -36.53 7.52 2.64
CA LEU A 911 -37.84 6.90 2.74
C LEU A 911 -37.84 5.45 2.27
N ILE A 912 -38.80 4.67 2.79
CA ILE A 912 -39.08 3.30 2.36
C ILE A 912 -40.49 3.35 1.83
N VAL A 913 -40.64 3.06 0.53
CA VAL A 913 -41.91 3.07 -0.19
C VAL A 913 -42.44 1.62 -0.27
N GLY A 914 -43.59 1.40 0.34
CA GLY A 914 -44.22 0.09 0.37
C GLY A 914 -43.76 -0.75 1.55
N SER A 915 -44.30 -1.97 1.65
CA SER A 915 -44.04 -2.87 2.78
C SER A 915 -43.73 -4.32 2.40
N GLN A 916 -44.07 -4.75 1.15
CA GLN A 916 -43.88 -6.13 0.72
C GLN A 916 -42.43 -6.53 0.60
N GLY A 917 -41.58 -5.65 0.04
CA GLY A 917 -40.15 -5.90 -0.12
C GLY A 917 -39.50 -6.22 1.20
N THR A 918 -39.90 -5.49 2.27
CA THR A 918 -39.45 -5.65 3.66
C THR A 918 -39.89 -7.03 4.21
N ALA A 919 -41.21 -7.32 4.13
CA ALA A 919 -41.84 -8.58 4.55
C ALA A 919 -41.17 -9.75 3.86
N ASP A 920 -40.92 -9.65 2.55
CA ASP A 920 -40.21 -10.66 1.75
C ASP A 920 -38.80 -10.91 2.32
N ALA A 921 -38.03 -9.84 2.56
CA ALA A 921 -36.69 -9.91 3.13
C ALA A 921 -36.67 -10.59 4.48
N TYR A 922 -37.70 -10.35 5.32
CA TYR A 922 -37.75 -10.93 6.66
C TYR A 922 -38.25 -12.38 6.70
N LYS A 923 -39.20 -12.76 5.83
CA LYS A 923 -39.73 -14.12 5.86
C LYS A 923 -39.04 -15.07 4.86
N THR A 924 -38.43 -14.54 3.78
CA THR A 924 -37.77 -15.38 2.77
C THR A 924 -36.24 -15.16 2.66
N GLY A 925 -35.72 -14.12 3.28
CA GLY A 925 -34.29 -13.79 3.18
C GLY A 925 -33.95 -12.98 1.95
N ARG A 926 -34.92 -12.79 1.05
CA ARG A 926 -34.79 -12.02 -0.20
C ARG A 926 -35.99 -11.10 -0.36
N GLY A 927 -35.76 -9.88 -0.83
CA GLY A 927 -36.82 -8.89 -1.04
C GLY A 927 -36.31 -7.65 -1.72
N SER A 928 -37.18 -6.96 -2.49
CA SER A 928 -36.80 -5.73 -3.18
C SER A 928 -37.42 -4.50 -2.48
N ILE A 929 -36.60 -3.77 -1.71
CA ILE A 929 -37.05 -2.63 -0.91
C ILE A 929 -36.81 -1.30 -1.64
N ARG A 930 -37.92 -0.62 -2.02
CA ARG A 930 -37.87 0.66 -2.68
C ARG A 930 -37.52 1.78 -1.69
N MET A 931 -36.41 2.47 -1.96
CA MET A 931 -35.91 3.60 -1.20
C MET A 931 -36.13 4.83 -2.04
N ARG A 932 -36.47 5.95 -1.39
CA ARG A 932 -36.68 7.23 -2.06
C ARG A 932 -36.08 8.36 -1.23
N GLY A 933 -35.61 9.40 -1.90
CA GLY A 933 -35.07 10.58 -1.23
C GLY A 933 -36.17 11.53 -0.82
N VAL A 934 -35.78 12.74 -0.37
CA VAL A 934 -36.72 13.78 0.02
C VAL A 934 -36.39 15.05 -0.81
N VAL A 935 -37.43 15.64 -1.43
CA VAL A 935 -37.30 16.80 -2.29
C VAL A 935 -38.16 17.95 -1.77
N GLU A 936 -37.53 19.12 -1.63
CA GLU A 936 -38.15 20.37 -1.23
C GLU A 936 -38.26 21.29 -2.46
N VAL A 937 -39.18 22.26 -2.42
CA VAL A 937 -39.38 23.21 -3.53
C VAL A 937 -39.10 24.63 -3.04
N GLU A 938 -38.40 25.44 -3.87
CA GLU A 938 -38.03 26.82 -3.54
C GLU A 938 -38.27 27.75 -4.72
N GLU A 939 -38.63 29.01 -4.43
CA GLU A 939 -38.82 30.10 -5.40
C GLU A 939 -37.86 31.21 -4.97
N ASP A 940 -36.93 31.63 -5.85
CA ASP A 940 -35.95 32.67 -5.49
C ASP A 940 -36.48 34.10 -5.71
N SER A 941 -35.58 35.11 -5.54
CA SER A 941 -35.81 36.54 -5.70
C SER A 941 -36.44 36.85 -7.06
N ARG A 942 -35.91 36.20 -8.12
CA ARG A 942 -36.37 36.33 -9.51
C ARG A 942 -37.74 35.67 -9.73
N GLY A 943 -38.04 34.65 -8.94
CA GLY A 943 -39.29 33.90 -9.04
C GLY A 943 -39.08 32.55 -9.69
N ARG A 944 -37.82 32.24 -10.03
CA ARG A 944 -37.37 30.98 -10.66
C ARG A 944 -37.53 29.83 -9.66
N THR A 945 -38.02 28.69 -10.16
CA THR A 945 -38.26 27.49 -9.34
C THR A 945 -37.07 26.54 -9.43
N SER A 946 -36.72 25.93 -8.30
CA SER A 946 -35.66 24.95 -8.16
C SER A 946 -36.01 23.91 -7.10
N LEU A 947 -35.67 22.64 -7.38
CA LEU A 947 -35.87 21.51 -6.49
C LEU A 947 -34.64 21.41 -5.57
N VAL A 948 -34.84 21.01 -4.31
CA VAL A 948 -33.75 20.86 -3.36
C VAL A 948 -33.79 19.45 -2.76
N ILE A 949 -32.77 18.64 -3.06
CA ILE A 949 -32.65 17.28 -2.54
C ILE A 949 -32.03 17.40 -1.16
N THR A 950 -32.79 17.00 -0.14
CA THR A 950 -32.39 17.11 1.27
C THR A 950 -31.99 15.75 1.86
N GLU A 951 -32.45 14.65 1.23
CA GLU A 951 -32.17 13.27 1.61
C GLU A 951 -32.09 12.42 0.36
N LEU A 952 -31.24 11.40 0.39
CA LEU A 952 -31.02 10.47 -0.72
C LEU A 952 -31.07 9.04 -0.19
N PRO A 953 -31.34 8.02 -1.06
CA PRO A 953 -31.29 6.62 -0.58
C PRO A 953 -29.89 6.20 -0.12
N TYR A 954 -29.83 5.08 0.61
CA TYR A 954 -28.62 4.50 1.18
C TYR A 954 -27.60 4.07 0.11
N GLN A 955 -26.33 4.43 0.34
CA GLN A 955 -25.16 4.14 -0.51
C GLN A 955 -25.15 4.84 -1.87
N VAL A 956 -26.05 5.81 -2.12
CA VAL A 956 -26.02 6.52 -3.40
C VAL A 956 -25.03 7.68 -3.26
N ASN A 957 -23.97 7.64 -4.09
CA ASN A 957 -22.88 8.61 -4.11
C ASN A 957 -23.43 9.91 -4.64
N HIS A 958 -23.31 10.98 -3.83
CA HIS A 958 -23.82 12.32 -4.15
C HIS A 958 -23.23 12.86 -5.42
N ASP A 959 -21.91 12.75 -5.58
CA ASP A 959 -21.18 13.24 -6.74
C ASP A 959 -21.56 12.54 -8.01
N ASN A 960 -21.81 11.22 -7.93
CA ASN A 960 -22.23 10.40 -9.06
C ASN A 960 -23.66 10.70 -9.42
N PHE A 961 -24.48 11.05 -8.40
CA PHE A 961 -25.88 11.42 -8.58
C PHE A 961 -25.99 12.71 -9.40
N ILE A 962 -25.17 13.72 -9.07
CA ILE A 962 -25.12 15.01 -9.77
C ILE A 962 -24.67 14.81 -11.23
N THR A 963 -23.59 14.02 -11.44
CA THR A 963 -23.03 13.71 -12.76
C THR A 963 -24.04 12.96 -13.65
N SER A 964 -24.80 12.00 -13.09
CA SER A 964 -25.80 11.27 -13.89
C SER A 964 -26.87 12.21 -14.42
N ILE A 965 -27.36 13.15 -13.57
CA ILE A 965 -28.35 14.17 -13.94
C ILE A 965 -27.76 15.05 -15.03
N ALA A 966 -26.54 15.59 -14.79
CA ALA A 966 -25.81 16.45 -15.73
C ALA A 966 -25.62 15.80 -17.09
N GLU A 967 -25.22 14.53 -17.10
CA GLU A 967 -24.99 13.74 -18.30
C GLU A 967 -26.30 13.43 -19.00
N GLN A 968 -27.36 13.07 -18.24
CA GLN A 968 -28.68 12.78 -18.79
C GLN A 968 -29.35 14.02 -19.35
N VAL A 969 -29.02 15.21 -18.80
CA VAL A 969 -29.54 16.47 -19.31
C VAL A 969 -28.84 16.78 -20.64
N ARG A 970 -27.49 16.67 -20.65
CA ARG A 970 -26.61 16.88 -21.81
C ARG A 970 -27.04 15.97 -22.96
N ASP A 971 -27.31 14.69 -22.67
CA ASP A 971 -27.75 13.71 -23.67
C ASP A 971 -29.21 13.90 -24.14
N GLY A 972 -29.96 14.78 -23.45
CA GLY A 972 -31.36 15.06 -23.77
C GLY A 972 -32.34 14.04 -23.20
N LYS A 973 -31.82 13.08 -22.39
CA LYS A 973 -32.59 12.02 -21.74
C LYS A 973 -33.45 12.59 -20.61
N LEU A 974 -32.96 13.64 -19.94
CA LEU A 974 -33.62 14.32 -18.82
C LEU A 974 -33.94 15.74 -19.25
N ALA A 975 -35.19 16.16 -19.05
CA ALA A 975 -35.63 17.51 -19.45
C ALA A 975 -36.21 18.29 -18.28
N GLY A 976 -36.26 19.61 -18.45
CA GLY A 976 -36.80 20.54 -17.46
C GLY A 976 -35.80 21.05 -16.46
N ILE A 977 -34.53 20.62 -16.60
CA ILE A 977 -33.45 21.05 -15.70
C ILE A 977 -32.53 22.02 -16.44
N SER A 978 -32.25 23.16 -15.82
CA SER A 978 -31.38 24.19 -16.37
C SER A 978 -30.01 24.20 -15.69
N ASN A 979 -29.94 23.74 -14.42
CA ASN A 979 -28.71 23.69 -13.60
C ASN A 979 -28.82 22.72 -12.42
N ILE A 980 -27.66 22.27 -11.91
CA ILE A 980 -27.52 21.40 -10.73
C ILE A 980 -26.34 21.92 -9.92
N GLU A 981 -26.54 22.12 -8.60
CA GLU A 981 -25.49 22.64 -7.72
C GLU A 981 -25.41 21.90 -6.39
N ASP A 982 -24.19 21.66 -5.90
CA ASP A 982 -23.99 21.04 -4.59
C ASP A 982 -23.73 22.13 -3.55
N GLN A 983 -24.78 22.46 -2.79
CA GLN A 983 -24.74 23.51 -1.75
C GLN A 983 -24.73 22.92 -0.33
N SER A 984 -24.44 21.62 -0.20
CA SER A 984 -24.41 20.92 1.08
C SER A 984 -23.27 21.39 2.00
N SER A 985 -23.55 21.41 3.31
CA SER A 985 -22.60 21.72 4.39
C SER A 985 -23.14 21.03 5.64
N ASP A 986 -22.34 20.99 6.73
CA ASP A 986 -22.78 20.38 7.99
C ASP A 986 -23.88 21.18 8.68
N ARG A 987 -23.96 22.50 8.40
CA ARG A 987 -24.94 23.40 9.00
C ARG A 987 -26.24 23.42 8.22
N VAL A 988 -26.17 23.25 6.89
CA VAL A 988 -27.37 23.25 6.05
C VAL A 988 -27.86 21.82 5.70
N GLY A 989 -27.02 20.82 5.97
CA GLY A 989 -27.31 19.43 5.63
C GLY A 989 -27.17 19.14 4.15
N LEU A 990 -27.72 18.01 3.67
CA LEU A 990 -27.67 17.70 2.24
C LEU A 990 -28.56 18.73 1.48
N ARG A 991 -27.95 19.38 0.48
CA ARG A 991 -28.61 20.43 -0.29
C ARG A 991 -28.22 20.42 -1.77
N ILE A 992 -28.76 19.46 -2.56
CA ILE A 992 -28.50 19.38 -3.99
C ILE A 992 -29.61 20.17 -4.68
N VAL A 993 -29.24 21.37 -5.17
CA VAL A 993 -30.17 22.31 -5.82
C VAL A 993 -30.23 22.10 -7.33
N ILE A 994 -31.42 21.78 -7.83
CA ILE A 994 -31.71 21.54 -9.24
C ILE A 994 -32.68 22.63 -9.76
N GLU A 995 -32.15 23.63 -10.47
CA GLU A 995 -32.94 24.71 -11.05
C GLU A 995 -33.77 24.17 -12.20
N ILE A 996 -35.08 24.46 -12.19
CA ILE A 996 -35.97 24.00 -13.24
C ILE A 996 -36.44 25.19 -14.10
N LYS A 997 -36.76 24.89 -15.37
CA LYS A 997 -37.18 25.85 -16.39
C LYS A 997 -38.60 26.40 -16.19
N ARG A 998 -38.97 27.46 -16.96
CA ARG A 998 -40.31 28.07 -16.99
C ARG A 998 -41.30 27.05 -17.56
N ASP A 999 -40.84 26.31 -18.58
CA ASP A 999 -41.56 25.25 -19.29
C ASP A 999 -41.82 24.06 -18.35
N ALA A 1000 -40.96 23.89 -17.31
CA ALA A 1000 -41.03 22.76 -16.36
C ALA A 1000 -41.95 22.94 -15.15
N VAL A 1001 -42.54 21.82 -14.72
CA VAL A 1001 -43.43 21.67 -13.56
C VAL A 1001 -42.64 20.84 -12.52
N ALA A 1002 -42.62 21.28 -11.25
CA ALA A 1002 -41.89 20.61 -10.18
C ALA A 1002 -42.24 19.14 -10.01
N LYS A 1003 -43.55 18.81 -9.91
CA LYS A 1003 -44.04 17.43 -9.72
C LYS A 1003 -43.60 16.44 -10.82
N VAL A 1004 -43.62 16.88 -12.10
CA VAL A 1004 -43.24 16.02 -13.23
C VAL A 1004 -41.70 15.84 -13.30
N VAL A 1005 -40.91 16.88 -12.95
CA VAL A 1005 -39.45 16.80 -12.94
C VAL A 1005 -39.00 15.86 -11.81
N ILE A 1006 -39.65 15.95 -10.62
CA ILE A 1006 -39.41 15.08 -9.46
C ILE A 1006 -39.70 13.61 -9.84
N ASN A 1007 -40.83 13.33 -10.50
CA ASN A 1007 -41.17 11.98 -10.95
C ASN A 1007 -40.19 11.44 -12.01
N ASN A 1008 -39.65 12.33 -12.86
CA ASN A 1008 -38.67 11.98 -13.87
C ASN A 1008 -37.34 11.62 -13.21
N LEU A 1009 -37.01 12.31 -12.10
CA LEU A 1009 -35.80 12.06 -11.30
C LEU A 1009 -35.95 10.72 -10.56
N TYR A 1010 -37.17 10.39 -10.09
CA TYR A 1010 -37.48 9.12 -9.45
C TYR A 1010 -37.22 7.97 -10.43
N LYS A 1011 -37.75 8.12 -11.68
CA LYS A 1011 -37.68 7.13 -12.75
C LYS A 1011 -36.28 6.92 -13.35
N HIS A 1012 -35.54 7.99 -13.67
CA HIS A 1012 -34.26 7.87 -14.36
C HIS A 1012 -32.98 8.06 -13.52
N THR A 1013 -33.10 8.52 -12.26
CA THR A 1013 -31.93 8.72 -11.40
C THR A 1013 -32.03 7.86 -10.15
N GLN A 1014 -30.95 7.80 -9.34
CA GLN A 1014 -30.95 7.02 -8.11
C GLN A 1014 -31.71 7.70 -6.95
N LEU A 1015 -32.45 8.81 -7.21
CA LEU A 1015 -33.29 9.51 -6.22
C LEU A 1015 -34.30 8.51 -5.65
N GLN A 1016 -34.78 7.62 -6.53
CA GLN A 1016 -35.59 6.47 -6.21
C GLN A 1016 -34.80 5.29 -6.77
N THR A 1017 -34.40 4.38 -5.88
CA THR A 1017 -33.62 3.18 -6.17
C THR A 1017 -34.01 2.06 -5.22
N SER A 1018 -33.85 0.82 -5.69
CA SER A 1018 -34.19 -0.38 -4.95
C SER A 1018 -32.98 -0.90 -4.19
N PHE A 1019 -33.28 -1.51 -3.04
CA PHE A 1019 -32.31 -2.19 -2.18
C PHE A 1019 -32.64 -3.68 -2.31
N GLY A 1020 -31.78 -4.40 -3.02
CA GLY A 1020 -31.93 -5.83 -3.25
C GLY A 1020 -31.49 -6.60 -2.03
N ALA A 1021 -32.42 -6.79 -1.07
CA ALA A 1021 -32.14 -7.48 0.19
C ALA A 1021 -31.81 -8.95 -0.01
N ASN A 1022 -30.65 -9.36 0.51
CA ASN A 1022 -30.19 -10.74 0.46
C ASN A 1022 -29.53 -11.03 1.80
N MET A 1023 -30.30 -11.64 2.69
CA MET A 1023 -29.92 -11.95 4.07
C MET A 1023 -29.05 -13.18 4.15
N LEU A 1024 -27.87 -13.11 3.53
CA LEU A 1024 -26.86 -14.16 3.44
C LEU A 1024 -25.72 -13.93 4.44
N ALA A 1025 -25.51 -14.88 5.36
CA ALA A 1025 -24.48 -14.78 6.39
C ALA A 1025 -23.80 -16.12 6.67
N ILE A 1026 -22.61 -16.08 7.31
CA ILE A 1026 -21.86 -17.26 7.71
C ILE A 1026 -22.41 -17.74 9.07
N VAL A 1027 -23.07 -18.89 9.08
CA VAL A 1027 -23.61 -19.51 10.31
C VAL A 1027 -22.77 -20.77 10.52
N ASP A 1028 -22.00 -20.82 11.61
CA ASP A 1028 -21.07 -21.92 11.92
C ASP A 1028 -20.24 -22.37 10.68
N GLY A 1029 -19.70 -21.38 9.95
CA GLY A 1029 -18.84 -21.63 8.80
C GLY A 1029 -19.52 -21.91 7.46
N VAL A 1030 -20.86 -21.92 7.43
CA VAL A 1030 -21.56 -22.19 6.17
C VAL A 1030 -22.44 -21.00 5.70
N PRO A 1031 -22.32 -20.61 4.40
CA PRO A 1031 -23.19 -19.54 3.86
C PRO A 1031 -24.66 -19.97 3.89
N ARG A 1032 -25.49 -19.18 4.59
CA ARG A 1032 -26.92 -19.44 4.80
C ARG A 1032 -27.80 -18.22 4.58
N THR A 1033 -28.95 -18.38 3.86
CA THR A 1033 -29.93 -17.31 3.64
C THR A 1033 -30.94 -17.47 4.79
N LEU A 1034 -31.03 -16.44 5.64
CA LEU A 1034 -31.82 -16.48 6.87
C LEU A 1034 -33.04 -15.58 6.92
N ARG A 1035 -33.98 -15.93 7.82
CA ARG A 1035 -35.19 -15.17 8.11
C ARG A 1035 -34.84 -14.29 9.30
N LEU A 1036 -35.64 -13.23 9.57
CA LEU A 1036 -35.41 -12.29 10.68
C LEU A 1036 -35.32 -13.01 12.02
N ASP A 1037 -36.20 -14.01 12.26
CA ASP A 1037 -36.21 -14.80 13.49
C ASP A 1037 -34.91 -15.59 13.66
N GLN A 1038 -34.38 -16.15 12.56
CA GLN A 1038 -33.12 -16.89 12.57
C GLN A 1038 -31.94 -15.96 12.89
N LEU A 1039 -31.92 -14.76 12.27
CA LEU A 1039 -30.90 -13.72 12.51
C LEU A 1039 -30.96 -13.27 13.98
N ILE A 1040 -32.18 -13.08 14.53
CA ILE A 1040 -32.41 -12.68 15.92
C ILE A 1040 -32.00 -13.80 16.90
N ARG A 1041 -32.41 -15.04 16.61
CA ARG A 1041 -32.13 -16.18 17.50
C ARG A 1041 -30.66 -16.53 17.57
N TYR A 1042 -29.97 -16.66 16.41
CA TYR A 1042 -28.53 -16.98 16.40
C TYR A 1042 -27.72 -15.96 17.19
N TYR A 1043 -28.18 -14.69 17.14
CA TYR A 1043 -27.58 -13.58 17.89
C TYR A 1043 -27.79 -13.79 19.39
N VAL A 1044 -29.04 -14.06 19.81
CA VAL A 1044 -29.42 -14.29 21.20
C VAL A 1044 -28.66 -15.51 21.76
N ASP A 1045 -28.48 -16.56 20.94
CA ASP A 1045 -27.72 -17.76 21.29
C ASP A 1045 -26.23 -17.43 21.55
N HIS A 1046 -25.66 -16.46 20.79
CA HIS A 1046 -24.29 -15.99 20.94
C HIS A 1046 -24.16 -15.19 22.25
N GLN A 1047 -25.19 -14.38 22.59
CA GLN A 1047 -25.22 -13.58 23.81
C GLN A 1047 -25.29 -14.45 25.05
N LEU A 1048 -25.99 -15.59 24.99
CA LEU A 1048 -26.10 -16.54 26.11
C LEU A 1048 -24.76 -17.27 26.30
N ASP A 1049 -24.08 -17.56 25.19
CA ASP A 1049 -22.77 -18.21 25.19
C ASP A 1049 -21.73 -17.28 25.83
N VAL A 1050 -21.81 -15.97 25.51
CA VAL A 1050 -20.90 -14.94 26.04
C VAL A 1050 -21.05 -14.80 27.56
N ILE A 1051 -22.29 -14.84 28.06
CA ILE A 1051 -22.58 -14.72 29.51
C ILE A 1051 -22.11 -15.96 30.31
N VAL A 1052 -22.32 -17.19 29.78
CA VAL A 1052 -21.87 -18.41 30.46
C VAL A 1052 -20.33 -18.48 30.51
N ARG A 1053 -19.65 -18.06 29.42
CA ARG A 1053 -18.18 -18.03 29.32
C ARG A 1053 -17.59 -16.92 30.21
N ARG A 1054 -18.33 -15.80 30.36
CA ARG A 1054 -17.90 -14.67 31.18
C ARG A 1054 -17.99 -15.04 32.65
N THR A 1055 -19.07 -15.75 33.03
CA THR A 1055 -19.31 -16.19 34.41
C THR A 1055 -18.29 -17.27 34.81
N THR A 1056 -17.95 -18.19 33.89
CA THR A 1056 -16.97 -19.25 34.09
C THR A 1056 -15.60 -18.66 34.37
N TYR A 1057 -15.10 -17.79 33.46
CA TYR A 1057 -13.81 -17.08 33.58
C TYR A 1057 -13.76 -16.33 34.92
N ARG A 1058 -14.78 -15.47 35.18
CA ARG A 1058 -14.88 -14.66 36.39
C ARG A 1058 -14.82 -15.49 37.67
N LEU A 1059 -15.46 -16.68 37.67
CA LEU A 1059 -15.47 -17.60 38.82
C LEU A 1059 -14.07 -18.20 39.03
N ARG A 1060 -13.42 -18.65 37.93
CA ARG A 1060 -12.07 -19.23 37.95
C ARG A 1060 -11.03 -18.23 38.48
N LYS A 1061 -11.07 -16.98 38.00
CA LYS A 1061 -10.13 -15.93 38.43
C LYS A 1061 -10.43 -15.40 39.83
N ALA A 1062 -11.69 -15.58 40.30
CA ALA A 1062 -12.11 -15.20 41.65
C ALA A 1062 -11.50 -16.21 42.63
N ASN A 1063 -11.57 -17.51 42.29
CA ASN A 1063 -11.01 -18.60 43.08
C ASN A 1063 -9.48 -18.50 43.09
N GLU A 1064 -8.89 -18.13 41.93
CA GLU A 1064 -7.45 -17.94 41.76
C GLU A 1064 -6.92 -16.82 42.64
N ARG A 1065 -7.62 -15.67 42.67
CA ARG A 1065 -7.28 -14.50 43.48
C ARG A 1065 -7.39 -14.84 44.96
N ALA A 1066 -8.52 -15.50 45.36
CA ALA A 1066 -8.82 -15.91 46.73
C ALA A 1066 -7.77 -16.86 47.29
N HIS A 1067 -7.27 -17.81 46.47
CA HIS A 1067 -6.23 -18.78 46.86
C HIS A 1067 -4.93 -18.04 47.24
N ILE A 1068 -4.57 -17.02 46.44
CA ILE A 1068 -3.40 -16.17 46.67
C ILE A 1068 -3.62 -15.30 47.91
N LEU A 1069 -4.82 -14.68 48.04
CA LEU A 1069 -5.22 -13.85 49.19
C LEU A 1069 -5.22 -14.63 50.51
N ARG A 1070 -5.61 -15.93 50.48
CA ARG A 1070 -5.61 -16.82 51.65
C ARG A 1070 -4.17 -17.02 52.16
N GLY A 1071 -3.22 -17.09 51.22
CA GLY A 1071 -1.80 -17.22 51.51
C GLY A 1071 -1.24 -15.97 52.16
N LEU A 1072 -1.59 -14.79 51.59
CA LEU A 1072 -1.16 -13.47 52.12
C LEU A 1072 -1.69 -13.29 53.55
N VAL A 1073 -2.98 -13.67 53.79
CA VAL A 1073 -3.64 -13.62 55.09
C VAL A 1073 -2.85 -14.47 56.12
N LYS A 1074 -2.47 -15.72 55.72
CA LYS A 1074 -1.66 -16.64 56.52
C LYS A 1074 -0.32 -16.00 56.93
N ALA A 1075 0.34 -15.31 55.96
CA ALA A 1075 1.61 -14.61 56.16
C ALA A 1075 1.45 -13.39 57.05
N LEU A 1076 0.32 -12.65 56.92
CA LEU A 1076 0.02 -11.46 57.73
C LEU A 1076 -0.20 -11.78 59.20
N ASP A 1077 -0.82 -12.93 59.48
CA ASP A 1077 -1.09 -13.42 60.82
C ASP A 1077 0.20 -13.87 61.51
N ALA A 1078 1.16 -14.39 60.72
CA ALA A 1078 2.45 -14.88 61.20
C ALA A 1078 3.63 -14.07 60.62
N LEU A 1079 3.49 -12.73 60.56
CA LEU A 1079 4.47 -11.79 59.98
C LEU A 1079 5.87 -11.83 60.59
N ASP A 1080 5.96 -11.81 61.94
CA ASP A 1080 7.24 -11.82 62.68
C ASP A 1080 8.10 -13.01 62.25
N GLU A 1081 7.50 -14.22 62.26
CA GLU A 1081 8.16 -15.48 61.90
C GLU A 1081 8.40 -15.62 60.40
N VAL A 1082 7.53 -15.02 59.55
CA VAL A 1082 7.66 -15.04 58.08
C VAL A 1082 8.89 -14.21 57.66
N ILE A 1083 9.01 -12.98 58.18
CA ILE A 1083 10.12 -12.05 57.94
C ILE A 1083 11.44 -12.65 58.46
N ALA A 1084 11.42 -13.18 59.72
CA ALA A 1084 12.56 -13.83 60.37
C ALA A 1084 13.07 -15.04 59.60
N LEU A 1085 12.16 -15.81 58.96
CA LEU A 1085 12.47 -16.99 58.15
C LEU A 1085 13.31 -16.60 56.92
N ILE A 1086 12.85 -15.57 56.16
CA ILE A 1086 13.52 -15.05 54.97
C ILE A 1086 14.89 -14.46 55.32
N ARG A 1087 14.95 -13.60 56.36
CA ARG A 1087 16.16 -12.94 56.84
C ARG A 1087 17.24 -13.94 57.25
N ALA A 1088 16.86 -15.03 57.96
CA ALA A 1088 17.79 -16.08 58.37
C ALA A 1088 18.25 -16.96 57.19
N SER A 1089 17.36 -17.15 56.19
CA SER A 1089 17.61 -17.96 54.99
C SER A 1089 18.78 -17.44 54.15
N GLU A 1090 19.52 -18.37 53.50
CA GLU A 1090 20.68 -18.07 52.66
C GLU A 1090 20.23 -17.55 51.29
N THR A 1091 19.55 -18.42 50.50
CA THR A 1091 19.04 -18.11 49.15
C THR A 1091 17.51 -18.00 49.16
N VAL A 1092 16.93 -17.50 48.05
CA VAL A 1092 15.48 -17.37 47.91
C VAL A 1092 14.80 -18.74 47.73
N ASP A 1093 15.52 -19.72 47.14
CA ASP A 1093 15.01 -21.07 46.93
C ASP A 1093 14.95 -21.88 48.21
N ILE A 1094 15.87 -21.62 49.16
CA ILE A 1094 15.84 -22.30 50.45
C ILE A 1094 14.83 -21.56 51.38
N ALA A 1095 14.44 -20.32 51.00
CA ALA A 1095 13.48 -19.49 51.72
C ALA A 1095 12.05 -19.92 51.38
N ARG A 1096 11.77 -20.26 50.11
CA ARG A 1096 10.46 -20.69 49.64
C ARG A 1096 10.00 -22.01 50.27
N ALA A 1097 10.92 -23.00 50.30
CA ALA A 1097 10.70 -24.33 50.87
C ALA A 1097 10.34 -24.28 52.36
N GLY A 1098 10.94 -23.33 53.08
CA GLY A 1098 10.68 -23.10 54.50
C GLY A 1098 9.34 -22.45 54.74
N LEU A 1099 8.96 -21.52 53.83
CA LEU A 1099 7.70 -20.77 53.85
C LEU A 1099 6.49 -21.69 53.59
N ILE A 1100 6.68 -22.71 52.72
CA ILE A 1100 5.67 -23.72 52.36
C ILE A 1100 5.39 -24.63 53.58
N GLU A 1101 6.42 -24.88 54.41
CA GLU A 1101 6.31 -25.71 55.60
C GLU A 1101 5.84 -24.92 56.82
N LEU A 1102 6.21 -23.62 56.91
CA LEU A 1102 5.83 -22.74 58.03
C LEU A 1102 4.31 -22.48 58.03
N LEU A 1103 3.78 -21.93 56.92
CA LEU A 1103 2.35 -21.68 56.72
C LEU A 1103 1.84 -22.84 55.87
N ASP A 1104 0.56 -23.24 56.03
CA ASP A 1104 0.00 -24.33 55.24
C ASP A 1104 -0.35 -23.82 53.84
N ILE A 1105 0.68 -23.68 52.98
CA ILE A 1105 0.60 -23.13 51.62
C ILE A 1105 1.37 -23.94 50.55
N ASP A 1106 1.18 -23.57 49.26
CA ASP A 1106 1.84 -24.18 48.10
C ASP A 1106 2.81 -23.20 47.41
N GLU A 1107 3.45 -23.63 46.30
CA GLU A 1107 4.41 -22.86 45.52
C GLU A 1107 3.88 -21.50 45.05
N ILE A 1108 2.65 -21.49 44.49
CA ILE A 1108 1.97 -20.30 43.96
C ILE A 1108 1.66 -19.29 45.07
N GLN A 1109 1.20 -19.78 46.23
CA GLN A 1109 0.87 -18.96 47.41
C GLN A 1109 2.13 -18.33 48.02
N ALA A 1110 3.23 -19.13 48.16
CA ALA A 1110 4.50 -18.72 48.74
C ALA A 1110 5.23 -17.66 47.91
N GLN A 1111 5.17 -17.77 46.57
CA GLN A 1111 5.80 -16.83 45.65
C GLN A 1111 5.19 -15.42 45.79
N ALA A 1112 3.85 -15.35 45.98
CA ALA A 1112 3.09 -14.10 46.17
C ALA A 1112 3.53 -13.36 47.44
N ILE A 1113 4.01 -14.10 48.46
CA ILE A 1113 4.51 -13.54 49.72
C ILE A 1113 5.93 -13.01 49.48
N LEU A 1114 6.72 -13.71 48.65
CA LEU A 1114 8.09 -13.31 48.31
C LEU A 1114 8.09 -12.04 47.44
N ASP A 1115 7.11 -11.95 46.54
CA ASP A 1115 6.90 -10.84 45.60
C ASP A 1115 6.12 -9.69 46.25
N MET A 1116 5.69 -9.88 47.52
CA MET A 1116 4.96 -8.89 48.29
C MET A 1116 5.96 -7.79 48.67
N GLN A 1117 5.63 -6.54 48.35
CA GLN A 1117 6.51 -5.40 48.64
C GLN A 1117 6.37 -4.95 50.10
N LEU A 1118 7.42 -4.29 50.63
CA LEU A 1118 7.49 -3.76 52.00
C LEU A 1118 6.36 -2.78 52.30
N ARG A 1119 5.92 -2.00 51.29
CA ARG A 1119 4.82 -1.04 51.39
C ARG A 1119 3.45 -1.68 51.72
N ARG A 1120 3.28 -2.99 51.42
CA ARG A 1120 2.06 -3.75 51.69
C ARG A 1120 1.93 -4.14 53.17
N LEU A 1121 3.04 -4.00 53.94
CA LEU A 1121 3.09 -4.33 55.37
C LEU A 1121 2.45 -3.22 56.24
N ALA A 1122 1.97 -2.14 55.60
CA ALA A 1122 1.28 -1.01 56.26
C ALA A 1122 -0.11 -1.49 56.71
N ALA A 1123 -0.56 -1.04 57.91
CA ALA A 1123 -1.85 -1.42 58.53
C ALA A 1123 -3.07 -1.44 57.57
N LEU A 1124 -3.32 -0.34 56.81
CA LEU A 1124 -4.44 -0.27 55.87
C LEU A 1124 -4.23 -1.22 54.68
N GLU A 1125 -2.96 -1.44 54.26
CA GLU A 1125 -2.64 -2.36 53.17
C GLU A 1125 -2.78 -3.81 53.59
N ARG A 1126 -2.49 -4.11 54.88
CA ARG A 1126 -2.66 -5.44 55.48
C ARG A 1126 -4.18 -5.70 55.54
N GLN A 1127 -4.97 -4.69 55.97
CA GLN A 1127 -6.42 -4.76 56.07
C GLN A 1127 -7.09 -4.85 54.72
N ARG A 1128 -6.51 -4.19 53.68
CA ARG A 1128 -7.00 -4.21 52.30
C ARG A 1128 -7.09 -5.66 51.81
N ILE A 1129 -6.04 -6.48 52.07
CA ILE A 1129 -5.94 -7.92 51.75
C ILE A 1129 -7.12 -8.68 52.38
N ILE A 1130 -7.35 -8.45 53.69
CA ILE A 1130 -8.42 -9.05 54.51
C ILE A 1130 -9.79 -8.68 53.92
N ASP A 1131 -10.00 -7.37 53.69
CA ASP A 1131 -11.24 -6.79 53.13
C ASP A 1131 -11.53 -7.31 51.71
N ASP A 1132 -10.48 -7.43 50.87
CA ASP A 1132 -10.59 -7.93 49.49
C ASP A 1132 -11.07 -9.37 49.42
N LEU A 1133 -10.54 -10.25 50.29
CA LEU A 1133 -10.88 -11.68 50.37
C LEU A 1133 -12.35 -11.92 50.79
N ALA A 1134 -12.84 -11.17 51.80
CA ALA A 1134 -14.20 -11.28 52.33
C ALA A 1134 -15.30 -10.98 51.30
N LYS A 1135 -14.97 -10.18 50.27
CA LYS A 1135 -15.91 -9.80 49.21
C LYS A 1135 -15.97 -10.87 48.11
N ILE A 1136 -14.83 -11.55 47.85
CA ILE A 1136 -14.67 -12.61 46.84
C ILE A 1136 -15.60 -13.81 47.12
N GLU A 1137 -15.81 -14.15 48.42
CA GLU A 1137 -16.69 -15.25 48.86
C GLU A 1137 -18.15 -15.05 48.43
N ALA A 1138 -18.69 -13.83 48.61
CA ALA A 1138 -20.05 -13.45 48.22
C ALA A 1138 -20.15 -13.38 46.69
N GLU A 1139 -19.06 -12.94 46.04
CA GLU A 1139 -18.92 -12.84 44.59
C GLU A 1139 -18.96 -14.23 43.96
N ILE A 1140 -18.31 -15.23 44.60
CA ILE A 1140 -18.26 -16.63 44.16
C ILE A 1140 -19.67 -17.23 44.18
N ALA A 1141 -20.41 -17.00 45.27
CA ALA A 1141 -21.78 -17.48 45.45
C ALA A 1141 -22.71 -16.96 44.35
N ASP A 1142 -22.57 -15.65 43.99
CA ASP A 1142 -23.37 -15.01 42.94
C ASP A 1142 -23.11 -15.64 41.58
N LEU A 1143 -21.81 -15.86 41.25
CA LEU A 1143 -21.38 -16.47 39.99
C LEU A 1143 -21.87 -17.91 39.85
N GLU A 1144 -21.80 -18.70 40.94
CA GLU A 1144 -22.27 -20.09 40.97
C GLU A 1144 -23.78 -20.17 40.85
N ASP A 1145 -24.50 -19.11 41.33
CA ASP A 1145 -25.95 -18.99 41.21
C ASP A 1145 -26.30 -18.81 39.73
N ILE A 1146 -25.59 -17.88 39.03
CA ILE A 1146 -25.75 -17.60 37.60
C ILE A 1146 -25.51 -18.87 36.76
N LEU A 1147 -24.42 -19.62 37.05
CA LEU A 1147 -24.09 -20.87 36.32
C LEU A 1147 -25.16 -21.95 36.49
N ALA A 1148 -25.85 -21.96 37.65
CA ALA A 1148 -26.92 -22.89 37.97
C ALA A 1148 -28.30 -22.40 37.50
N LYS A 1149 -28.45 -21.08 37.25
CA LYS A 1149 -29.72 -20.48 36.83
C LYS A 1149 -29.70 -19.93 35.38
N PRO A 1150 -30.25 -20.69 34.39
CA PRO A 1150 -30.31 -20.16 33.01
C PRO A 1150 -31.34 -19.03 32.85
N GLU A 1151 -32.08 -18.73 33.93
CA GLU A 1151 -33.08 -17.67 34.03
C GLU A 1151 -32.35 -16.37 34.35
N ARG A 1152 -31.30 -16.46 35.22
CA ARG A 1152 -30.43 -15.35 35.62
C ARG A 1152 -29.51 -14.96 34.44
N GLN A 1153 -29.06 -15.98 33.66
CA GLN A 1153 -28.22 -15.82 32.48
C GLN A 1153 -28.95 -14.97 31.43
N ARG A 1154 -30.25 -15.30 31.17
CA ARG A 1154 -31.12 -14.57 30.24
C ARG A 1154 -31.39 -13.16 30.76
N GLY A 1155 -31.45 -13.03 32.10
CA GLY A 1155 -31.65 -11.76 32.79
C GLY A 1155 -30.54 -10.76 32.54
N ILE A 1156 -29.26 -11.22 32.57
CA ILE A 1156 -28.07 -10.39 32.31
C ILE A 1156 -28.08 -9.88 30.87
N VAL A 1157 -28.45 -10.75 29.92
CA VAL A 1157 -28.54 -10.40 28.49
C VAL A 1157 -29.56 -9.25 28.32
N ARG A 1158 -30.76 -9.41 28.91
CA ARG A 1158 -31.85 -8.44 28.87
C ARG A 1158 -31.47 -7.11 29.53
N ASP A 1159 -31.03 -7.16 30.80
CA ASP A 1159 -30.65 -5.97 31.55
C ASP A 1159 -29.46 -5.23 30.96
N GLU A 1160 -28.39 -5.94 30.53
CA GLU A 1160 -27.21 -5.31 29.93
C GLU A 1160 -27.50 -4.67 28.56
N LEU A 1161 -28.42 -5.25 27.77
CA LEU A 1161 -28.81 -4.66 26.48
C LEU A 1161 -29.64 -3.41 26.72
N ALA A 1162 -30.58 -3.48 27.68
CA ALA A 1162 -31.45 -2.37 28.07
C ALA A 1162 -30.63 -1.14 28.46
N GLU A 1163 -29.45 -1.35 29.09
CA GLU A 1163 -28.51 -0.32 29.50
C GLU A 1163 -27.93 0.36 28.24
N ILE A 1164 -27.46 -0.46 27.25
CA ILE A 1164 -26.90 -0.04 25.95
C ILE A 1164 -27.95 0.75 25.14
N VAL A 1165 -29.21 0.28 25.13
CA VAL A 1165 -30.33 0.88 24.39
C VAL A 1165 -30.78 2.23 25.01
N ASP A 1166 -30.68 2.39 26.34
CA ASP A 1166 -31.05 3.65 26.99
C ASP A 1166 -30.03 4.73 26.64
N ARG A 1167 -28.73 4.36 26.67
CA ARG A 1167 -27.59 5.21 26.39
C ARG A 1167 -27.36 5.49 24.90
N HIS A 1168 -27.43 4.44 24.04
CA HIS A 1168 -27.13 4.52 22.61
C HIS A 1168 -28.32 4.41 21.65
N GLY A 1169 -29.49 4.00 22.15
CA GLY A 1169 -30.68 3.87 21.33
C GLY A 1169 -31.13 5.21 20.79
N ASP A 1170 -31.43 5.28 19.49
CA ASP A 1170 -31.86 6.53 18.87
C ASP A 1170 -33.15 6.42 18.08
N ASP A 1171 -33.66 7.59 17.66
CA ASP A 1171 -34.87 7.74 16.87
C ASP A 1171 -34.67 7.21 15.46
N ARG A 1172 -35.73 6.64 14.91
CA ARG A 1172 -35.79 6.10 13.54
C ARG A 1172 -35.55 7.24 12.54
N ARG A 1173 -34.63 7.04 11.60
CA ARG A 1173 -34.25 8.03 10.58
C ARG A 1173 -35.07 7.91 9.29
N THR A 1174 -35.22 6.66 8.78
CA THR A 1174 -35.95 6.37 7.56
C THR A 1174 -37.45 6.24 7.84
N ARG A 1175 -38.27 7.00 7.09
CA ARG A 1175 -39.72 6.96 7.25
C ARG A 1175 -40.33 5.97 6.28
N ILE A 1176 -41.22 5.11 6.79
CA ILE A 1176 -41.90 4.14 5.96
C ILE A 1176 -43.22 4.73 5.48
N ILE A 1177 -43.25 5.10 4.19
CA ILE A 1177 -44.42 5.65 3.52
C ILE A 1177 -45.10 4.52 2.71
N ALA A 1178 -46.39 4.66 2.39
CA ALA A 1178 -47.16 3.67 1.63
C ALA A 1178 -47.20 3.96 0.12
N ALA A 1179 -47.64 2.97 -0.68
CA ALA A 1179 -47.80 2.99 -2.15
C ALA A 1179 -46.53 3.37 -2.90
N ALA B 26 3.72 59.60 14.32
CA ALA B 26 2.74 60.01 13.30
C ALA B 26 2.40 58.86 12.35
N VAL B 27 3.42 58.32 11.63
CA VAL B 27 3.29 57.20 10.69
C VAL B 27 3.11 55.87 11.46
N ARG B 28 3.81 55.75 12.62
CA ARG B 28 3.83 54.60 13.53
C ARG B 28 2.44 54.04 13.89
N LYS B 29 1.40 54.89 13.86
CA LYS B 29 0.00 54.55 14.16
C LYS B 29 -0.53 53.50 13.15
N ARG B 30 -0.40 53.77 11.87
CA ARG B 30 -0.59 52.68 10.95
C ARG B 30 0.45 52.64 9.87
N PRO B 31 1.38 51.68 9.98
CA PRO B 31 2.42 51.44 9.01
C PRO B 31 1.76 51.34 7.66
N GLY B 32 0.80 50.43 7.53
CA GLY B 32 0.02 50.19 6.34
C GLY B 32 -0.12 51.25 5.28
N MET B 33 -0.90 52.30 5.54
CA MET B 33 -1.12 53.33 4.54
C MET B 33 0.15 53.89 4.02
N TYR B 34 1.26 53.38 4.50
CA TYR B 34 2.49 53.90 3.91
C TYR B 34 3.45 52.83 3.39
N ILE B 35 3.86 51.86 4.25
CA ILE B 35 4.84 50.83 3.90
C ILE B 35 4.22 49.50 3.34
N GLY B 36 2.88 49.40 3.36
CA GLY B 36 2.18 48.23 2.83
C GLY B 36 1.69 47.26 3.90
N SER B 37 2.64 46.52 4.51
CA SER B 37 2.36 45.56 5.58
C SER B 37 3.41 45.68 6.69
N THR B 38 3.12 45.11 7.88
CA THR B 38 4.06 45.11 9.01
C THR B 38 4.88 43.81 9.03
N GLY B 39 5.05 43.20 7.86
CA GLY B 39 5.80 41.97 7.66
C GLY B 39 6.92 42.12 6.64
N GLU B 40 7.16 41.06 5.83
CA GLU B 40 8.18 40.99 4.78
C GLU B 40 8.02 42.06 3.71
N ARG B 41 6.77 42.30 3.24
CA ARG B 41 6.49 43.30 2.20
C ARG B 41 6.91 44.69 2.65
N GLY B 42 6.51 45.09 3.86
CA GLY B 42 6.88 46.36 4.45
C GLY B 42 8.35 46.48 4.78
N LEU B 43 8.97 45.38 5.26
CA LEU B 43 10.39 45.31 5.62
C LEU B 43 11.27 45.56 4.39
N HIS B 44 10.92 44.93 3.25
CA HIS B 44 11.64 45.11 1.99
C HIS B 44 11.36 46.49 1.39
N HIS B 45 10.16 47.06 1.66
CA HIS B 45 9.74 48.40 1.20
C HIS B 45 10.58 49.51 1.85
N LEU B 46 11.27 49.21 2.97
CA LEU B 46 12.18 50.13 3.67
C LEU B 46 13.43 50.32 2.81
N ILE B 47 14.01 49.20 2.31
CA ILE B 47 15.20 49.17 1.45
C ILE B 47 14.91 49.87 0.12
N TRP B 48 13.77 49.49 -0.52
CA TRP B 48 13.33 50.03 -1.82
C TRP B 48 13.34 51.55 -1.88
N GLU B 49 12.75 52.24 -0.87
CA GLU B 49 12.69 53.71 -0.80
C GLU B 49 14.07 54.36 -0.71
N VAL B 50 14.95 53.82 0.16
CA VAL B 50 16.32 54.31 0.37
C VAL B 50 17.15 54.09 -0.91
N VAL B 51 16.99 52.91 -1.56
CA VAL B 51 17.68 52.57 -2.80
C VAL B 51 17.14 53.42 -3.97
N ASP B 52 15.81 53.70 -4.02
CA ASP B 52 15.17 54.50 -5.07
C ASP B 52 15.71 55.92 -5.18
N ASN B 53 15.82 56.66 -4.05
CA ASN B 53 16.36 58.03 -4.06
C ASN B 53 17.89 58.06 -4.28
N ALA B 54 18.57 56.93 -4.00
CA ALA B 54 20.02 56.77 -4.22
C ALA B 54 20.27 56.48 -5.70
N VAL B 55 19.36 55.71 -6.34
CA VAL B 55 19.41 55.37 -7.77
C VAL B 55 19.01 56.60 -8.60
N ASP B 56 18.12 57.46 -8.05
CA ASP B 56 17.66 58.72 -8.67
C ASP B 56 18.84 59.60 -9.12
N GLU B 57 20.00 59.46 -8.45
CA GLU B 57 21.25 60.16 -8.74
C GLU B 57 21.88 59.66 -10.04
N ALA B 58 21.87 58.33 -10.26
CA ALA B 58 22.42 57.68 -11.47
C ALA B 58 21.58 57.99 -12.71
N MET B 59 20.25 58.13 -12.53
CA MET B 59 19.29 58.49 -13.58
C MET B 59 19.52 59.94 -13.99
N ALA B 60 19.83 60.81 -13.00
CA ALA B 60 20.12 62.23 -13.17
C ALA B 60 21.52 62.43 -13.80
N GLY B 61 22.37 61.41 -13.66
CA GLY B 61 23.73 61.40 -14.20
C GLY B 61 24.79 61.95 -13.28
N TYR B 62 24.67 61.64 -11.97
CA TYR B 62 25.62 62.12 -10.96
C TYR B 62 26.27 60.98 -10.16
N ALA B 63 25.69 59.76 -10.20
CA ALA B 63 26.22 58.58 -9.51
C ALA B 63 26.57 57.45 -10.51
N THR B 64 27.65 56.70 -10.21
CA THR B 64 28.13 55.59 -11.04
C THR B 64 28.17 54.26 -10.28
N THR B 65 28.33 54.31 -8.93
CA THR B 65 28.38 53.12 -8.09
C THR B 65 27.47 53.22 -6.87
N VAL B 66 26.56 52.23 -6.71
CA VAL B 66 25.65 52.14 -5.57
C VAL B 66 25.96 50.85 -4.82
N ASN B 67 26.36 50.96 -3.55
CA ASN B 67 26.73 49.81 -2.72
C ASN B 67 25.75 49.58 -1.58
N VAL B 68 25.14 48.38 -1.54
CA VAL B 68 24.17 47.99 -0.51
C VAL B 68 24.79 46.94 0.42
N VAL B 69 24.73 47.20 1.74
CA VAL B 69 25.28 46.31 2.78
C VAL B 69 24.16 45.88 3.75
N LEU B 70 24.01 44.56 3.96
CA LEU B 70 23.03 43.99 4.89
C LEU B 70 23.80 43.58 6.15
N LEU B 71 23.52 44.26 7.28
CA LEU B 71 24.23 44.05 8.55
C LEU B 71 23.60 43.01 9.48
N GLU B 72 24.44 42.40 10.34
CA GLU B 72 24.06 41.37 11.31
C GLU B 72 23.16 41.90 12.44
N ASP B 73 23.18 43.22 12.70
CA ASP B 73 22.37 43.84 13.74
C ASP B 73 21.00 44.35 13.23
N GLY B 74 20.62 43.92 12.02
CA GLY B 74 19.36 44.30 11.38
C GLY B 74 19.40 45.62 10.66
N GLY B 75 20.61 46.09 10.36
CA GLY B 75 20.84 47.35 9.68
C GLY B 75 21.12 47.21 8.20
N VAL B 76 20.89 48.29 7.44
CA VAL B 76 21.10 48.34 5.98
C VAL B 76 21.89 49.62 5.63
N GLU B 77 23.06 49.45 4.97
CA GLU B 77 23.90 50.57 4.53
C GLU B 77 23.76 50.76 3.02
N VAL B 78 23.27 51.93 2.60
CA VAL B 78 23.08 52.30 1.18
C VAL B 78 24.03 53.46 0.86
N ALA B 79 25.13 53.16 0.15
CA ALA B 79 26.15 54.16 -0.22
C ALA B 79 26.17 54.46 -1.72
N ASP B 80 26.38 55.74 -2.06
CA ASP B 80 26.47 56.22 -3.45
C ASP B 80 27.57 57.28 -3.61
N ASP B 81 27.86 57.65 -4.88
CA ASP B 81 28.86 58.65 -5.23
C ASP B 81 28.23 59.80 -6.03
N GLY B 82 26.96 60.08 -5.74
CA GLY B 82 26.17 61.12 -6.41
C GLY B 82 26.54 62.53 -6.03
N ARG B 83 25.54 63.31 -5.61
CA ARG B 83 25.70 64.71 -5.20
C ARG B 83 25.68 64.86 -3.67
N GLY B 84 24.90 64.02 -3.01
CA GLY B 84 24.71 64.04 -1.57
C GLY B 84 23.46 64.79 -1.20
N ILE B 85 22.78 64.37 -0.11
CA ILE B 85 21.54 64.97 0.38
C ILE B 85 21.78 66.46 0.80
N PRO B 86 20.98 67.44 0.28
CA PRO B 86 21.25 68.86 0.62
C PRO B 86 21.37 69.17 2.11
N VAL B 87 22.58 69.61 2.52
CA VAL B 87 22.96 69.96 3.90
C VAL B 87 22.63 71.42 4.27
N ALA B 88 22.47 72.30 3.24
CA ALA B 88 22.17 73.72 3.37
C ALA B 88 20.89 74.02 4.16
N THR B 89 20.85 75.18 4.83
CA THR B 89 19.72 75.64 5.65
C THR B 89 18.47 75.86 4.80
N HIS B 90 17.41 75.10 5.12
CA HIS B 90 16.11 75.16 4.43
C HIS B 90 15.36 76.44 4.85
N ALA B 91 14.43 76.92 4.00
CA ALA B 91 13.61 78.12 4.18
C ALA B 91 12.87 78.22 5.52
N SER B 92 12.52 77.07 6.14
CA SER B 92 11.83 77.02 7.43
C SER B 92 12.72 77.45 8.61
N GLY B 93 13.95 76.92 8.66
CA GLY B 93 14.92 77.22 9.70
C GLY B 93 15.97 76.15 9.89
N ILE B 94 15.52 74.88 9.98
CA ILE B 94 16.37 73.69 10.16
C ILE B 94 17.01 73.26 8.80
N PRO B 95 18.16 72.54 8.77
CA PRO B 95 18.73 72.15 7.46
C PRO B 95 17.85 71.19 6.65
N THR B 96 18.02 71.20 5.31
CA THR B 96 17.26 70.40 4.33
C THR B 96 17.34 68.89 4.61
N VAL B 97 18.51 68.38 5.09
CA VAL B 97 18.75 66.97 5.45
C VAL B 97 17.71 66.44 6.45
N ASP B 98 17.33 67.28 7.44
CA ASP B 98 16.34 66.97 8.46
C ASP B 98 14.91 67.08 7.91
N VAL B 99 14.68 68.02 6.97
CA VAL B 99 13.37 68.27 6.34
C VAL B 99 12.90 67.04 5.52
N VAL B 100 13.81 66.44 4.72
CA VAL B 100 13.55 65.27 3.88
C VAL B 100 13.39 63.98 4.76
N MET B 101 14.10 63.93 5.91
CA MET B 101 14.11 62.79 6.83
C MET B 101 12.99 62.78 7.88
N THR B 102 12.50 63.96 8.32
CA THR B 102 11.44 64.02 9.34
C THR B 102 10.08 64.37 8.75
N GLN B 103 10.01 65.41 7.90
CA GLN B 103 8.77 65.84 7.26
C GLN B 103 8.46 65.05 5.99
N LEU B 104 7.17 64.70 5.80
CA LEU B 104 6.66 63.93 4.66
C LEU B 104 6.77 64.68 3.33
N HIS B 105 6.85 63.93 2.21
CA HIS B 105 6.97 64.40 0.83
C HIS B 105 8.25 65.20 0.58
N GLY B 125 7.99 57.87 0.56
CA GLY B 125 9.05 58.79 0.95
C GLY B 125 10.05 58.20 1.92
N VAL B 126 11.28 58.75 1.94
CA VAL B 126 12.38 58.33 2.82
C VAL B 126 12.14 58.74 4.31
N SER B 127 11.24 59.72 4.54
CA SER B 127 10.86 60.18 5.88
C SER B 127 10.11 59.08 6.64
N VAL B 128 9.38 58.22 5.90
CA VAL B 128 8.63 57.06 6.41
C VAL B 128 9.63 55.99 6.91
N VAL B 129 10.77 55.85 6.20
CA VAL B 129 11.84 54.90 6.55
C VAL B 129 12.39 55.26 7.93
N ASN B 130 12.64 56.57 8.18
CA ASN B 130 13.10 57.09 9.47
C ASN B 130 12.02 56.93 10.53
N ALA B 131 10.74 57.15 10.14
CA ALA B 131 9.56 57.04 11.01
C ALA B 131 9.32 55.62 11.53
N LEU B 132 9.70 54.60 10.75
CA LEU B 132 9.54 53.19 11.14
C LEU B 132 10.89 52.50 11.42
N SER B 133 11.85 53.29 11.96
CA SER B 133 13.18 52.81 12.32
C SER B 133 13.59 53.35 13.68
N THR B 134 14.31 52.53 14.45
CA THR B 134 14.81 52.88 15.79
C THR B 134 15.98 53.87 15.71
N ARG B 135 16.85 53.72 14.68
CA ARG B 135 18.04 54.56 14.49
C ARG B 135 18.36 54.72 13.00
N LEU B 136 18.60 55.98 12.57
CA LEU B 136 18.96 56.33 11.18
C LEU B 136 20.19 57.25 11.18
N GLU B 137 21.25 56.84 10.48
CA GLU B 137 22.50 57.58 10.33
C GLU B 137 22.67 58.01 8.88
N VAL B 138 23.23 59.21 8.67
CA VAL B 138 23.47 59.77 7.33
C VAL B 138 24.86 60.42 7.23
N GLU B 139 25.70 59.88 6.35
CA GLU B 139 27.07 60.35 6.09
C GLU B 139 27.10 61.01 4.71
N ILE B 140 26.85 62.34 4.68
CA ILE B 140 26.79 63.13 3.45
C ILE B 140 28.12 63.83 3.14
N LYS B 141 28.51 63.79 1.87
CA LYS B 141 29.70 64.46 1.34
C LYS B 141 29.22 65.47 0.28
N ARG B 142 28.98 66.72 0.73
CA ARG B 142 28.46 67.82 -0.09
C ARG B 142 29.14 69.14 0.32
N ASP B 143 29.33 70.05 -0.67
CA ASP B 143 29.95 71.39 -0.53
C ASP B 143 31.44 71.34 -0.10
N GLY B 144 32.09 70.20 -0.37
CA GLY B 144 33.50 69.96 -0.06
C GLY B 144 33.83 69.67 1.39
N TYR B 145 32.93 68.95 2.11
CA TYR B 145 33.09 68.58 3.52
C TYR B 145 32.42 67.21 3.85
N GLU B 146 32.79 66.61 5.00
CA GLU B 146 32.26 65.32 5.47
C GLU B 146 31.27 65.50 6.64
N TRP B 147 29.98 65.69 6.30
CA TRP B 147 28.90 65.88 7.26
C TRP B 147 28.51 64.56 7.96
N SER B 148 27.93 64.66 9.18
CA SER B 148 27.51 63.49 9.97
C SER B 148 26.27 63.82 10.82
N GLN B 149 25.20 63.02 10.68
CA GLN B 149 23.94 63.20 11.41
C GLN B 149 23.32 61.86 11.83
N VAL B 150 22.94 61.76 13.13
CA VAL B 150 22.33 60.58 13.74
C VAL B 150 20.91 60.91 14.25
N TYR B 151 19.91 60.09 13.86
CA TYR B 151 18.51 60.22 14.24
C TYR B 151 18.16 59.14 15.26
N GLU B 152 17.83 59.55 16.50
CA GLU B 152 17.46 58.63 17.58
C GLU B 152 15.94 58.58 17.68
N LYS B 153 15.34 57.44 17.25
CA LYS B 153 13.89 57.20 17.20
C LYS B 153 13.16 58.28 16.39
N SER B 154 13.66 58.53 15.15
CA SER B 154 13.20 59.50 14.14
C SER B 154 13.59 60.97 14.42
N GLU B 155 13.74 61.34 15.70
CA GLU B 155 14.10 62.70 16.14
C GLU B 155 15.57 63.03 15.83
N PRO B 156 15.86 64.20 15.20
CA PRO B 156 17.27 64.54 14.90
C PRO B 156 18.06 64.96 16.14
N LEU B 157 19.39 64.74 16.12
CA LEU B 157 20.28 65.08 17.22
C LEU B 157 21.21 66.26 16.89
N GLY B 158 21.63 66.37 15.63
CA GLY B 158 22.50 67.45 15.17
C GLY B 158 23.40 67.10 13.99
N LEU B 159 23.55 68.06 13.06
CA LEU B 159 24.38 67.94 11.86
C LEU B 159 25.81 68.40 12.16
N LYS B 160 26.74 67.43 12.30
CA LYS B 160 28.15 67.66 12.62
C LYS B 160 28.98 67.83 11.35
N GLN B 161 29.80 68.91 11.28
CA GLN B 161 30.67 69.19 10.15
C GLN B 161 32.08 68.64 10.43
N GLY B 162 32.56 67.80 9.51
CA GLY B 162 33.87 67.15 9.62
C GLY B 162 34.90 67.59 8.62
N ALA B 163 35.82 66.67 8.28
CA ALA B 163 36.97 66.84 7.37
C ALA B 163 36.59 67.29 5.95
N PRO B 164 37.33 68.25 5.34
CA PRO B 164 37.00 68.69 3.98
C PRO B 164 37.52 67.74 2.90
N THR B 165 36.63 67.34 1.96
CA THR B 165 36.98 66.45 0.83
C THR B 165 36.18 66.83 -0.43
N LYS B 166 36.88 66.95 -1.58
CA LYS B 166 36.34 67.34 -2.89
C LYS B 166 35.30 66.38 -3.48
N LYS B 167 35.38 65.07 -3.13
CA LYS B 167 34.45 64.05 -3.64
C LYS B 167 33.03 64.18 -3.07
N THR B 168 32.01 63.84 -3.89
CA THR B 168 30.59 63.93 -3.54
C THR B 168 29.89 62.56 -3.48
N GLY B 169 28.80 62.51 -2.71
CA GLY B 169 27.99 61.32 -2.50
C GLY B 169 27.28 61.33 -1.15
N SER B 170 26.53 60.26 -0.86
CA SER B 170 25.80 60.09 0.40
C SER B 170 25.67 58.63 0.83
N THR B 171 25.70 58.38 2.15
CA THR B 171 25.60 57.04 2.75
C THR B 171 24.49 57.03 3.83
N VAL B 172 23.48 56.14 3.66
CA VAL B 172 22.34 56.00 4.58
C VAL B 172 22.39 54.65 5.32
N ARG B 173 22.33 54.69 6.66
CA ARG B 173 22.34 53.52 7.55
C ARG B 173 21.08 53.51 8.40
N PHE B 174 20.25 52.45 8.31
CA PHE B 174 19.02 52.38 9.11
C PHE B 174 18.79 51.01 9.74
N TRP B 175 18.26 51.01 10.97
CA TRP B 175 17.92 49.81 11.73
C TRP B 175 16.41 49.77 11.92
N ALA B 176 15.75 48.82 11.25
CA ALA B 176 14.29 48.64 11.29
C ALA B 176 13.76 48.47 12.71
N ASP B 177 12.58 49.07 12.99
CA ASP B 177 11.93 49.03 14.30
C ASP B 177 11.40 47.61 14.62
N PRO B 178 11.94 46.93 15.66
CA PRO B 178 11.46 45.56 15.97
C PRO B 178 10.04 45.53 16.55
N ALA B 179 9.61 46.62 17.20
CA ALA B 179 8.29 46.78 17.80
C ALA B 179 7.18 46.93 16.75
N VAL B 180 7.53 47.45 15.56
CA VAL B 180 6.61 47.68 14.44
C VAL B 180 6.48 46.42 13.54
N PHE B 181 7.63 45.92 13.05
CA PHE B 181 7.71 44.78 12.14
C PHE B 181 7.63 43.42 12.82
N GLU B 182 6.96 42.47 12.17
CA GLU B 182 6.77 41.08 12.59
C GLU B 182 8.07 40.29 12.45
N THR B 183 8.91 40.67 11.47
CA THR B 183 10.26 40.12 11.20
C THR B 183 11.18 41.25 10.77
N THR B 184 12.46 41.16 11.14
CA THR B 184 13.47 42.14 10.79
C THR B 184 14.54 41.54 9.85
N GLU B 185 14.42 40.23 9.55
CA GLU B 185 15.34 39.48 8.68
C GLU B 185 15.04 39.78 7.20
N TYR B 186 15.98 40.46 6.52
CA TYR B 186 15.86 40.80 5.10
C TYR B 186 16.22 39.59 4.24
N ASP B 187 15.56 39.43 3.08
CA ASP B 187 15.86 38.34 2.16
C ASP B 187 16.88 38.81 1.12
N PHE B 188 18.04 38.13 1.07
CA PHE B 188 19.13 38.45 0.15
C PHE B 188 18.73 38.30 -1.33
N GLU B 189 18.08 37.17 -1.66
CA GLU B 189 17.64 36.81 -3.01
C GLU B 189 16.73 37.87 -3.63
N THR B 190 15.78 38.43 -2.85
CA THR B 190 14.84 39.48 -3.26
C THR B 190 15.58 40.79 -3.56
N VAL B 191 16.51 41.18 -2.66
CA VAL B 191 17.31 42.40 -2.80
C VAL B 191 18.21 42.31 -4.05
N ALA B 192 18.96 41.20 -4.19
CA ALA B 192 19.85 40.96 -5.32
C ALA B 192 19.13 40.98 -6.67
N ARG B 193 17.91 40.39 -6.72
CA ARG B 193 17.06 40.30 -7.91
C ARG B 193 16.63 41.67 -8.43
N ARG B 194 16.31 42.60 -7.51
CA ARG B 194 15.89 43.97 -7.84
C ARG B 194 17.07 44.84 -8.25
N LEU B 195 18.24 44.64 -7.61
CA LEU B 195 19.47 45.38 -7.91
C LEU B 195 20.00 45.01 -9.29
N GLN B 196 20.05 43.68 -9.60
CA GLN B 196 20.47 43.13 -10.91
C GLN B 196 19.60 43.79 -12.01
N GLU B 197 18.29 43.94 -11.70
CA GLU B 197 17.27 44.56 -12.53
C GLU B 197 17.52 46.07 -12.66
N MET B 198 17.90 46.75 -11.55
CA MET B 198 18.18 48.19 -11.52
C MET B 198 19.46 48.53 -12.28
N ALA B 199 20.42 47.59 -12.32
CA ALA B 199 21.68 47.71 -13.04
C ALA B 199 21.43 47.54 -14.55
N PHE B 200 20.40 46.76 -14.93
CA PHE B 200 20.01 46.54 -16.32
C PHE B 200 19.40 47.82 -16.92
N LEU B 201 18.66 48.58 -16.09
CA LEU B 201 17.99 49.81 -16.50
C LEU B 201 18.93 51.03 -16.55
N ASN B 202 20.08 50.97 -15.85
CA ASN B 202 21.07 52.05 -15.84
C ASN B 202 22.45 51.53 -16.29
N LYS B 203 22.83 51.84 -17.55
CA LYS B 203 24.09 51.44 -18.21
C LYS B 203 25.36 51.79 -17.44
N GLY B 204 25.43 53.04 -16.96
CA GLY B 204 26.59 53.55 -16.24
C GLY B 204 26.63 53.27 -14.75
N LEU B 205 25.65 52.50 -14.25
CA LEU B 205 25.58 52.18 -12.83
C LEU B 205 26.04 50.76 -12.51
N THR B 206 26.88 50.64 -11.47
CA THR B 206 27.41 49.37 -10.95
C THR B 206 26.88 49.19 -9.53
N ILE B 207 26.24 48.03 -9.26
CA ILE B 207 25.68 47.75 -7.93
C ILE B 207 26.45 46.61 -7.25
N ASN B 208 26.95 46.87 -6.03
CA ASN B 208 27.72 45.93 -5.21
C ASN B 208 26.96 45.58 -3.93
N LEU B 209 26.34 44.39 -3.89
CA LEU B 209 25.58 43.92 -2.73
C LEU B 209 26.46 43.06 -1.81
N THR B 210 26.35 43.29 -0.50
CA THR B 210 27.09 42.56 0.53
C THR B 210 26.15 42.12 1.66
N ASP B 211 26.22 40.85 2.06
CA ASP B 211 25.40 40.26 3.12
C ASP B 211 26.32 39.74 4.21
N GLU B 212 26.25 40.37 5.40
CA GLU B 212 27.08 40.03 6.58
C GLU B 212 26.52 38.89 7.41
N ARG B 213 25.19 38.66 7.34
CA ARG B 213 24.46 37.60 8.07
C ARG B 213 24.75 36.25 7.41
N VAL B 214 26.05 35.88 7.41
CA VAL B 214 26.62 34.70 6.79
C VAL B 214 27.68 34.09 7.71
N THR B 215 27.59 32.76 7.92
CA THR B 215 28.54 31.96 8.70
C THR B 215 29.72 31.66 7.76
N GLN B 216 30.94 31.48 8.31
CA GLN B 216 32.16 31.24 7.52
C GLN B 216 32.19 29.88 6.75
N ASP B 217 31.17 29.03 6.95
CA ASP B 217 31.02 27.72 6.28
C ASP B 217 29.80 27.67 5.32
N GLU B 218 28.96 28.73 5.31
CA GLU B 218 27.75 28.87 4.49
C GLU B 218 28.05 28.98 3.00
N VAL B 219 27.19 28.39 2.15
CA VAL B 219 27.31 28.43 0.69
C VAL B 219 26.87 29.84 0.26
N VAL B 220 27.79 30.62 -0.34
CA VAL B 220 27.56 32.02 -0.72
C VAL B 220 27.66 32.30 -2.24
N ASP B 221 28.36 31.42 -3.00
CA ASP B 221 28.56 31.58 -4.44
C ASP B 221 27.27 31.39 -5.25
N GLU B 222 27.05 32.27 -6.24
CA GLU B 222 25.90 32.24 -7.14
C GLU B 222 25.97 31.02 -8.05
N VAL B 223 27.20 30.64 -8.45
CA VAL B 223 27.50 29.46 -9.26
C VAL B 223 28.20 28.46 -8.34
N VAL B 224 27.43 27.51 -7.79
CA VAL B 224 27.91 26.48 -6.86
C VAL B 224 28.57 25.35 -7.67
N SER B 225 29.83 25.01 -7.34
CA SER B 225 30.57 23.95 -8.03
C SER B 225 30.01 22.57 -7.71
N ASP B 226 30.11 21.65 -8.68
CA ASP B 226 29.65 20.25 -8.58
C ASP B 226 30.80 19.33 -8.08
N VAL B 227 31.92 19.96 -7.70
CA VAL B 227 33.14 19.33 -7.16
C VAL B 227 33.46 19.92 -5.78
N ALA B 228 34.24 19.18 -4.97
CA ALA B 228 34.65 19.59 -3.63
C ALA B 228 35.70 20.71 -3.63
N GLU B 229 35.80 21.43 -2.49
CA GLU B 229 36.76 22.50 -2.26
C GLU B 229 38.15 21.87 -2.17
N ALA B 230 39.18 22.58 -2.67
CA ALA B 230 40.57 22.11 -2.65
C ALA B 230 41.05 21.97 -1.19
N PRO B 231 41.93 20.97 -0.86
CA PRO B 231 42.38 20.82 0.54
C PRO B 231 43.23 22.00 1.01
N LYS B 232 42.72 22.70 2.05
CA LYS B 232 43.37 23.87 2.63
C LYS B 232 44.51 23.49 3.59
N SER B 233 45.63 24.23 3.51
CA SER B 233 46.77 24.04 4.41
C SER B 233 46.43 24.70 5.75
N ALA B 234 47.01 24.20 6.86
CA ALA B 234 46.77 24.71 8.22
C ALA B 234 46.91 26.24 8.33
N SER B 235 47.82 26.82 7.51
CA SER B 235 48.11 28.26 7.42
C SER B 235 46.89 29.06 6.95
N GLU B 236 46.42 28.80 5.71
CA GLU B 236 45.29 29.52 5.08
C GLU B 236 43.94 29.32 5.82
N ARG B 237 43.78 28.23 6.60
CA ARG B 237 42.56 28.00 7.38
C ARG B 237 42.59 28.88 8.65
N ALA B 238 43.77 28.98 9.30
CA ALA B 238 43.98 29.77 10.51
C ALA B 238 44.04 31.27 10.25
N ALA B 239 44.60 31.69 9.08
CA ALA B 239 44.73 33.09 8.67
C ALA B 239 43.39 33.78 8.41
N GLU B 240 42.36 33.01 8.02
CA GLU B 240 41.02 33.51 7.73
C GLU B 240 40.22 33.84 9.00
N SER B 241 40.40 33.04 10.08
CA SER B 241 39.74 33.24 11.37
C SER B 241 40.22 34.51 12.09
N THR B 242 41.42 35.02 11.71
CA THR B 242 42.04 36.23 12.25
C THR B 242 41.86 37.37 11.24
N LYS B 246 33.46 35.93 7.03
CA LYS B 246 33.09 35.85 5.61
C LYS B 246 31.77 36.58 5.31
N VAL B 247 31.68 37.18 4.10
CA VAL B 247 30.52 37.95 3.63
C VAL B 247 30.09 37.55 2.20
N LYS B 248 28.76 37.29 2.00
CA LYS B 248 28.14 36.94 0.71
C LYS B 248 28.05 38.20 -0.15
N SER B 249 28.74 38.21 -1.30
CA SER B 249 28.77 39.39 -2.18
C SER B 249 28.49 39.09 -3.65
N ARG B 250 27.81 40.05 -4.33
CA ARG B 250 27.44 39.99 -5.75
C ARG B 250 27.70 41.36 -6.42
N THR B 251 28.06 41.35 -7.71
CA THR B 251 28.31 42.57 -8.48
C THR B 251 27.46 42.58 -9.75
N PHE B 252 26.83 43.72 -10.06
CA PHE B 252 26.00 43.88 -11.26
C PHE B 252 26.36 45.14 -12.02
N HIS B 253 26.90 44.96 -13.24
CA HIS B 253 27.26 46.04 -14.18
C HIS B 253 27.01 45.55 -15.61
N TYR B 254 26.03 46.20 -16.27
CA TYR B 254 25.64 45.83 -17.62
C TYR B 254 25.81 47.01 -18.58
N PRO B 255 26.94 47.06 -19.33
CA PRO B 255 27.16 48.19 -20.27
C PRO B 255 26.13 48.21 -21.40
N GLY B 256 25.69 47.02 -21.82
CA GLY B 256 24.68 46.83 -22.87
C GLY B 256 23.28 47.31 -22.53
N GLY B 257 23.05 47.58 -21.25
CA GLY B 257 21.78 48.07 -20.74
C GLY B 257 20.67 47.05 -20.86
N LEU B 258 19.65 47.37 -21.67
CA LEU B 258 18.50 46.50 -21.88
C LEU B 258 18.77 45.33 -22.83
N VAL B 259 19.91 45.39 -23.58
CA VAL B 259 20.35 44.32 -24.49
C VAL B 259 20.85 43.15 -23.64
N ASP B 260 21.53 43.48 -22.52
CA ASP B 260 22.04 42.53 -21.53
C ASP B 260 20.88 41.90 -20.74
N PHE B 261 19.79 42.68 -20.58
CA PHE B 261 18.55 42.26 -19.91
C PHE B 261 17.86 41.21 -20.76
N VAL B 262 17.70 41.48 -22.08
CA VAL B 262 17.07 40.58 -23.06
C VAL B 262 17.90 39.29 -23.22
N LYS B 263 19.25 39.41 -23.17
CA LYS B 263 20.20 38.30 -23.22
C LYS B 263 19.98 37.42 -21.99
N HIS B 264 19.75 38.05 -20.81
CA HIS B 264 19.50 37.38 -19.54
C HIS B 264 18.16 36.61 -19.56
N ILE B 265 17.09 37.23 -20.12
CA ILE B 265 15.76 36.60 -20.20
C ILE B 265 15.82 35.41 -21.16
N ASN B 266 16.46 35.59 -22.33
CA ASN B 266 16.62 34.57 -23.37
C ASN B 266 17.91 33.73 -23.20
N ARG B 267 18.32 33.49 -21.95
CA ARG B 267 19.47 32.64 -21.62
C ARG B 267 18.91 31.21 -21.48
N THR B 268 17.87 31.04 -20.64
CA THR B 268 17.18 29.78 -20.39
C THR B 268 16.30 29.41 -21.59
N LYS B 269 15.76 30.43 -22.29
CA LYS B 269 14.92 30.29 -23.49
C LYS B 269 15.84 30.27 -24.73
N ASN B 270 15.42 29.58 -25.81
CA ASN B 270 16.25 29.45 -27.01
C ASN B 270 15.94 30.50 -28.09
N ALA B 271 16.76 31.57 -28.13
CA ALA B 271 16.64 32.68 -29.08
C ALA B 271 16.72 32.23 -30.55
N ILE B 272 15.69 32.60 -31.35
CA ILE B 272 15.61 32.22 -32.77
C ILE B 272 16.63 33.02 -33.61
N HIS B 273 16.56 34.35 -33.51
CA HIS B 273 17.43 35.26 -34.25
C HIS B 273 18.59 35.76 -33.41
N SER B 274 19.81 35.72 -33.97
CA SER B 274 21.04 36.16 -33.31
C SER B 274 21.33 37.65 -33.56
N SER B 275 20.35 38.51 -33.23
CA SER B 275 20.40 39.97 -33.37
C SER B 275 19.30 40.61 -32.52
N ILE B 276 19.69 41.20 -31.37
CA ILE B 276 18.76 41.87 -30.45
C ILE B 276 18.48 43.29 -30.97
N VAL B 277 17.19 43.67 -31.03
CA VAL B 277 16.73 45.00 -31.45
C VAL B 277 17.11 45.98 -30.33
N ASP B 278 17.67 47.15 -30.68
CA ASP B 278 18.04 48.16 -29.71
C ASP B 278 17.84 49.56 -30.29
N PHE B 279 16.94 50.34 -29.67
CA PHE B 279 16.64 51.71 -30.09
C PHE B 279 16.18 52.59 -28.94
N SER B 280 16.30 53.91 -29.14
CA SER B 280 15.90 54.93 -28.17
C SER B 280 15.14 56.07 -28.86
N GLY B 281 14.43 56.85 -28.04
CA GLY B 281 13.65 58.01 -28.48
C GLY B 281 13.58 59.06 -27.40
N LYS B 282 13.81 60.32 -27.76
CA LYS B 282 13.76 61.44 -26.82
C LYS B 282 12.60 62.37 -27.16
N GLY B 283 11.81 62.69 -26.15
CA GLY B 283 10.65 63.58 -26.27
C GLY B 283 10.86 64.92 -25.60
N THR B 284 9.76 65.61 -25.28
CA THR B 284 9.79 66.92 -24.62
C THR B 284 10.12 66.76 -23.13
N GLY B 285 9.27 66.05 -22.40
CA GLY B 285 9.46 65.76 -20.98
C GLY B 285 9.55 64.28 -20.70
N HIS B 286 9.98 63.50 -21.70
CA HIS B 286 10.11 62.05 -21.64
C HIS B 286 11.29 61.51 -22.48
N GLU B 287 11.64 60.24 -22.24
CA GLU B 287 12.73 59.50 -22.90
C GLU B 287 12.38 57.99 -22.85
N VAL B 288 12.63 57.26 -23.95
CA VAL B 288 12.34 55.83 -24.05
C VAL B 288 13.56 55.00 -24.53
N GLU B 289 13.63 53.73 -24.11
CA GLU B 289 14.65 52.77 -24.51
C GLU B 289 13.99 51.38 -24.57
N ILE B 290 14.03 50.74 -25.76
CA ILE B 290 13.40 49.43 -25.99
C ILE B 290 14.38 48.42 -26.59
N ALA B 291 14.40 47.19 -26.04
CA ALA B 291 15.20 46.08 -26.51
C ALA B 291 14.33 44.83 -26.57
N MET B 292 14.41 44.05 -27.66
CA MET B 292 13.58 42.85 -27.87
C MET B 292 14.22 41.76 -28.74
N GLN B 293 13.92 40.47 -28.43
CA GLN B 293 14.39 39.29 -29.14
C GLN B 293 13.45 38.12 -28.88
N TRP B 294 13.03 37.45 -29.96
CA TRP B 294 12.13 36.29 -29.91
C TRP B 294 12.88 35.00 -29.55
N ASN B 295 12.16 34.06 -28.91
CA ASN B 295 12.67 32.75 -28.50
C ASN B 295 11.77 31.61 -29.01
N ALA B 296 12.28 30.38 -28.97
CA ALA B 296 11.59 29.15 -29.40
C ALA B 296 10.40 28.80 -28.49
N GLY B 297 10.39 29.36 -27.28
CA GLY B 297 9.36 29.16 -26.28
C GLY B 297 7.97 29.66 -26.63
N TYR B 298 6.99 29.37 -25.75
CA TYR B 298 5.58 29.76 -25.96
C TYR B 298 5.03 30.56 -24.77
N SER B 299 5.71 31.68 -24.46
CA SER B 299 5.35 32.59 -23.37
C SER B 299 5.80 34.02 -23.66
N GLU B 300 5.03 35.00 -23.18
CA GLU B 300 5.31 36.43 -23.34
C GLU B 300 6.13 36.96 -22.14
N SER B 301 7.39 37.35 -22.39
CA SER B 301 8.26 37.90 -21.36
C SER B 301 8.60 39.38 -21.64
N VAL B 302 7.56 40.22 -21.64
CA VAL B 302 7.64 41.66 -21.88
C VAL B 302 7.53 42.40 -20.55
N HIS B 303 8.61 43.09 -20.13
CA HIS B 303 8.68 43.82 -18.88
C HIS B 303 8.77 45.30 -19.13
N THR B 304 7.86 46.05 -18.52
CA THR B 304 7.76 47.49 -18.72
C THR B 304 8.10 48.23 -17.41
N PHE B 305 8.82 49.35 -17.56
CA PHE B 305 9.32 50.19 -16.45
C PHE B 305 9.15 51.68 -16.72
N ALA B 306 8.84 52.45 -15.66
CA ALA B 306 8.70 53.90 -15.72
C ALA B 306 9.51 54.50 -14.57
N ASN B 307 10.59 55.25 -14.90
CA ASN B 307 11.54 55.86 -13.97
C ASN B 307 12.12 54.80 -13.02
N THR B 308 12.62 53.69 -13.62
CA THR B 308 13.20 52.47 -13.02
C THR B 308 12.14 51.58 -12.29
N ILE B 309 11.00 52.17 -11.82
CA ILE B 309 9.92 51.45 -11.13
C ILE B 309 9.23 50.47 -12.10
N ASN B 310 9.05 49.20 -11.69
CA ASN B 310 8.42 48.20 -12.53
C ASN B 310 6.92 48.41 -12.63
N THR B 311 6.45 48.77 -13.83
CA THR B 311 5.05 49.00 -14.11
C THR B 311 4.39 47.68 -14.54
N HIS B 312 4.20 46.75 -13.57
CA HIS B 312 3.59 45.44 -13.81
C HIS B 312 2.16 45.52 -14.35
N GLU B 313 1.39 46.57 -13.99
CA GLU B 313 0.03 46.78 -14.48
C GLU B 313 0.04 47.32 -15.92
N GLY B 314 1.23 47.64 -16.42
CA GLY B 314 1.46 48.17 -17.76
C GLY B 314 1.16 49.65 -17.85
N GLY B 315 0.39 50.01 -18.87
CA GLY B 315 -0.01 51.39 -19.08
C GLY B 315 0.22 51.94 -20.47
N THR B 316 0.18 53.27 -20.56
CA THR B 316 0.30 54.11 -21.75
C THR B 316 1.53 53.75 -22.62
N HIS B 317 2.69 53.52 -21.99
CA HIS B 317 3.95 53.16 -22.64
C HIS B 317 3.92 51.74 -23.21
N GLU B 318 3.35 50.77 -22.45
CA GLU B 318 3.22 49.38 -22.88
C GLU B 318 2.22 49.28 -24.04
N GLU B 319 1.09 50.01 -23.93
CA GLU B 319 0.03 50.07 -24.95
C GLU B 319 0.51 50.71 -26.25
N GLY B 320 1.39 51.71 -26.14
CA GLY B 320 1.98 52.41 -27.27
C GLY B 320 2.92 51.52 -28.06
N PHE B 321 3.63 50.63 -27.35
CA PHE B 321 4.53 49.64 -27.90
C PHE B 321 3.74 48.52 -28.58
N ARG B 322 2.75 47.94 -27.84
CA ARG B 322 1.87 46.85 -28.27
C ARG B 322 1.18 47.14 -29.59
N SER B 323 0.51 48.31 -29.70
CA SER B 323 -0.22 48.78 -30.87
C SER B 323 0.73 48.93 -32.07
N ALA B 324 1.93 49.51 -31.84
CA ALA B 324 2.94 49.74 -32.85
C ALA B 324 3.61 48.44 -33.33
N LEU B 325 3.76 47.45 -32.43
CA LEU B 325 4.34 46.14 -32.76
C LEU B 325 3.44 45.38 -33.74
N THR B 326 2.11 45.30 -33.43
CA THR B 326 1.10 44.64 -34.26
C THR B 326 0.95 45.34 -35.62
N SER B 327 1.10 46.68 -35.65
CA SER B 327 1.02 47.51 -36.86
C SER B 327 2.15 47.19 -37.85
N VAL B 328 3.41 47.21 -37.36
CA VAL B 328 4.64 46.95 -38.12
C VAL B 328 4.69 45.52 -38.67
N VAL B 329 4.49 44.51 -37.78
CA VAL B 329 4.52 43.07 -38.10
C VAL B 329 3.50 42.72 -39.21
N ASN B 330 2.21 43.09 -39.02
CA ASN B 330 1.15 42.81 -40.00
C ASN B 330 1.39 43.49 -41.36
N LYS B 331 1.99 44.69 -41.38
CA LYS B 331 2.29 45.43 -42.61
C LYS B 331 3.40 44.75 -43.42
N TYR B 332 4.33 44.08 -42.73
CA TYR B 332 5.45 43.35 -43.35
C TYR B 332 4.97 42.14 -44.17
N ALA B 333 3.81 41.54 -43.80
CA ALA B 333 3.20 40.40 -44.48
C ALA B 333 2.87 40.67 -45.95
N LYS B 334 3.81 40.29 -46.86
CA LYS B 334 3.75 40.41 -48.33
C LYS B 334 4.92 39.67 -49.00
N LYS B 342 -2.31 36.54 -47.93
CA LYS B 342 -3.63 37.12 -47.69
C LYS B 342 -4.53 36.18 -46.89
N ASP B 343 -4.65 36.46 -45.58
CA ASP B 343 -5.42 35.70 -44.56
C ASP B 343 -5.88 36.68 -43.41
N PRO B 344 -6.54 36.25 -42.29
CA PRO B 344 -6.90 37.24 -41.24
C PRO B 344 -5.68 37.78 -40.51
N ASN B 345 -5.78 39.04 -40.03
CA ASN B 345 -4.72 39.76 -39.32
C ASN B 345 -4.22 39.05 -38.06
N LEU B 346 -2.92 39.20 -37.78
CA LEU B 346 -2.23 38.63 -36.62
C LEU B 346 -2.58 39.45 -35.40
N THR B 347 -2.99 38.77 -34.32
CA THR B 347 -3.32 39.42 -33.07
C THR B 347 -2.03 39.70 -32.31
N GLY B 348 -2.08 40.63 -31.36
CA GLY B 348 -0.95 41.00 -30.52
C GLY B 348 -0.39 39.83 -29.75
N ASP B 349 -1.29 38.95 -29.25
CA ASP B 349 -0.97 37.72 -28.50
C ASP B 349 -0.05 36.78 -29.30
N ASP B 350 -0.31 36.64 -30.63
CA ASP B 350 0.44 35.80 -31.57
C ASP B 350 1.89 36.27 -31.76
N ILE B 351 2.09 37.59 -31.85
CA ILE B 351 3.40 38.22 -32.02
C ILE B 351 4.18 38.21 -30.69
N ARG B 352 3.51 38.62 -29.59
CA ARG B 352 4.09 38.67 -28.24
C ARG B 352 4.40 37.28 -27.64
N GLU B 353 3.80 36.20 -28.20
CA GLU B 353 4.04 34.81 -27.76
C GLU B 353 5.45 34.43 -28.17
N GLY B 354 6.25 34.05 -27.18
CA GLY B 354 7.65 33.68 -27.37
C GLY B 354 8.53 34.90 -27.60
N LEU B 355 8.16 36.05 -27.03
CA LEU B 355 8.92 37.29 -27.17
C LEU B 355 9.43 37.82 -25.82
N ALA B 356 10.72 38.18 -25.79
CA ALA B 356 11.38 38.78 -24.63
C ALA B 356 11.70 40.23 -24.97
N ALA B 357 11.05 41.17 -24.27
CA ALA B 357 11.20 42.60 -24.49
C ALA B 357 11.27 43.41 -23.20
N VAL B 358 12.00 44.53 -23.22
CA VAL B 358 12.12 45.46 -22.09
C VAL B 358 11.85 46.88 -22.58
N ILE B 359 10.87 47.57 -21.96
CA ILE B 359 10.51 48.94 -22.27
C ILE B 359 10.82 49.78 -21.03
N SER B 360 11.75 50.74 -21.16
CA SER B 360 12.15 51.60 -20.05
C SER B 360 11.96 53.07 -20.37
N VAL B 361 10.89 53.67 -19.81
CA VAL B 361 10.56 55.09 -20.00
C VAL B 361 11.04 55.93 -18.80
N LYS B 362 11.45 57.17 -19.09
CA LYS B 362 11.90 58.14 -18.09
C LYS B 362 11.03 59.39 -18.29
N VAL B 363 9.94 59.50 -17.51
CA VAL B 363 8.99 60.62 -17.58
C VAL B 363 9.26 61.61 -16.43
N SER B 364 9.30 62.92 -16.76
CA SER B 364 9.54 64.00 -15.78
C SER B 364 8.42 64.10 -14.74
N GLU B 365 7.15 64.18 -15.21
CA GLU B 365 5.97 64.25 -14.36
C GLU B 365 5.11 62.98 -14.58
N PRO B 366 5.34 61.90 -13.80
CA PRO B 366 4.58 60.67 -14.02
C PRO B 366 3.25 60.60 -13.30
N GLN B 367 2.20 60.24 -14.05
CA GLN B 367 0.83 60.07 -13.56
C GLN B 367 0.58 58.57 -13.44
N PHE B 368 0.03 58.12 -12.28
CA PHE B 368 -0.23 56.70 -12.04
C PHE B 368 -1.72 56.37 -11.81
N GLU B 369 -2.09 55.10 -12.10
CA GLU B 369 -3.43 54.52 -11.98
C GLU B 369 -3.32 53.08 -11.47
N GLY B 370 -4.44 52.35 -11.46
CA GLY B 370 -4.53 50.96 -11.04
C GLY B 370 -4.56 50.72 -9.55
N GLN B 371 -4.83 49.46 -9.14
CA GLN B 371 -4.90 48.99 -7.74
C GLN B 371 -3.59 49.24 -7.01
N THR B 372 -2.46 49.12 -7.73
CA THR B 372 -1.11 49.40 -7.29
C THR B 372 -0.68 50.65 -8.06
N LYS B 373 0.27 51.43 -7.53
CA LYS B 373 0.77 52.64 -8.17
C LYS B 373 1.64 52.36 -9.43
N THR B 374 1.43 51.21 -10.10
CA THR B 374 2.24 50.76 -11.24
C THR B 374 1.54 50.73 -12.62
N LYS B 375 0.69 51.72 -12.91
CA LYS B 375 0.04 51.81 -14.21
C LYS B 375 0.22 53.23 -14.75
N LEU B 376 1.09 53.39 -15.77
CA LEU B 376 1.37 54.71 -16.36
C LEU B 376 0.17 55.19 -17.19
N GLY B 377 -0.34 56.36 -16.83
CA GLY B 377 -1.52 56.95 -17.47
C GLY B 377 -1.26 58.18 -18.32
N ASN B 378 0.01 58.63 -18.39
CA ASN B 378 0.44 59.81 -19.17
C ASN B 378 0.13 59.64 -20.66
N THR B 379 -1.06 60.08 -21.08
CA THR B 379 -1.59 59.99 -22.44
C THR B 379 -0.63 60.47 -23.54
N GLU B 380 0.32 61.38 -23.20
CA GLU B 380 1.32 61.90 -24.14
C GLU B 380 2.44 60.88 -24.44
N VAL B 381 2.60 59.85 -23.58
CA VAL B 381 3.61 58.80 -23.69
C VAL B 381 3.16 57.70 -24.70
N LYS B 382 1.82 57.44 -24.80
CA LYS B 382 1.24 56.48 -25.76
C LYS B 382 1.61 56.88 -27.20
N SER B 383 1.38 58.16 -27.53
CA SER B 383 1.65 58.80 -28.82
C SER B 383 3.15 58.80 -29.12
N PHE B 384 3.96 59.07 -28.08
CA PHE B 384 5.42 59.14 -28.12
C PHE B 384 6.07 57.78 -28.36
N VAL B 385 5.68 56.75 -27.58
CA VAL B 385 6.22 55.40 -27.70
C VAL B 385 5.84 54.79 -29.07
N GLN B 386 4.57 54.97 -29.52
CA GLN B 386 4.07 54.47 -30.81
C GLN B 386 4.87 55.04 -32.00
N LYS B 387 5.23 56.35 -31.95
CA LYS B 387 6.00 57.03 -32.99
C LYS B 387 7.44 56.45 -33.08
N VAL B 388 8.12 56.29 -31.92
CA VAL B 388 9.48 55.75 -31.78
C VAL B 388 9.51 54.27 -32.22
N CYS B 389 8.46 53.50 -31.87
CA CYS B 389 8.34 52.09 -32.22
C CYS B 389 8.11 51.89 -33.71
N ASN B 390 7.08 52.53 -34.30
CA ASN B 390 6.75 52.40 -35.72
C ASN B 390 7.93 52.74 -36.66
N GLU B 391 8.72 53.75 -36.30
CA GLU B 391 9.87 54.19 -37.08
C GLU B 391 11.12 53.31 -36.92
N GLN B 392 11.37 52.78 -35.72
CA GLN B 392 12.55 51.95 -35.45
C GLN B 392 12.32 50.45 -35.66
N LEU B 393 11.06 49.97 -35.55
CA LEU B 393 10.71 48.56 -35.78
C LEU B 393 10.75 48.24 -37.26
N THR B 394 10.27 49.18 -38.12
CA THR B 394 10.30 49.04 -39.58
C THR B 394 11.76 49.03 -40.07
N HIS B 395 12.64 49.81 -39.41
CA HIS B 395 14.07 49.91 -39.71
C HIS B 395 14.78 48.57 -39.51
N TRP B 396 14.44 47.84 -38.43
CA TRP B 396 15.00 46.53 -38.10
C TRP B 396 14.51 45.43 -39.04
N PHE B 397 13.19 45.44 -39.35
CA PHE B 397 12.54 44.47 -40.23
C PHE B 397 13.02 44.57 -41.68
N GLU B 398 13.50 45.74 -42.10
CA GLU B 398 14.04 45.97 -43.43
C GLU B 398 15.53 45.62 -43.47
N ALA B 399 16.31 46.07 -42.46
CA ALA B 399 17.75 45.83 -42.35
C ALA B 399 18.11 44.36 -42.09
N ASN B 400 17.25 43.64 -41.34
CA ASN B 400 17.46 42.22 -41.03
C ASN B 400 16.30 41.35 -41.60
N PRO B 401 16.26 41.08 -42.93
CA PRO B 401 15.13 40.29 -43.48
C PRO B 401 15.21 38.79 -43.17
N THR B 402 16.44 38.27 -42.94
CA THR B 402 16.69 36.86 -42.60
C THR B 402 16.06 36.51 -41.25
N ASP B 403 16.17 37.44 -40.28
CA ASP B 403 15.61 37.32 -38.93
C ASP B 403 14.11 37.61 -38.93
N ALA B 404 13.68 38.57 -39.78
CA ALA B 404 12.28 38.99 -39.94
C ALA B 404 11.37 37.89 -40.46
N LYS B 405 11.88 37.03 -41.36
CA LYS B 405 11.10 35.92 -41.93
C LYS B 405 10.72 34.86 -40.90
N VAL B 406 11.61 34.59 -39.91
CA VAL B 406 11.38 33.58 -38.87
C VAL B 406 10.43 34.09 -37.77
N VAL B 407 10.50 35.39 -37.41
CA VAL B 407 9.65 35.98 -36.36
C VAL B 407 8.19 36.11 -36.85
N VAL B 408 8.00 36.36 -38.16
CA VAL B 408 6.66 36.45 -38.77
C VAL B 408 6.08 35.04 -38.83
N ASN B 409 6.90 34.04 -39.26
CA ASN B 409 6.52 32.63 -39.34
C ASN B 409 6.21 32.00 -37.97
N LYS B 410 6.83 32.52 -36.89
CA LYS B 410 6.57 32.06 -35.52
C LYS B 410 5.19 32.57 -35.07
N ALA B 411 4.85 33.80 -35.50
CA ALA B 411 3.56 34.44 -35.22
C ALA B 411 2.46 33.73 -36.03
N VAL B 412 2.79 33.31 -37.28
CA VAL B 412 1.89 32.58 -38.20
C VAL B 412 1.51 31.23 -37.57
N SER B 413 2.51 30.51 -37.01
CA SER B 413 2.33 29.22 -36.33
C SER B 413 1.41 29.39 -35.12
N SER B 414 1.65 30.48 -34.34
CA SER B 414 0.87 30.84 -33.15
C SER B 414 -0.58 31.18 -33.52
N ALA B 415 -0.77 31.92 -34.63
CA ALA B 415 -2.09 32.31 -35.13
C ALA B 415 -2.91 31.08 -35.54
N GLN B 416 -2.25 30.10 -36.22
CA GLN B 416 -2.88 28.85 -36.65
C GLN B 416 -3.14 27.93 -35.47
N ALA B 417 -2.38 28.11 -34.36
CA ALA B 417 -2.54 27.33 -33.13
C ALA B 417 -3.83 27.71 -32.42
N ARG B 418 -4.13 29.03 -32.31
CA ARG B 418 -5.36 29.50 -31.66
C ARG B 418 -6.59 29.28 -32.55
N ILE B 419 -6.43 29.44 -33.90
CA ILE B 419 -7.49 29.23 -34.89
C ILE B 419 -7.99 27.78 -34.85
N ALA B 420 -7.05 26.80 -34.83
CA ALA B 420 -7.34 25.36 -34.75
C ALA B 420 -7.98 24.99 -33.42
N ALA B 421 -7.56 25.65 -32.32
CA ALA B 421 -8.08 25.46 -30.97
C ALA B 421 -9.52 25.96 -30.88
N ARG B 422 -9.81 27.16 -31.43
CA ARG B 422 -11.15 27.79 -31.46
C ARG B 422 -12.14 26.93 -32.28
N LYS B 423 -11.65 26.35 -33.42
CA LYS B 423 -12.43 25.48 -34.31
C LYS B 423 -12.76 24.16 -33.59
N ALA B 424 -11.77 23.56 -32.89
CA ALA B 424 -11.93 22.33 -32.12
C ALA B 424 -12.82 22.56 -30.91
N ARG B 425 -12.76 23.78 -30.33
CA ARG B 425 -13.57 24.22 -29.19
C ARG B 425 -15.04 24.30 -29.63
N GLU B 426 -15.30 24.96 -30.79
CA GLU B 426 -16.62 25.16 -31.40
C GLU B 426 -17.37 23.86 -31.75
N LEU B 427 -16.63 22.77 -32.08
CA LEU B 427 -17.19 21.46 -32.40
C LEU B 427 -17.79 20.77 -31.15
N VAL B 428 -17.14 20.96 -29.98
CA VAL B 428 -17.57 20.41 -28.69
C VAL B 428 -18.61 21.35 -28.05
N ARG B 429 -18.43 22.70 -28.21
CA ARG B 429 -19.30 23.76 -27.71
C ARG B 429 -20.75 23.61 -28.17
N ARG B 430 -20.94 23.13 -29.42
CA ARG B 430 -22.25 22.90 -30.02
C ARG B 430 -22.38 21.43 -30.47
N LYS B 431 -22.50 20.52 -29.47
CA LYS B 431 -22.64 19.08 -29.66
C LYS B 431 -23.59 18.49 -28.61
N THR B 434 -27.04 21.49 -25.23
CA THR B 434 -27.97 21.45 -24.09
C THR B 434 -27.26 21.06 -22.76
N ASP B 435 -25.91 21.19 -22.72
CA ASP B 435 -25.07 20.91 -21.56
C ASP B 435 -25.27 21.99 -20.47
N ILE B 436 -25.45 21.55 -19.19
CA ILE B 436 -25.66 22.42 -18.03
C ILE B 436 -24.46 23.35 -17.79
N GLY B 437 -23.26 22.79 -17.95
CA GLY B 437 -22.01 23.53 -17.75
C GLY B 437 -21.55 23.46 -16.32
N GLY B 438 -20.42 24.11 -16.06
CA GLY B 438 -19.79 24.13 -14.75
C GLY B 438 -19.09 22.82 -14.48
N LEU B 439 -18.73 22.54 -13.22
CA LEU B 439 -18.06 21.30 -12.85
C LEU B 439 -19.01 20.44 -11.99
N PRO B 440 -20.02 19.75 -12.59
CA PRO B 440 -20.94 18.94 -11.77
C PRO B 440 -20.27 17.70 -11.21
N GLY B 441 -20.40 17.51 -9.89
CA GLY B 441 -19.78 16.40 -9.18
C GLY B 441 -18.35 16.71 -8.74
N LYS B 442 -17.80 17.86 -9.18
CA LYS B 442 -16.46 18.31 -8.82
C LYS B 442 -16.57 19.55 -7.91
N LEU B 443 -17.03 20.67 -8.48
CA LEU B 443 -17.21 21.93 -7.75
C LEU B 443 -18.44 21.88 -6.85
N ALA B 444 -18.30 22.38 -5.61
CA ALA B 444 -19.40 22.51 -4.65
C ALA B 444 -19.64 24.01 -4.60
N ASP B 445 -20.64 24.48 -5.35
CA ASP B 445 -20.99 25.89 -5.49
C ASP B 445 -21.53 26.48 -4.20
N CYS B 446 -21.56 27.82 -4.14
CA CYS B 446 -22.16 28.58 -3.04
C CYS B 446 -23.54 29.11 -3.50
N ARG B 447 -24.44 29.40 -2.54
CA ARG B 447 -25.79 29.87 -2.84
C ARG B 447 -25.79 31.26 -3.47
N SER B 448 -24.90 32.16 -2.99
CA SER B 448 -24.73 33.54 -3.48
C SER B 448 -24.40 33.59 -4.95
N THR B 449 -24.92 34.60 -5.64
CA THR B 449 -24.70 34.79 -7.07
C THR B 449 -23.84 36.05 -7.34
N ASP B 450 -23.45 36.76 -6.25
CA ASP B 450 -22.66 38.00 -6.29
C ASP B 450 -21.16 37.74 -6.11
N PRO B 451 -20.36 37.96 -7.18
CA PRO B 451 -18.90 37.75 -7.09
C PRO B 451 -18.19 38.44 -5.92
N ARG B 452 -18.68 39.62 -5.52
CA ARG B 452 -18.14 40.43 -4.44
C ARG B 452 -18.18 39.69 -3.10
N LYS B 453 -19.29 38.95 -2.86
CA LYS B 453 -19.53 38.18 -1.63
C LYS B 453 -18.99 36.74 -1.73
N SER B 454 -18.77 36.25 -2.98
CA SER B 454 -18.33 34.89 -3.29
C SER B 454 -16.84 34.63 -3.09
N GLU B 455 -16.54 33.49 -2.43
CA GLU B 455 -15.18 33.00 -2.13
C GLU B 455 -15.02 31.57 -2.65
N LEU B 456 -13.89 31.27 -3.31
CA LEU B 456 -13.59 29.94 -3.82
C LEU B 456 -12.40 29.38 -3.09
N TYR B 457 -12.57 28.18 -2.55
CA TYR B 457 -11.49 27.50 -1.87
C TYR B 457 -10.96 26.39 -2.76
N VAL B 458 -9.76 26.64 -3.33
CA VAL B 458 -9.01 25.70 -4.17
C VAL B 458 -8.19 24.91 -3.16
N VAL B 459 -8.48 23.63 -3.04
CA VAL B 459 -7.87 22.72 -2.07
C VAL B 459 -7.53 21.38 -2.74
N GLU B 460 -6.52 20.66 -2.23
CA GLU B 460 -6.17 19.33 -2.71
C GLU B 460 -7.24 18.40 -2.18
N GLY B 461 -7.92 17.69 -3.10
CA GLY B 461 -9.01 16.79 -2.77
C GLY B 461 -8.74 15.84 -1.62
N ASP B 462 -7.54 15.24 -1.60
CA ASP B 462 -7.04 14.29 -0.59
C ASP B 462 -6.72 14.97 0.73
N SER B 463 -6.50 16.29 0.70
CA SER B 463 -6.17 17.10 1.85
C SER B 463 -7.44 17.54 2.61
N ALA B 464 -8.21 18.50 2.06
CA ALA B 464 -9.40 18.97 2.75
C ALA B 464 -10.70 19.06 1.92
N GLY B 465 -10.80 18.30 0.82
CA GLY B 465 -11.99 18.26 -0.03
C GLY B 465 -13.31 18.07 0.70
N GLY B 466 -13.46 16.94 1.39
CA GLY B 466 -14.66 16.60 2.14
C GLY B 466 -14.93 17.50 3.33
N SER B 467 -13.89 17.77 4.13
CA SER B 467 -13.99 18.59 5.33
C SER B 467 -14.29 20.05 5.01
N ALA B 468 -13.72 20.59 3.92
CA ALA B 468 -13.96 21.96 3.48
C ALA B 468 -15.40 22.08 3.01
N LYS B 469 -15.91 21.09 2.27
CA LYS B 469 -17.29 21.06 1.78
C LYS B 469 -18.31 20.96 2.94
N SER B 470 -17.89 20.40 4.09
CA SER B 470 -18.72 20.22 5.28
C SER B 470 -18.63 21.42 6.24
N GLY B 471 -17.41 21.88 6.51
CA GLY B 471 -17.13 22.98 7.41
C GLY B 471 -17.62 24.33 6.95
N ARG B 472 -17.47 24.62 5.64
CA ARG B 472 -17.84 25.86 4.95
C ARG B 472 -19.24 26.40 5.23
N ASP B 473 -19.43 27.67 4.88
CA ASP B 473 -20.72 28.32 4.91
C ASP B 473 -21.08 28.36 3.42
N SER B 474 -21.90 27.38 3.00
CA SER B 474 -22.33 27.19 1.60
C SER B 474 -23.10 28.37 1.00
N MET B 475 -23.33 29.43 1.77
CA MET B 475 -24.04 30.61 1.29
C MET B 475 -23.12 31.47 0.43
N PHE B 476 -21.83 31.59 0.79
CA PHE B 476 -20.89 32.42 0.08
C PHE B 476 -19.52 31.77 -0.16
N GLN B 477 -19.36 30.47 0.21
CA GLN B 477 -18.10 29.75 0.03
C GLN B 477 -18.30 28.53 -0.86
N ALA B 478 -17.51 28.45 -1.94
CA ALA B 478 -17.50 27.35 -2.89
C ALA B 478 -16.17 26.59 -2.78
N ILE B 479 -16.19 25.27 -3.03
CA ILE B 479 -15.00 24.42 -2.90
C ILE B 479 -14.64 23.75 -4.22
N LEU B 480 -13.35 23.85 -4.60
CA LEU B 480 -12.81 23.20 -5.77
C LEU B 480 -11.76 22.17 -5.35
N PRO B 481 -12.16 20.88 -5.21
CA PRO B 481 -11.17 19.86 -4.83
C PRO B 481 -10.38 19.41 -6.05
N LEU B 482 -9.06 19.65 -6.06
CA LEU B 482 -8.18 19.25 -7.16
C LEU B 482 -7.96 17.74 -7.03
N ARG B 483 -8.59 16.96 -7.92
CA ARG B 483 -8.59 15.49 -7.90
C ARG B 483 -7.59 14.87 -8.89
N GLY B 484 -6.44 15.53 -9.04
CA GLY B 484 -5.37 15.11 -9.93
C GLY B 484 -4.10 15.88 -9.66
N LYS B 485 -3.23 15.98 -10.69
CA LYS B 485 -1.96 16.69 -10.57
C LYS B 485 -1.85 17.91 -11.50
N ILE B 486 -1.56 19.08 -10.90
CA ILE B 486 -1.36 20.35 -11.60
C ILE B 486 -0.01 20.29 -12.32
N ILE B 487 -0.02 20.48 -13.64
CA ILE B 487 1.17 20.48 -14.47
C ILE B 487 2.00 21.75 -14.22
N ASN B 488 3.30 21.74 -14.56
CA ASN B 488 4.16 22.92 -14.42
C ASN B 488 4.09 23.68 -15.74
N VAL B 489 3.27 24.73 -15.75
CA VAL B 489 2.95 25.57 -16.90
C VAL B 489 4.07 26.55 -17.32
N GLU B 490 5.17 26.66 -16.53
CA GLU B 490 6.29 27.59 -16.77
C GLU B 490 6.78 27.67 -18.23
N LYS B 491 7.08 26.53 -18.87
CA LYS B 491 7.56 26.48 -20.25
C LYS B 491 6.60 25.69 -21.17
N ALA B 492 5.39 25.42 -20.67
CA ALA B 492 4.32 24.70 -21.38
C ALA B 492 3.48 25.64 -22.24
N ARG B 493 2.98 25.15 -23.39
CA ARG B 493 2.13 25.97 -24.23
C ARG B 493 0.65 25.76 -23.91
N ILE B 494 -0.15 26.85 -24.02
CA ILE B 494 -1.58 26.95 -23.72
C ILE B 494 -2.40 25.68 -24.08
N ASP B 495 -2.07 24.96 -25.17
CA ASP B 495 -2.76 23.72 -25.57
C ASP B 495 -2.54 22.60 -24.54
N ARG B 496 -1.27 22.37 -24.14
CA ARG B 496 -0.84 21.38 -23.13
C ARG B 496 -1.41 21.78 -21.75
N VAL B 497 -1.51 23.10 -21.50
CA VAL B 497 -2.03 23.72 -20.28
C VAL B 497 -3.54 23.47 -20.20
N LEU B 498 -4.27 23.62 -21.32
CA LEU B 498 -5.72 23.38 -21.39
C LEU B 498 -6.08 21.89 -21.46
N LYS B 499 -5.08 21.03 -21.70
CA LYS B 499 -5.26 19.59 -21.73
C LYS B 499 -5.31 19.02 -20.30
N ASN B 500 -4.76 19.77 -19.31
CA ASN B 500 -4.77 19.40 -17.89
C ASN B 500 -6.18 19.62 -17.35
N THR B 501 -6.79 18.58 -16.79
CA THR B 501 -8.18 18.62 -16.30
C THR B 501 -8.32 19.48 -15.04
N GLU B 502 -7.25 19.58 -14.23
CA GLU B 502 -7.27 20.39 -13.00
C GLU B 502 -7.15 21.88 -13.32
N VAL B 503 -6.25 22.24 -14.25
CA VAL B 503 -6.05 23.61 -14.73
C VAL B 503 -7.35 24.11 -15.39
N GLN B 504 -7.98 23.27 -16.24
CA GLN B 504 -9.24 23.56 -16.92
C GLN B 504 -10.39 23.76 -15.93
N ALA B 505 -10.38 23.02 -14.80
CA ALA B 505 -11.41 23.10 -13.77
C ALA B 505 -11.33 24.46 -13.07
N ILE B 506 -10.08 24.94 -12.82
CA ILE B 506 -9.81 26.24 -12.20
C ILE B 506 -10.34 27.37 -13.11
N ILE B 507 -9.98 27.33 -14.42
CA ILE B 507 -10.41 28.28 -15.46
C ILE B 507 -11.97 28.32 -15.58
N THR B 508 -12.62 27.15 -15.51
CA THR B 508 -14.08 27.04 -15.58
C THR B 508 -14.72 27.63 -14.33
N ALA B 509 -14.14 27.34 -13.14
CA ALA B 509 -14.63 27.83 -11.85
C ALA B 509 -14.60 29.35 -11.75
N LEU B 510 -13.47 29.96 -12.15
CA LEU B 510 -13.28 31.41 -12.13
C LEU B 510 -14.15 32.16 -13.14
N GLY B 511 -14.42 31.53 -14.28
CA GLY B 511 -15.26 32.09 -15.35
C GLY B 511 -14.62 33.18 -16.20
N THR B 512 -13.33 33.46 -15.99
CA THR B 512 -12.59 34.52 -16.70
C THR B 512 -12.13 34.16 -18.11
N GLY B 513 -11.70 32.91 -18.31
CA GLY B 513 -11.09 32.45 -19.56
C GLY B 513 -9.59 32.62 -19.43
N ILE B 514 -8.82 32.30 -20.49
CA ILE B 514 -7.35 32.42 -20.41
C ILE B 514 -6.71 33.16 -21.58
N HIS B 515 -5.57 33.83 -21.25
CA HIS B 515 -4.64 34.67 -22.01
C HIS B 515 -5.34 35.50 -23.13
N ASP B 516 -5.77 34.87 -24.23
CA ASP B 516 -6.44 35.51 -25.37
C ASP B 516 -7.90 35.88 -25.01
N GLU B 517 -8.66 34.91 -24.46
CA GLU B 517 -10.07 35.06 -24.07
C GLU B 517 -10.30 35.45 -22.59
N PHE B 518 -9.25 35.96 -21.90
CA PHE B 518 -9.34 36.39 -20.49
C PHE B 518 -10.22 37.61 -20.31
N ASP B 519 -11.06 37.61 -19.26
CA ASP B 519 -11.96 38.70 -18.90
C ASP B 519 -12.17 38.74 -17.39
N ILE B 520 -11.56 39.73 -16.73
CA ILE B 520 -11.63 39.97 -15.29
C ILE B 520 -13.06 40.38 -14.84
N GLY B 521 -13.84 40.90 -15.78
CA GLY B 521 -15.22 41.31 -15.54
C GLY B 521 -16.17 40.12 -15.40
N LYS B 522 -15.79 38.99 -15.99
CA LYS B 522 -16.53 37.74 -15.95
C LYS B 522 -16.12 36.86 -14.73
N LEU B 523 -15.26 37.39 -13.82
CA LEU B 523 -14.80 36.69 -12.62
C LEU B 523 -15.94 36.40 -11.63
N ARG B 524 -16.06 35.12 -11.27
CA ARG B 524 -17.11 34.55 -10.42
C ARG B 524 -16.84 34.68 -8.90
N TYR B 525 -15.56 34.78 -8.49
CA TYR B 525 -15.19 34.87 -7.07
C TYR B 525 -14.16 35.98 -6.85
N HIS B 526 -14.48 36.97 -6.01
CA HIS B 526 -13.55 38.07 -5.74
C HIS B 526 -12.48 37.71 -4.69
N LYS B 527 -12.57 36.46 -4.19
CA LYS B 527 -11.62 35.86 -3.26
C LYS B 527 -11.37 34.43 -3.74
N ILE B 528 -10.11 34.15 -4.09
CA ILE B 528 -9.62 32.86 -4.55
C ILE B 528 -8.63 32.44 -3.48
N VAL B 529 -9.03 31.48 -2.65
CA VAL B 529 -8.22 31.03 -1.53
C VAL B 529 -7.59 29.69 -1.85
N LEU B 530 -6.26 29.65 -1.75
CA LEU B 530 -5.46 28.44 -1.97
C LEU B 530 -5.23 27.81 -0.60
N MET B 531 -5.80 26.61 -0.40
CA MET B 531 -5.77 25.88 0.85
C MET B 531 -4.93 24.61 0.69
N ALA B 532 -3.60 24.79 0.84
CA ALA B 532 -2.62 23.72 0.70
C ALA B 532 -2.05 23.30 2.04
N ASP B 533 -1.47 22.08 2.12
CA ASP B 533 -0.87 21.55 3.35
C ASP B 533 0.50 22.13 3.62
N ALA B 534 0.93 22.05 4.91
CA ALA B 534 2.23 22.50 5.38
C ALA B 534 3.20 21.28 5.42
N ASP B 535 3.20 20.51 4.33
CA ASP B 535 4.00 19.30 4.14
C ASP B 535 4.59 19.33 2.73
N VAL B 536 5.53 18.42 2.43
CA VAL B 536 6.24 18.32 1.15
C VAL B 536 5.27 18.37 -0.06
N ASP B 537 4.15 17.64 0.00
CA ASP B 537 3.15 17.63 -1.09
C ASP B 537 2.37 18.93 -1.17
N GLY B 538 2.04 19.51 -0.02
CA GLY B 538 1.32 20.77 0.11
C GLY B 538 2.11 21.96 -0.43
N GLN B 539 3.41 22.00 -0.12
CA GLN B 539 4.35 23.03 -0.56
C GLN B 539 4.57 22.90 -2.07
N HIS B 540 4.66 21.66 -2.57
CA HIS B 540 4.84 21.38 -4.00
C HIS B 540 3.65 21.88 -4.82
N ILE B 541 2.43 21.64 -4.32
CA ILE B 541 1.16 22.05 -4.94
C ILE B 541 1.06 23.59 -4.98
N SER B 542 1.54 24.27 -3.92
CA SER B 542 1.55 25.73 -3.80
C SER B 542 2.40 26.34 -4.91
N THR B 543 3.62 25.80 -5.12
CA THR B 543 4.50 26.29 -6.19
C THR B 543 3.83 26.19 -7.56
N LEU B 544 3.12 25.08 -7.80
CA LEU B 544 2.39 24.78 -9.04
C LEU B 544 1.15 25.67 -9.26
N LEU B 545 0.45 26.04 -8.17
CA LEU B 545 -0.73 26.92 -8.27
C LEU B 545 -0.28 28.38 -8.50
N LEU B 546 0.82 28.79 -7.86
CA LEU B 546 1.39 30.13 -7.98
C LEU B 546 1.96 30.39 -9.38
N THR B 547 2.52 29.33 -10.02
CA THR B 547 3.07 29.38 -11.38
C THR B 547 1.93 29.54 -12.37
N LEU B 548 0.80 28.83 -12.13
CA LEU B 548 -0.38 28.88 -13.00
C LEU B 548 -0.97 30.27 -13.01
N LEU B 549 -1.09 30.89 -11.84
CA LEU B 549 -1.66 32.23 -11.70
C LEU B 549 -0.75 33.33 -12.27
N PHE B 550 0.55 33.35 -11.92
CA PHE B 550 1.47 34.37 -12.42
C PHE B 550 1.58 34.39 -13.94
N ARG B 551 1.69 33.21 -14.55
CA ARG B 551 1.85 33.06 -15.99
C ARG B 551 0.57 33.12 -16.80
N PHE B 552 -0.59 32.78 -16.22
CA PHE B 552 -1.81 32.73 -17.03
C PHE B 552 -3.01 33.56 -16.48
N MET B 553 -2.96 33.99 -15.22
CA MET B 553 -4.02 34.81 -14.62
C MET B 553 -3.46 35.91 -13.70
N ARG B 554 -2.41 36.60 -14.18
CA ARG B 554 -1.73 37.69 -13.47
C ARG B 554 -2.67 38.83 -13.01
N PRO B 555 -3.68 39.29 -13.80
CA PRO B 555 -4.57 40.37 -13.30
C PRO B 555 -5.37 40.01 -12.05
N LEU B 556 -5.60 38.70 -11.80
CA LEU B 556 -6.30 38.22 -10.60
C LEU B 556 -5.46 38.50 -9.35
N ILE B 557 -4.11 38.35 -9.48
CA ILE B 557 -3.16 38.64 -8.40
C ILE B 557 -3.15 40.15 -8.13
N GLU B 558 -2.97 40.95 -9.21
CA GLU B 558 -2.88 42.40 -9.19
C GLU B 558 -4.10 43.11 -8.59
N ASN B 559 -5.30 42.64 -8.94
CA ASN B 559 -6.55 43.24 -8.44
C ASN B 559 -6.96 42.71 -7.05
N GLY B 560 -6.05 42.00 -6.39
CA GLY B 560 -6.23 41.47 -5.05
C GLY B 560 -7.30 40.41 -4.87
N HIS B 561 -7.35 39.45 -5.79
CA HIS B 561 -8.32 38.36 -5.70
C HIS B 561 -7.69 37.04 -5.25
N VAL B 562 -6.35 36.93 -5.33
CA VAL B 562 -5.64 35.70 -4.94
C VAL B 562 -5.18 35.79 -3.48
N PHE B 563 -5.59 34.79 -2.70
CA PHE B 563 -5.32 34.64 -1.28
C PHE B 563 -4.79 33.26 -0.97
N LEU B 564 -4.07 33.16 0.15
CA LEU B 564 -3.53 31.92 0.69
C LEU B 564 -4.13 31.78 2.08
N ALA B 565 -4.66 30.59 2.37
CA ALA B 565 -5.25 30.28 3.68
C ALA B 565 -4.17 30.30 4.76
N GLN B 566 -4.53 30.74 5.96
CA GLN B 566 -3.64 30.75 7.11
C GLN B 566 -4.21 29.81 8.18
N PRO B 567 -3.95 28.48 8.04
CA PRO B 567 -4.47 27.54 9.03
C PRO B 567 -3.62 27.55 10.31
N PRO B 568 -4.10 27.02 11.45
CA PRO B 568 -3.23 26.98 12.64
C PRO B 568 -1.99 26.15 12.37
N LEU B 569 -0.90 26.54 13.01
CA LEU B 569 0.37 25.84 12.93
C LEU B 569 0.46 24.89 14.13
N TYR B 570 -0.21 25.27 15.25
CA TYR B 570 -0.23 24.47 16.48
C TYR B 570 -1.63 24.36 17.09
N LYS B 571 -1.85 23.29 17.86
CA LYS B 571 -3.03 23.07 18.68
C LYS B 571 -2.52 22.74 20.08
N LEU B 572 -2.75 23.66 21.04
CA LEU B 572 -2.35 23.50 22.43
C LEU B 572 -3.46 22.69 23.11
N LYS B 573 -3.16 21.42 23.42
CA LYS B 573 -4.10 20.48 24.02
C LYS B 573 -4.04 20.47 25.56
N TRP B 574 -4.71 21.47 26.18
CA TRP B 574 -4.78 21.63 27.62
C TRP B 574 -5.56 20.45 28.23
N GLN B 575 -5.14 19.97 29.41
CA GLN B 575 -5.77 18.85 30.11
C GLN B 575 -7.27 19.10 30.40
N ARG B 576 -7.62 20.30 30.93
CA ARG B 576 -8.99 20.67 31.27
C ARG B 576 -9.55 21.73 30.34
N SER B 577 -8.81 22.83 30.17
CA SER B 577 -9.19 23.96 29.33
C SER B 577 -9.39 23.56 27.85
N ASP B 578 -10.18 24.36 27.11
CA ASP B 578 -10.47 24.13 25.69
C ASP B 578 -9.21 24.25 24.84
N PRO B 579 -9.04 23.40 23.78
CA PRO B 579 -7.84 23.51 22.95
C PRO B 579 -7.68 24.88 22.30
N GLU B 580 -6.45 25.41 22.34
CA GLU B 580 -6.10 26.71 21.78
C GLU B 580 -5.33 26.56 20.48
N PHE B 581 -5.41 27.56 19.57
CA PHE B 581 -4.76 27.54 18.27
C PHE B 581 -3.73 28.64 18.08
N ALA B 582 -2.52 28.25 17.66
CA ALA B 582 -1.39 29.15 17.40
C ALA B 582 -1.03 29.17 15.91
N TYR B 583 -0.76 30.37 15.37
CA TYR B 583 -0.43 30.56 13.96
C TYR B 583 1.04 30.92 13.76
N SER B 584 1.81 30.89 14.85
CA SER B 584 3.25 31.16 14.92
C SER B 584 3.84 30.61 16.20
N ASP B 585 5.19 30.50 16.24
CA ASP B 585 5.95 30.05 17.40
C ASP B 585 5.80 31.04 18.56
N ARG B 586 5.82 32.36 18.26
CA ARG B 586 5.64 33.44 19.24
C ARG B 586 4.23 33.38 19.88
N GLU B 587 3.21 32.99 19.08
CA GLU B 587 1.83 32.82 19.53
C GLU B 587 1.75 31.59 20.41
N ARG B 588 2.34 30.46 19.97
CA ARG B 588 2.38 29.20 20.72
C ARG B 588 3.02 29.44 22.08
N ASP B 589 4.25 30.02 22.10
CA ASP B 589 5.01 30.35 23.32
C ASP B 589 4.21 31.27 24.26
N GLY B 590 3.56 32.29 23.68
CA GLY B 590 2.71 33.23 24.40
C GLY B 590 1.49 32.57 25.04
N LEU B 591 0.77 31.73 24.25
CA LEU B 591 -0.40 30.98 24.72
C LEU B 591 -0.01 29.93 25.77
N LEU B 592 1.18 29.29 25.60
CA LEU B 592 1.73 28.29 26.51
C LEU B 592 2.11 28.93 27.83
N GLU B 593 2.75 30.13 27.79
CA GLU B 593 3.13 30.88 28.99
C GLU B 593 1.88 31.33 29.73
N ALA B 594 1.02 32.14 29.06
CA ALA B 594 -0.23 32.69 29.61
C ALA B 594 -1.16 31.63 30.23
N GLY B 595 -1.12 30.42 29.77
CA GLY B 595 -2.00 29.45 30.34
C GLY B 595 -1.36 28.61 31.38
N LEU B 596 -0.08 28.80 31.56
CA LEU B 596 0.58 28.09 32.61
C LEU B 596 0.51 28.96 33.88
N LYS B 597 0.43 30.26 33.64
CA LYS B 597 0.29 31.31 34.59
C LYS B 597 -1.17 31.54 34.88
N ALA B 598 -2.07 30.89 34.16
CA ALA B 598 -3.42 30.74 34.64
C ALA B 598 -3.65 29.36 35.14
N GLY B 599 -2.59 28.71 35.53
CA GLY B 599 -2.72 27.42 36.10
C GLY B 599 -3.25 26.32 35.29
N LYS B 600 -3.19 26.43 33.96
CA LYS B 600 -3.64 25.29 33.12
C LYS B 600 -2.56 24.20 33.07
N LYS B 601 -2.93 22.99 32.64
CA LYS B 601 -1.99 21.87 32.54
C LYS B 601 -1.91 21.30 31.11
N ILE B 602 -0.71 20.85 30.70
CA ILE B 602 -0.41 20.34 29.36
C ILE B 602 0.72 19.28 29.40
N ASN B 603 0.57 18.16 28.62
CA ASN B 603 1.59 17.10 28.53
C ASN B 603 2.84 17.67 27.82
N LYS B 604 4.04 17.44 28.39
CA LYS B 604 5.32 17.95 27.88
C LYS B 604 5.77 17.32 26.54
N GLU B 605 5.24 16.13 26.19
CA GLU B 605 5.53 15.41 24.94
C GLU B 605 4.46 15.72 23.88
N ASP B 606 3.30 15.02 23.97
CA ASP B 606 2.14 15.13 23.08
C ASP B 606 1.06 16.05 23.69
N GLY B 607 1.40 17.33 23.78
CA GLY B 607 0.53 18.35 24.34
C GLY B 607 0.31 19.49 23.38
N ILE B 608 1.33 19.81 22.58
CA ILE B 608 1.25 20.85 21.55
C ILE B 608 1.38 20.12 20.21
N GLN B 609 0.27 20.05 19.47
CA GLN B 609 0.19 19.39 18.17
C GLN B 609 0.67 20.35 17.10
N ARG B 610 1.60 19.91 16.25
CA ARG B 610 2.08 20.72 15.12
C ARG B 610 1.41 20.18 13.85
N TYR B 611 0.61 21.05 13.21
CA TYR B 611 -0.10 20.72 11.98
C TYR B 611 0.83 20.70 10.76
N LYS B 612 0.68 19.64 9.94
CA LYS B 612 1.37 19.43 8.67
C LYS B 612 0.34 19.30 7.54
N GLY B 613 -0.84 18.75 7.87
CA GLY B 613 -1.89 18.56 6.89
C GLY B 613 -3.24 19.02 7.37
N LEU B 614 -3.98 19.75 6.50
CA LEU B 614 -5.33 20.25 6.76
C LEU B 614 -6.31 19.13 7.10
N GLY B 615 -6.05 17.92 6.62
CA GLY B 615 -6.87 16.74 6.84
C GLY B 615 -6.89 16.24 8.29
N GLU B 616 -6.04 16.82 9.16
CA GLU B 616 -5.97 16.51 10.59
C GLU B 616 -7.15 17.13 11.33
N MET B 617 -7.67 18.26 10.82
CA MET B 617 -8.73 19.06 11.42
C MET B 617 -10.13 18.63 11.03
N ASP B 618 -11.05 18.68 12.01
CA ASP B 618 -12.46 18.41 11.78
C ASP B 618 -13.02 19.56 10.98
N ALA B 619 -14.15 19.33 10.26
CA ALA B 619 -14.82 20.38 9.49
C ALA B 619 -15.03 21.64 10.36
N LYS B 620 -15.56 21.47 11.61
CA LYS B 620 -15.78 22.54 12.60
C LYS B 620 -14.48 23.30 12.88
N GLU B 621 -13.38 22.58 13.21
CA GLU B 621 -12.06 23.15 13.45
C GLU B 621 -11.61 23.97 12.24
N LEU B 622 -11.57 23.34 11.04
CA LEU B 622 -11.19 23.97 9.78
C LEU B 622 -11.98 25.26 9.50
N TRP B 623 -13.31 25.27 9.76
CA TRP B 623 -14.12 26.48 9.58
C TRP B 623 -13.71 27.54 10.62
N GLU B 624 -13.86 27.24 11.92
CA GLU B 624 -13.55 28.12 13.06
C GLU B 624 -12.17 28.72 13.04
N THR B 625 -11.18 28.01 12.50
CA THR B 625 -9.81 28.49 12.56
C THR B 625 -9.30 29.13 11.29
N THR B 626 -9.68 28.61 10.12
CA THR B 626 -9.12 29.14 8.88
C THR B 626 -10.18 29.65 7.85
N MET B 627 -11.45 29.20 7.92
CA MET B 627 -12.48 29.60 6.94
C MET B 627 -13.43 30.72 7.38
N ASP B 628 -13.73 30.82 8.68
CA ASP B 628 -14.63 31.83 9.29
C ASP B 628 -14.11 33.26 9.04
N PRO B 629 -14.91 34.14 8.37
CA PRO B 629 -14.44 35.51 8.10
C PRO B 629 -14.28 36.42 9.32
N SER B 630 -14.91 36.07 10.44
CA SER B 630 -14.82 36.86 11.66
C SER B 630 -13.51 36.69 12.43
N VAL B 631 -12.85 35.53 12.30
CA VAL B 631 -11.62 35.19 13.03
C VAL B 631 -10.40 34.82 12.14
N ARG B 632 -10.63 34.43 10.87
CA ARG B 632 -9.54 34.07 9.96
C ARG B 632 -8.68 35.28 9.59
N VAL B 633 -7.46 35.04 9.08
CA VAL B 633 -6.58 36.08 8.56
C VAL B 633 -6.04 35.50 7.25
N LEU B 634 -6.61 35.95 6.13
CA LEU B 634 -6.20 35.48 4.80
C LEU B 634 -4.93 36.19 4.38
N ARG B 635 -4.07 35.47 3.64
CA ARG B 635 -2.81 36.03 3.16
C ARG B 635 -2.93 36.42 1.68
N GLN B 636 -3.15 37.72 1.41
CA GLN B 636 -3.30 38.27 0.05
C GLN B 636 -2.02 38.18 -0.75
N VAL B 637 -2.07 37.57 -1.94
CA VAL B 637 -0.90 37.46 -2.81
C VAL B 637 -0.77 38.77 -3.58
N THR B 638 0.39 39.39 -3.48
CA THR B 638 0.70 40.64 -4.17
C THR B 638 1.81 40.38 -5.19
N LEU B 639 1.84 41.20 -6.24
CA LEU B 639 2.89 41.17 -7.25
C LEU B 639 3.47 42.57 -7.24
N ASP B 640 4.63 42.74 -6.58
CA ASP B 640 5.28 44.04 -6.48
C ASP B 640 6.20 44.32 -7.66
N ASP B 641 6.78 43.24 -8.24
CA ASP B 641 7.67 43.33 -9.38
C ASP B 641 7.51 42.11 -10.28
N ALA B 642 6.94 42.30 -11.48
CA ALA B 642 6.72 41.22 -12.44
C ALA B 642 7.99 40.76 -13.14
N ALA B 643 9.01 41.64 -13.26
CA ALA B 643 10.29 41.31 -13.90
C ALA B 643 11.11 40.43 -12.96
N ALA B 644 11.19 40.82 -11.66
CA ALA B 644 11.89 40.07 -10.61
C ALA B 644 11.23 38.70 -10.39
N ALA B 645 9.88 38.66 -10.33
CA ALA B 645 9.12 37.41 -10.17
C ALA B 645 9.35 36.47 -11.36
N ASP B 646 9.44 37.03 -12.59
CA ASP B 646 9.72 36.26 -13.81
C ASP B 646 11.07 35.55 -13.70
N GLU B 647 12.09 36.23 -13.13
CA GLU B 647 13.43 35.67 -12.90
C GLU B 647 13.37 34.53 -11.89
N LEU B 648 12.70 34.74 -10.73
CA LEU B 648 12.55 33.73 -9.70
C LEU B 648 11.80 32.51 -10.24
N PHE B 649 10.62 32.71 -10.85
CA PHE B 649 9.82 31.63 -11.43
C PHE B 649 10.58 30.86 -12.52
N SER B 650 11.35 31.56 -13.38
CA SER B 650 12.15 30.94 -14.45
C SER B 650 13.25 30.06 -13.88
N ILE B 651 13.90 30.48 -12.78
CA ILE B 651 14.97 29.72 -12.12
C ILE B 651 14.41 28.42 -11.51
N LEU B 652 13.40 28.55 -10.61
CA LEU B 652 12.78 27.46 -9.86
C LEU B 652 11.89 26.52 -10.67
N MET B 653 11.11 27.04 -11.64
CA MET B 653 10.19 26.21 -12.42
C MET B 653 10.65 25.96 -13.85
N GLY B 654 11.83 26.46 -14.21
CA GLY B 654 12.39 26.31 -15.54
C GLY B 654 12.99 24.96 -15.83
N GLU B 655 14.00 24.94 -16.72
CA GLU B 655 14.70 23.72 -17.13
C GLU B 655 16.21 23.80 -16.89
N ASP B 656 16.69 24.90 -16.27
CA ASP B 656 18.10 25.05 -15.92
C ASP B 656 18.32 24.39 -14.56
N VAL B 657 18.73 23.11 -14.60
CA VAL B 657 19.00 22.25 -13.44
C VAL B 657 20.13 22.84 -12.58
N ASP B 658 21.15 23.45 -13.22
CA ASP B 658 22.31 24.08 -12.57
C ASP B 658 21.93 25.28 -11.70
N ALA B 659 21.22 26.29 -12.27
CA ALA B 659 20.79 27.50 -11.55
C ALA B 659 19.81 27.16 -10.42
N ARG B 660 19.06 26.05 -10.60
CA ARG B 660 18.13 25.52 -9.61
C ARG B 660 18.97 24.93 -8.45
N ARG B 661 19.85 23.95 -8.76
CA ARG B 661 20.76 23.29 -7.80
C ARG B 661 21.57 24.32 -7.02
N SER B 662 21.98 25.41 -7.70
CA SER B 662 22.75 26.52 -7.10
C SER B 662 21.89 27.33 -6.13
N PHE B 663 20.62 27.62 -6.50
CA PHE B 663 19.67 28.38 -5.67
C PHE B 663 19.33 27.64 -4.37
N ILE B 664 19.10 26.31 -4.45
CA ILE B 664 18.75 25.46 -3.31
C ILE B 664 19.91 25.38 -2.31
N THR B 665 21.17 25.18 -2.79
CA THR B 665 22.36 25.07 -1.94
C THR B 665 22.68 26.35 -1.13
N ARG B 666 22.52 27.54 -1.74
CA ARG B 666 22.79 28.82 -1.07
C ARG B 666 21.61 29.32 -0.17
N ASN B 667 20.49 28.55 -0.13
CA ASN B 667 19.31 28.84 0.67
C ASN B 667 18.86 27.65 1.53
N ALA B 668 19.62 26.53 1.48
CA ALA B 668 19.38 25.25 2.17
C ALA B 668 19.04 25.39 3.65
N LYS B 669 19.94 26.02 4.43
CA LYS B 669 19.78 26.26 5.86
C LYS B 669 19.23 27.67 6.07
N ASP B 670 18.38 27.86 7.10
CA ASP B 670 17.79 29.15 7.44
C ASP B 670 18.87 30.16 7.84
N VAL B 671 18.72 31.44 7.40
CA VAL B 671 19.66 32.56 7.62
C VAL B 671 20.01 32.74 9.10
N ARG B 672 21.33 32.73 9.41
CA ARG B 672 21.86 32.91 10.77
C ARG B 672 21.72 34.39 11.14
N PHE B 673 20.62 34.72 11.84
CA PHE B 673 20.28 36.08 12.24
C PHE B 673 19.42 36.12 13.51
N LEU B 674 19.56 37.22 14.28
CA LEU B 674 18.82 37.49 15.51
C LEU B 674 17.58 38.34 15.15
N ASP B 675 16.48 37.67 14.78
CA ASP B 675 15.22 38.30 14.40
C ASP B 675 14.52 38.91 15.63
N VAL B 676 14.91 40.16 15.98
CA VAL B 676 14.36 40.91 17.13
C VAL B 676 12.91 41.36 16.89
N GLY B 677 12.49 41.38 15.63
CA GLY B 677 11.13 41.73 15.22
C GLY B 677 10.12 40.65 15.57
N ASP B 678 10.59 39.39 15.71
CA ASP B 678 9.77 38.22 16.07
C ASP B 678 9.77 37.99 17.59
N LEU B 679 10.62 38.72 18.33
CA LEU B 679 10.74 38.66 19.78
C LEU B 679 9.76 39.65 20.44
N THR B 680 9.53 40.80 19.78
CA THR B 680 8.65 41.88 20.26
C THR B 680 7.63 42.33 19.20
N ASP B 681 6.41 42.68 19.65
CA ASP B 681 5.34 43.16 18.78
C ASP B 681 4.43 44.16 19.50
N THR B 682 4.21 45.33 18.89
CA THR B 682 3.37 46.40 19.44
C THR B 682 2.27 46.80 18.45
N SER B 689 -11.65 44.65 13.51
CA SER B 689 -12.16 44.42 12.17
C SER B 689 -12.54 42.94 11.92
N LEU B 690 -13.49 42.70 10.98
CA LEU B 690 -13.99 41.36 10.63
C LEU B 690 -13.11 40.64 9.59
N ASP B 691 -13.39 40.80 8.27
CA ASP B 691 -12.64 40.16 7.20
C ASP B 691 -11.18 40.69 7.10
N ARG B 692 -10.29 40.10 7.94
CA ARG B 692 -8.87 40.46 8.05
C ARG B 692 -8.05 39.88 6.89
N ILE B 693 -7.24 40.74 6.26
CA ILE B 693 -6.38 40.42 5.12
C ILE B 693 -4.96 40.90 5.42
N GLU B 694 -3.97 40.03 5.20
CA GLU B 694 -2.53 40.31 5.42
C GLU B 694 -1.80 40.15 4.08
N PRO B 695 -1.15 41.19 3.51
CA PRO B 695 -0.50 41.01 2.20
C PRO B 695 0.89 40.40 2.25
N VAL B 696 1.08 39.34 1.44
CA VAL B 696 2.33 38.59 1.25
C VAL B 696 2.74 38.69 -0.23
N ASP B 697 4.04 38.91 -0.50
CA ASP B 697 4.52 39.00 -1.88
C ASP B 697 4.76 37.62 -2.47
N ILE B 698 4.44 37.47 -3.77
CA ILE B 698 4.58 36.23 -4.55
C ILE B 698 6.05 35.76 -4.56
N GLU B 699 7.02 36.70 -4.72
CA GLU B 699 8.47 36.45 -4.73
C GLU B 699 8.89 35.71 -3.46
N GLN B 700 8.54 36.28 -2.28
CA GLN B 700 8.87 35.73 -0.96
C GLN B 700 8.13 34.43 -0.66
N GLU B 701 6.84 34.37 -0.99
CA GLU B 701 6.02 33.17 -0.74
C GLU B 701 6.42 31.98 -1.59
N MET B 702 6.66 32.19 -2.90
CA MET B 702 7.11 31.15 -3.84
C MET B 702 8.47 30.60 -3.40
N GLN B 703 9.40 31.50 -3.00
CA GLN B 703 10.75 31.16 -2.53
C GLN B 703 10.68 30.23 -1.33
N ARG B 704 9.92 30.64 -0.29
CA ARG B 704 9.69 29.89 0.94
C ARG B 704 9.21 28.48 0.62
N SER B 705 8.14 28.39 -0.20
CA SER B 705 7.49 27.16 -0.65
C SER B 705 8.42 26.20 -1.38
N TYR B 706 9.19 26.70 -2.38
CA TYR B 706 10.10 25.84 -3.16
C TYR B 706 11.28 25.33 -2.34
N ILE B 707 11.88 26.17 -1.48
CA ILE B 707 13.00 25.77 -0.61
C ILE B 707 12.53 24.68 0.35
N ASP B 708 11.33 24.87 0.94
CA ASP B 708 10.72 23.91 1.86
C ASP B 708 10.46 22.57 1.18
N TYR B 709 9.97 22.60 -0.07
CA TYR B 709 9.69 21.40 -0.86
C TYR B 709 10.99 20.70 -1.25
N ALA B 710 11.97 21.45 -1.78
CA ALA B 710 13.27 20.95 -2.24
C ALA B 710 14.06 20.25 -1.11
N MET B 711 14.16 20.89 0.06
CA MET B 711 14.88 20.33 1.22
C MET B 711 14.21 19.08 1.80
N SER B 712 12.86 19.00 1.74
CA SER B 712 12.12 17.84 2.22
C SER B 712 12.38 16.60 1.37
N VAL B 713 12.50 16.75 0.03
CA VAL B 713 12.80 15.62 -0.85
C VAL B 713 14.30 15.30 -0.87
N ILE B 714 15.18 16.33 -0.65
CA ILE B 714 16.64 16.18 -0.59
C ILE B 714 17.05 15.36 0.63
N VAL B 715 16.58 15.77 1.82
CA VAL B 715 16.86 15.09 3.07
C VAL B 715 16.16 13.70 3.10
N GLY B 716 14.85 13.72 2.85
CA GLY B 716 13.94 12.58 2.88
C GLY B 716 14.24 11.33 2.08
N ARG B 717 14.68 11.45 0.81
CA ARG B 717 14.88 10.27 -0.03
C ARG B 717 16.05 10.34 -1.03
N ALA B 718 16.74 11.50 -1.10
CA ALA B 718 17.83 11.64 -2.05
C ALA B 718 19.21 11.47 -1.44
N LEU B 719 19.57 12.35 -0.48
CA LEU B 719 20.91 12.37 0.10
C LEU B 719 21.01 11.79 1.52
N PRO B 720 22.05 10.98 1.77
CA PRO B 720 22.21 10.40 3.12
C PRO B 720 22.96 11.34 4.07
N GLU B 721 22.77 11.15 5.39
CA GLU B 721 23.47 11.91 6.41
C GLU B 721 24.89 11.37 6.41
N VAL B 722 25.92 12.24 6.36
CA VAL B 722 27.32 11.84 6.30
C VAL B 722 27.75 10.96 7.51
N ARG B 723 27.22 11.25 8.72
CA ARG B 723 27.57 10.52 9.95
C ARG B 723 27.16 9.04 9.98
N ASP B 724 25.99 8.67 9.40
CA ASP B 724 25.60 7.24 9.42
C ASP B 724 25.30 6.66 8.04
N GLY B 725 25.26 7.52 7.02
CA GLY B 725 25.04 7.13 5.63
C GLY B 725 23.63 6.68 5.31
N LEU B 726 22.68 7.05 6.17
CA LEU B 726 21.29 6.67 6.03
C LEU B 726 20.36 7.81 5.67
N LYS B 727 19.20 7.44 5.11
CA LYS B 727 18.10 8.34 4.76
C LYS B 727 17.01 8.03 5.79
N PRO B 728 16.08 8.97 6.11
CA PRO B 728 15.07 8.69 7.15
C PRO B 728 14.40 7.31 7.12
N VAL B 729 13.95 6.81 5.95
CA VAL B 729 13.31 5.51 5.80
C VAL B 729 14.10 4.36 6.40
N HIS B 730 15.36 4.18 5.95
CA HIS B 730 16.25 3.10 6.38
C HIS B 730 16.50 3.12 7.85
N ARG B 731 16.90 4.31 8.37
CA ARG B 731 17.15 4.61 9.78
C ARG B 731 15.92 4.26 10.63
N ARG B 732 14.71 4.66 10.17
CA ARG B 732 13.43 4.39 10.85
C ARG B 732 13.10 2.90 10.92
N VAL B 733 13.36 2.14 9.83
CA VAL B 733 13.16 0.68 9.78
C VAL B 733 14.10 0.04 10.80
N LEU B 734 15.41 0.40 10.75
CA LEU B 734 16.46 -0.10 11.63
C LEU B 734 16.18 0.19 13.09
N TYR B 735 15.73 1.44 13.41
CA TYR B 735 15.38 1.81 14.79
C TYR B 735 14.14 1.06 15.29
N ALA B 736 13.12 0.87 14.42
CA ALA B 736 11.88 0.15 14.73
C ALA B 736 12.14 -1.32 15.04
N MET B 737 13.01 -1.98 14.23
CA MET B 737 13.43 -3.38 14.39
C MET B 737 14.19 -3.55 15.70
N PHE B 738 15.11 -2.60 15.98
CA PHE B 738 15.89 -2.56 17.20
C PHE B 738 15.00 -2.48 18.44
N ASP B 739 14.09 -1.48 18.48
CA ASP B 739 13.16 -1.25 19.60
C ASP B 739 12.22 -2.44 19.85
N SER B 740 11.96 -3.26 18.80
CA SER B 740 11.11 -4.45 18.84
C SER B 740 11.87 -5.68 19.32
N GLY B 741 13.19 -5.56 19.43
CA GLY B 741 14.07 -6.62 19.88
C GLY B 741 14.31 -7.69 18.84
N PHE B 742 14.33 -7.32 17.54
CA PHE B 742 14.57 -8.25 16.43
C PHE B 742 16.09 -8.38 16.16
N ARG B 743 16.80 -8.93 17.16
CA ARG B 743 18.24 -9.11 17.25
C ARG B 743 18.78 -10.36 16.53
N PRO B 744 20.09 -10.43 16.18
CA PRO B 744 20.62 -11.64 15.51
C PRO B 744 20.56 -12.91 16.36
N ASP B 745 20.53 -12.76 17.70
CA ASP B 745 20.50 -13.83 18.68
C ASP B 745 19.08 -14.34 18.97
N ARG B 746 18.08 -13.77 18.30
CA ARG B 746 16.69 -14.17 18.48
C ARG B 746 16.10 -14.61 17.15
N SER B 747 15.10 -15.52 17.19
CA SER B 747 14.41 -16.05 16.01
C SER B 747 13.86 -14.92 15.14
N HIS B 748 13.83 -15.16 13.82
CA HIS B 748 13.35 -14.22 12.83
C HIS B 748 11.87 -13.85 13.08
N ALA B 749 11.53 -12.59 12.82
CA ALA B 749 10.19 -12.04 12.92
C ALA B 749 9.69 -11.83 11.48
N LYS B 750 8.40 -12.01 11.20
CA LYS B 750 7.83 -11.79 9.87
C LYS B 750 8.06 -10.32 9.49
N SER B 751 8.37 -10.05 8.20
CA SER B 751 8.66 -8.70 7.72
C SER B 751 7.54 -7.68 7.96
N ALA B 752 6.28 -8.13 7.94
CA ALA B 752 5.07 -7.32 8.15
C ALA B 752 5.13 -6.62 9.50
N ARG B 753 5.69 -7.33 10.49
CA ARG B 753 5.88 -6.86 11.87
C ARG B 753 6.81 -5.65 11.90
N SER B 754 7.93 -5.72 11.17
CA SER B 754 8.92 -4.65 11.06
C SER B 754 8.38 -3.48 10.24
N VAL B 755 7.60 -3.78 9.18
CA VAL B 755 7.01 -2.75 8.31
C VAL B 755 5.96 -1.98 9.13
N ALA B 756 5.13 -2.70 9.91
CA ALA B 756 4.10 -2.09 10.75
C ALA B 756 4.67 -1.25 11.87
N GLU B 757 5.74 -1.72 12.53
CA GLU B 757 6.37 -0.97 13.61
C GLU B 757 6.91 0.38 13.11
N THR B 758 7.54 0.36 11.93
CA THR B 758 8.08 1.56 11.28
C THR B 758 6.93 2.47 10.89
N MET B 759 5.88 1.90 10.28
CA MET B 759 4.74 2.63 9.78
C MET B 759 3.96 3.39 10.84
N GLY B 760 3.55 2.71 11.91
CA GLY B 760 2.73 3.32 12.94
C GLY B 760 3.44 4.29 13.85
N ASN B 761 4.79 4.24 13.88
CA ASN B 761 5.53 5.09 14.80
C ASN B 761 6.46 6.09 14.14
N TYR B 762 7.08 5.76 13.00
CA TYR B 762 8.08 6.67 12.45
C TYR B 762 7.85 7.13 11.02
N HIS B 763 7.41 6.24 10.13
CA HIS B 763 7.22 6.50 8.70
C HIS B 763 5.77 6.14 8.28
N PRO B 764 4.77 7.01 8.60
CA PRO B 764 3.36 6.66 8.32
C PRO B 764 2.89 6.80 6.87
N HIS B 765 3.51 5.99 6.00
CA HIS B 765 3.24 5.93 4.57
C HIS B 765 2.95 4.48 4.15
N GLY B 766 2.79 4.24 2.85
CA GLY B 766 2.50 2.91 2.29
C GLY B 766 3.55 1.88 2.65
N ASP B 767 3.09 0.63 2.91
CA ASP B 767 3.94 -0.50 3.31
C ASP B 767 5.05 -0.81 2.32
N ALA B 768 4.77 -0.58 1.03
CA ALA B 768 5.66 -0.82 -0.10
C ALA B 768 6.99 -0.10 0.04
N SER B 769 6.98 1.20 0.36
CA SER B 769 8.21 1.98 0.53
C SER B 769 9.04 1.47 1.71
N ILE B 770 8.37 1.10 2.83
CA ILE B 770 9.01 0.57 4.03
C ILE B 770 9.61 -0.81 3.75
N TYR B 771 8.78 -1.73 3.20
CA TYR B 771 9.21 -3.08 2.81
C TYR B 771 10.35 -3.07 1.78
N ASP B 772 10.38 -2.03 0.92
CA ASP B 772 11.42 -1.82 -0.07
C ASP B 772 12.76 -1.61 0.62
N SER B 773 12.79 -0.73 1.66
CA SER B 773 13.99 -0.43 2.44
C SER B 773 14.51 -1.68 3.15
N LEU B 774 13.60 -2.43 3.79
CA LEU B 774 13.91 -3.67 4.50
C LEU B 774 14.59 -4.67 3.53
N VAL B 775 13.92 -4.99 2.42
CA VAL B 775 14.42 -5.93 1.42
C VAL B 775 15.79 -5.49 0.88
N ARG B 776 15.96 -4.21 0.47
CA ARG B 776 17.25 -3.71 -0.07
C ARG B 776 18.41 -3.85 0.91
N MET B 777 18.13 -3.73 2.22
CA MET B 777 19.12 -3.85 3.29
C MET B 777 19.42 -5.32 3.63
N ALA B 778 18.62 -6.25 3.08
CA ALA B 778 18.72 -7.71 3.27
C ALA B 778 19.43 -8.43 2.12
N GLN B 779 19.33 -7.90 0.89
CA GLN B 779 19.88 -8.51 -0.32
C GLN B 779 21.40 -8.49 -0.37
N PRO B 780 22.04 -9.68 -0.44
CA PRO B 780 23.52 -9.74 -0.47
C PRO B 780 24.18 -9.16 -1.72
N TRP B 781 23.38 -8.85 -2.77
CA TRP B 781 23.85 -8.22 -4.01
C TRP B 781 23.61 -6.71 -3.99
N SER B 782 22.74 -6.22 -3.08
CA SER B 782 22.41 -4.80 -2.90
C SER B 782 23.40 -4.09 -1.97
N LEU B 783 23.68 -4.69 -0.78
CA LEU B 783 24.59 -4.12 0.21
C LEU B 783 25.85 -4.93 0.42
N ARG B 784 27.00 -4.24 0.44
CA ARG B 784 28.32 -4.84 0.69
C ARG B 784 28.38 -5.41 2.12
N TYR B 785 27.64 -4.79 3.05
CA TYR B 785 27.52 -5.20 4.44
C TYR B 785 26.04 -5.10 4.83
N PRO B 786 25.21 -6.14 4.50
CA PRO B 786 23.77 -6.07 4.78
C PRO B 786 23.41 -5.83 6.23
N LEU B 787 22.35 -5.03 6.43
CA LEU B 787 21.86 -4.61 7.75
C LEU B 787 20.60 -5.35 8.16
N VAL B 788 20.02 -6.14 7.27
CA VAL B 788 18.84 -6.95 7.55
C VAL B 788 19.17 -8.40 7.19
N ASP B 789 18.93 -9.31 8.14
CA ASP B 789 19.10 -10.75 8.02
C ASP B 789 17.73 -11.31 7.61
N GLY B 790 17.58 -11.57 6.32
CA GLY B 790 16.33 -12.09 5.78
C GLY B 790 16.21 -13.60 5.72
N GLN B 791 14.98 -14.10 5.91
CA GLN B 791 14.62 -15.50 5.81
C GLN B 791 13.46 -15.65 4.82
N GLY B 792 13.71 -16.39 3.74
CA GLY B 792 12.73 -16.61 2.68
C GLY B 792 13.18 -16.06 1.35
N ASN B 793 12.21 -15.73 0.51
CA ASN B 793 12.42 -15.20 -0.83
C ASN B 793 12.56 -13.69 -0.83
N PHE B 794 13.79 -13.19 -1.01
CA PHE B 794 14.06 -11.75 -1.06
C PHE B 794 14.40 -11.33 -2.50
N GLY B 795 14.03 -12.19 -3.44
CA GLY B 795 14.22 -11.98 -4.86
C GLY B 795 15.55 -12.41 -5.42
N SER B 796 15.95 -11.79 -6.53
CA SER B 796 17.19 -12.10 -7.23
C SER B 796 17.84 -10.82 -7.77
N PRO B 797 19.14 -10.85 -8.20
CA PRO B 797 19.73 -9.66 -8.82
C PRO B 797 19.07 -9.35 -10.17
N GLY B 798 18.14 -10.22 -10.58
CA GLY B 798 17.34 -10.11 -11.79
C GLY B 798 15.99 -9.49 -11.53
N ASN B 799 14.95 -9.90 -12.27
CA ASN B 799 13.59 -9.34 -12.13
C ASN B 799 12.67 -10.17 -11.23
N ASP B 800 13.24 -10.93 -10.28
CA ASP B 800 12.44 -11.70 -9.31
C ASP B 800 12.24 -10.83 -8.05
N PRO B 801 11.00 -10.45 -7.72
CA PRO B 801 10.82 -9.60 -6.52
C PRO B 801 10.79 -10.41 -5.22
N PRO B 802 10.98 -9.80 -4.02
CA PRO B 802 10.80 -10.56 -2.78
C PRO B 802 9.37 -11.11 -2.68
N ALA B 803 9.15 -12.08 -1.78
CA ALA B 803 7.82 -12.61 -1.52
C ALA B 803 7.11 -11.60 -0.63
N ALA B 804 5.79 -11.75 -0.42
CA ALA B 804 5.01 -10.83 0.39
C ALA B 804 5.57 -10.73 1.81
N MET B 805 5.56 -9.52 2.38
CA MET B 805 6.04 -9.19 3.74
C MET B 805 5.46 -10.08 4.84
N ARG B 806 4.31 -10.76 4.58
CA ARG B 806 3.66 -11.65 5.54
C ARG B 806 4.32 -13.03 5.54
N TYR B 807 5.13 -13.29 4.49
CA TYR B 807 5.82 -14.54 4.29
C TYR B 807 7.30 -14.45 4.63
N THR B 808 7.99 -13.40 4.14
CA THR B 808 9.40 -13.24 4.46
C THR B 808 9.58 -12.85 5.91
N GLU B 809 10.72 -13.22 6.47
CA GLU B 809 11.09 -12.94 7.84
C GLU B 809 12.37 -12.11 7.85
N ALA B 810 12.50 -11.23 8.86
CA ALA B 810 13.63 -10.34 9.00
C ALA B 810 14.03 -10.10 10.46
N ARG B 811 15.34 -9.87 10.65
CA ARG B 811 15.95 -9.50 11.93
C ARG B 811 17.20 -8.68 11.58
N LEU B 812 17.79 -7.98 12.57
CA LEU B 812 18.99 -7.18 12.31
C LEU B 812 20.20 -8.10 12.25
N THR B 813 21.21 -7.73 11.44
CA THR B 813 22.46 -8.48 11.33
C THR B 813 23.36 -8.05 12.49
N PRO B 814 24.43 -8.82 12.85
CA PRO B 814 25.37 -8.35 13.88
C PRO B 814 26.01 -6.99 13.57
N LEU B 815 26.15 -6.63 12.28
CA LEU B 815 26.67 -5.33 11.87
C LEU B 815 25.61 -4.22 12.06
N ALA B 816 24.32 -4.56 11.87
CA ALA B 816 23.21 -3.63 12.09
C ALA B 816 23.16 -3.28 13.57
N MET B 817 23.48 -4.24 14.45
CA MET B 817 23.57 -4.03 15.90
C MET B 817 24.70 -3.05 16.23
N GLU B 818 25.71 -2.95 15.35
CA GLU B 818 26.81 -1.99 15.50
C GLU B 818 26.38 -0.59 15.02
N MET B 819 25.29 -0.50 14.22
CA MET B 819 24.76 0.81 13.79
C MET B 819 23.94 1.40 14.94
N LEU B 820 23.26 0.53 15.69
CA LEU B 820 22.37 0.83 16.80
C LEU B 820 23.03 0.71 18.20
N ARG B 821 24.32 0.29 18.25
CA ARG B 821 25.06 0.08 19.51
C ARG B 821 24.97 1.28 20.47
N GLU B 822 24.36 1.02 21.67
CA GLU B 822 24.17 1.96 22.78
C GLU B 822 23.36 3.21 22.40
N ILE B 823 22.34 3.04 21.53
CA ILE B 823 21.46 4.14 21.11
C ILE B 823 20.56 4.58 22.29
N ASP B 824 20.28 3.64 23.22
CA ASP B 824 19.48 3.84 24.43
C ASP B 824 20.29 4.57 25.51
N GLU B 825 21.61 4.73 25.28
CA GLU B 825 22.54 5.40 26.19
C GLU B 825 22.77 6.88 25.84
N GLU B 826 21.72 7.56 25.30
CA GLU B 826 21.72 9.00 24.92
C GLU B 826 22.99 9.41 24.18
N THR B 827 23.34 8.65 23.13
CA THR B 827 24.54 8.83 22.32
C THR B 827 24.28 9.66 21.07
N VAL B 828 23.00 9.82 20.72
CA VAL B 828 22.54 10.58 19.55
C VAL B 828 21.39 11.50 19.93
N ASP B 829 21.21 12.58 19.14
CA ASP B 829 20.09 13.49 19.32
C ASP B 829 18.83 12.80 18.81
N PHE B 830 17.77 12.85 19.62
CA PHE B 830 16.46 12.30 19.31
C PHE B 830 15.53 13.48 19.11
N ILE B 831 14.54 13.31 18.26
CA ILE B 831 13.54 14.35 18.03
C ILE B 831 12.18 13.70 18.15
N PRO B 832 11.10 14.43 18.51
CA PRO B 832 9.79 13.78 18.54
C PRO B 832 9.40 13.29 17.16
N ASN B 833 8.69 12.16 17.11
CA ASN B 833 8.21 11.51 15.88
C ASN B 833 7.06 12.30 15.23
N TYR B 834 6.48 11.73 14.14
CA TYR B 834 5.38 12.33 13.35
C TYR B 834 4.18 12.82 14.19
N ASP B 835 3.81 12.13 15.30
CA ASP B 835 2.67 12.55 16.14
C ASP B 835 3.10 13.19 17.47
N GLY B 836 4.42 13.35 17.67
CA GLY B 836 5.00 13.96 18.86
C GLY B 836 4.80 13.21 20.16
N ARG B 837 4.33 11.95 20.06
CA ARG B 837 4.04 11.08 21.20
C ARG B 837 5.31 10.39 21.73
N VAL B 838 6.18 9.91 20.83
CA VAL B 838 7.46 9.24 21.14
C VAL B 838 8.67 9.94 20.44
N GLN B 839 9.88 9.38 20.61
CA GLN B 839 11.11 9.95 20.03
C GLN B 839 11.77 8.98 19.04
N GLU B 840 12.37 9.55 17.99
CA GLU B 840 13.14 8.82 16.97
C GLU B 840 14.55 9.45 16.85
N PRO B 841 15.62 8.67 16.58
CA PRO B 841 16.95 9.28 16.44
C PRO B 841 17.13 10.11 15.17
N THR B 842 17.96 11.17 15.25
CA THR B 842 18.27 12.05 14.10
C THR B 842 19.34 11.38 13.23
N VAL B 843 20.15 10.51 13.86
CA VAL B 843 21.29 9.78 13.30
C VAL B 843 21.48 8.54 14.19
N LEU B 844 22.02 7.45 13.63
CA LEU B 844 22.31 6.24 14.40
C LEU B 844 23.77 6.30 14.88
N PRO B 845 24.14 5.66 16.02
CA PRO B 845 25.56 5.70 16.46
C PRO B 845 26.59 5.37 15.38
N SER B 846 26.25 4.43 14.46
CA SER B 846 27.07 4.01 13.32
C SER B 846 28.51 3.70 13.74
N ARG B 847 28.69 2.63 14.52
CA ARG B 847 30.00 2.26 15.06
C ARG B 847 31.01 1.72 14.00
N PHE B 848 30.56 1.59 12.72
CA PHE B 848 31.41 1.26 11.56
C PHE B 848 31.13 2.31 10.45
N PRO B 849 32.11 2.70 9.58
CA PRO B 849 31.83 3.75 8.57
C PRO B 849 30.89 3.31 7.44
N ASN B 850 29.59 3.24 7.77
CA ASN B 850 28.50 2.75 6.93
C ASN B 850 28.32 3.44 5.60
N LEU B 851 28.38 4.78 5.56
CA LEU B 851 28.21 5.54 4.31
C LEU B 851 29.22 5.10 3.26
N LEU B 852 30.47 4.93 3.68
CA LEU B 852 31.49 4.50 2.75
C LEU B 852 31.42 2.99 2.50
N ALA B 853 31.19 2.17 3.55
CA ALA B 853 31.11 0.70 3.47
C ALA B 853 29.99 0.18 2.59
N ASN B 854 28.78 0.75 2.74
CA ASN B 854 27.59 0.31 2.04
C ASN B 854 27.17 1.20 0.87
N GLY B 855 27.70 2.42 0.81
CA GLY B 855 27.38 3.37 -0.25
C GLY B 855 25.99 3.96 -0.15
N SER B 856 25.52 4.66 -1.20
CA SER B 856 24.20 5.32 -1.27
C SER B 856 23.93 5.95 -2.64
N GLY B 857 22.67 5.85 -3.08
CA GLY B 857 22.14 6.47 -4.30
C GLY B 857 21.06 7.48 -3.94
N GLY B 858 20.27 7.90 -4.93
CA GLY B 858 19.19 8.86 -4.72
C GLY B 858 19.27 10.13 -5.54
N ILE B 859 18.14 10.53 -6.16
CA ILE B 859 18.03 11.73 -7.00
C ILE B 859 16.76 12.53 -6.66
N ALA B 860 16.90 13.82 -6.29
CA ALA B 860 15.78 14.73 -6.01
C ALA B 860 16.12 16.20 -6.19
N VAL B 861 15.28 16.90 -7.01
CA VAL B 861 15.28 18.33 -7.40
C VAL B 861 16.71 18.91 -7.66
N GLY B 862 17.37 18.35 -8.68
CA GLY B 862 18.70 18.77 -9.13
C GLY B 862 19.89 18.25 -8.33
N MET B 863 19.63 17.41 -7.31
CA MET B 863 20.68 16.82 -6.46
C MET B 863 20.63 15.32 -6.63
N ALA B 864 21.78 14.73 -6.97
CA ALA B 864 21.92 13.28 -7.19
C ALA B 864 23.14 12.78 -6.46
N THR B 865 23.03 11.64 -5.78
CA THR B 865 24.18 11.08 -5.08
C THR B 865 24.50 9.68 -5.57
N ASN B 866 25.79 9.35 -5.57
CA ASN B 866 26.32 8.06 -5.94
C ASN B 866 27.66 7.83 -5.24
N ILE B 867 27.58 7.29 -4.02
CA ILE B 867 28.72 6.95 -3.17
C ILE B 867 28.86 5.44 -3.28
N PRO B 868 30.00 4.92 -3.77
CA PRO B 868 30.11 3.46 -3.93
C PRO B 868 30.42 2.73 -2.62
N PRO B 869 30.07 1.41 -2.50
CA PRO B 869 30.46 0.67 -1.29
C PRO B 869 31.98 0.47 -1.21
N HIS B 870 32.51 0.16 -0.02
CA HIS B 870 33.94 -0.02 0.22
C HIS B 870 34.28 -1.21 1.11
N ASN B 871 35.58 -1.51 1.28
CA ASN B 871 36.03 -2.60 2.13
C ASN B 871 36.17 -2.10 3.57
N LEU B 872 35.45 -2.73 4.51
CA LEU B 872 35.44 -2.35 5.91
C LEU B 872 36.84 -2.34 6.53
N ARG B 873 37.66 -3.37 6.28
CA ARG B 873 39.04 -3.47 6.78
C ARG B 873 39.88 -2.28 6.33
N GLU B 874 39.74 -1.89 5.05
CA GLU B 874 40.45 -0.76 4.43
C GLU B 874 40.00 0.57 5.01
N LEU B 875 38.67 0.75 5.16
CA LEU B 875 38.06 1.95 5.74
C LEU B 875 38.47 2.12 7.19
N ALA B 876 38.55 0.99 7.93
CA ALA B 876 38.94 0.96 9.34
C ALA B 876 40.32 1.56 9.51
N ASP B 877 41.27 1.23 8.59
CA ASP B 877 42.65 1.74 8.58
C ASP B 877 42.67 3.25 8.39
N ALA B 878 41.83 3.75 7.46
CA ALA B 878 41.66 5.17 7.19
C ALA B 878 41.17 5.89 8.46
N VAL B 879 40.22 5.27 9.20
CA VAL B 879 39.67 5.76 10.46
C VAL B 879 40.74 5.72 11.56
N PHE B 880 41.47 4.58 11.70
CA PHE B 880 42.54 4.39 12.68
C PHE B 880 43.63 5.43 12.51
N TRP B 881 44.00 5.75 11.24
CA TRP B 881 45.00 6.76 10.94
C TRP B 881 44.47 8.12 11.35
N ALA B 882 43.19 8.40 11.04
CA ALA B 882 42.52 9.65 11.37
C ALA B 882 42.42 9.89 12.87
N LEU B 883 42.27 8.81 13.66
CA LEU B 883 42.21 8.87 15.12
C LEU B 883 43.57 9.20 15.68
N GLU B 884 44.61 8.45 15.25
CA GLU B 884 45.99 8.64 15.72
C GLU B 884 46.53 10.01 15.30
N ASN B 885 46.40 10.34 14.02
CA ASN B 885 46.87 11.60 13.44
C ASN B 885 45.74 12.64 13.37
N HIS B 886 45.08 12.88 14.51
CA HIS B 886 43.93 13.79 14.68
C HIS B 886 44.24 15.27 14.38
N ASP B 887 45.51 15.68 14.44
CA ASP B 887 45.95 17.06 14.19
C ASP B 887 46.38 17.35 12.75
N ALA B 888 46.56 16.30 11.90
CA ALA B 888 46.99 16.42 10.50
C ALA B 888 46.06 17.31 9.66
N ASP B 889 46.64 18.08 8.71
CA ASP B 889 45.88 18.99 7.84
C ASP B 889 45.10 18.23 6.74
N GLU B 890 44.32 18.95 5.92
CA GLU B 890 43.47 18.39 4.87
C GLU B 890 44.22 17.57 3.81
N GLU B 891 45.42 18.05 3.37
CA GLU B 891 46.27 17.37 2.37
C GLU B 891 46.90 16.09 2.92
N GLU B 892 47.40 16.13 4.17
CA GLU B 892 48.05 14.99 4.84
C GLU B 892 47.06 13.86 5.13
N THR B 893 45.80 14.21 5.43
CA THR B 893 44.74 13.23 5.69
C THR B 893 44.33 12.56 4.38
N LEU B 894 44.06 13.36 3.33
CA LEU B 894 43.67 12.90 1.99
C LEU B 894 44.66 11.88 1.46
N ALA B 895 45.96 12.21 1.46
CA ALA B 895 47.06 11.36 1.03
C ALA B 895 47.19 10.08 1.86
N ALA B 896 46.77 10.13 3.13
CA ALA B 896 46.83 8.98 4.03
C ALA B 896 45.63 8.06 3.86
N VAL B 897 44.40 8.64 3.67
CA VAL B 897 43.18 7.85 3.48
C VAL B 897 43.28 7.13 2.14
N MET B 898 43.68 7.83 1.06
CA MET B 898 43.97 7.23 -0.25
C MET B 898 45.29 6.49 0.00
N GLY B 899 45.35 5.21 -0.33
CA GLY B 899 46.54 4.41 -0.03
C GLY B 899 46.23 3.41 1.05
N ARG B 900 45.26 3.73 1.91
CA ARG B 900 44.76 2.81 2.93
C ARG B 900 43.50 2.16 2.36
N VAL B 901 42.64 2.94 1.66
CA VAL B 901 41.44 2.46 0.97
C VAL B 901 41.71 2.48 -0.56
N LYS B 902 42.00 1.29 -1.09
CA LYS B 902 42.40 1.00 -2.47
C LYS B 902 41.39 1.45 -3.54
N GLY B 903 40.11 1.40 -3.20
CA GLY B 903 39.03 1.80 -4.09
C GLY B 903 37.69 1.24 -3.68
N PRO B 904 36.65 1.37 -4.53
CA PRO B 904 35.34 0.80 -4.17
C PRO B 904 35.38 -0.72 -4.07
N ASP B 905 34.52 -1.29 -3.21
CA ASP B 905 34.43 -2.73 -3.05
C ASP B 905 32.96 -3.10 -3.09
N PHE B 906 32.52 -3.60 -4.25
CA PHE B 906 31.13 -3.93 -4.53
C PHE B 906 30.71 -5.30 -3.98
N PRO B 907 29.42 -5.48 -3.56
CA PRO B 907 29.00 -6.81 -3.08
C PRO B 907 28.95 -7.86 -4.19
N THR B 908 28.87 -7.37 -5.44
CA THR B 908 28.78 -8.13 -6.69
C THR B 908 30.17 -8.25 -7.32
N ALA B 909 31.22 -8.37 -6.47
CA ALA B 909 32.64 -8.51 -6.83
C ALA B 909 33.01 -7.72 -8.10
N GLY B 910 33.38 -8.42 -9.18
CA GLY B 910 33.74 -7.82 -10.45
C GLY B 910 35.10 -7.19 -10.41
N LEU B 911 35.37 -6.29 -11.36
CA LEU B 911 36.64 -5.60 -11.52
C LEU B 911 36.50 -4.11 -11.76
N ILE B 912 37.56 -3.35 -11.47
CA ILE B 912 37.69 -1.93 -11.75
C ILE B 912 38.84 -1.81 -12.75
N VAL B 913 38.62 -1.10 -13.86
CA VAL B 913 39.63 -0.90 -14.89
C VAL B 913 40.19 0.52 -14.77
N GLY B 914 41.42 0.60 -14.26
CA GLY B 914 42.12 1.86 -14.04
C GLY B 914 41.94 2.42 -12.65
N SER B 915 42.69 3.48 -12.35
CA SER B 915 42.65 4.12 -11.03
C SER B 915 42.33 5.62 -11.05
N GLN B 916 42.24 6.21 -12.26
CA GLN B 916 41.97 7.64 -12.45
C GLN B 916 40.66 8.09 -11.85
N GLY B 917 39.56 7.39 -12.17
CA GLY B 917 38.22 7.66 -11.68
C GLY B 917 38.12 7.56 -10.17
N THR B 918 38.75 6.52 -9.59
CA THR B 918 38.83 6.27 -8.13
C THR B 918 39.55 7.45 -7.46
N ALA B 919 40.70 7.89 -8.03
CA ALA B 919 41.50 9.00 -7.54
C ALA B 919 40.69 10.31 -7.60
N ASP B 920 40.05 10.58 -8.77
CA ASP B 920 39.19 11.75 -8.98
C ASP B 920 38.07 11.86 -7.95
N ALA B 921 37.40 10.73 -7.67
CA ALA B 921 36.28 10.68 -6.72
C ALA B 921 36.70 10.97 -5.28
N TYR B 922 37.93 10.59 -4.90
CA TYR B 922 38.44 10.80 -3.55
C TYR B 922 38.98 12.19 -3.31
N LYS B 923 39.69 12.78 -4.28
CA LYS B 923 40.26 14.11 -4.10
C LYS B 923 39.32 15.25 -4.52
N THR B 924 38.34 14.96 -5.40
CA THR B 924 37.39 15.98 -5.89
C THR B 924 35.92 15.70 -5.55
N GLY B 925 35.59 14.46 -5.18
CA GLY B 925 34.23 14.05 -4.88
C GLY B 925 33.42 13.65 -6.10
N ARG B 926 34.06 13.64 -7.28
CA ARG B 926 33.43 13.33 -8.57
C ARG B 926 34.41 12.55 -9.45
N GLY B 927 33.96 11.42 -10.00
CA GLY B 927 34.78 10.56 -10.85
C GLY B 927 34.04 9.44 -11.56
N SER B 928 34.60 8.98 -12.69
CA SER B 928 34.06 7.89 -13.51
C SER B 928 34.89 6.61 -13.30
N ILE B 929 34.36 5.70 -12.47
CA ILE B 929 35.00 4.42 -12.14
C ILE B 929 34.44 3.33 -13.09
N ARG B 930 35.29 2.83 -14.00
CA ARG B 930 34.92 1.82 -14.98
C ARG B 930 34.84 0.46 -14.31
N MET B 931 33.66 -0.16 -14.37
CA MET B 931 33.42 -1.48 -13.79
C MET B 931 33.34 -2.51 -14.90
N ARG B 932 33.84 -3.72 -14.61
CA ARG B 932 33.86 -4.84 -15.56
C ARG B 932 33.54 -6.17 -14.86
N GLY B 933 32.68 -6.98 -15.47
CA GLY B 933 32.36 -8.31 -14.97
C GLY B 933 33.41 -9.33 -15.35
N VAL B 934 33.28 -10.57 -14.84
CA VAL B 934 34.23 -11.65 -15.15
C VAL B 934 33.58 -12.71 -16.08
N VAL B 935 34.31 -13.05 -17.16
CA VAL B 935 33.93 -14.02 -18.19
C VAL B 935 34.90 -15.21 -18.16
N GLU B 936 34.35 -16.43 -18.25
CA GLU B 936 35.08 -17.69 -18.31
C GLU B 936 34.74 -18.36 -19.65
N VAL B 937 35.64 -19.19 -20.18
CA VAL B 937 35.42 -19.87 -21.46
C VAL B 937 35.25 -21.38 -21.23
N GLU B 938 34.16 -21.95 -21.76
CA GLU B 938 33.81 -23.36 -21.66
C GLU B 938 33.71 -24.04 -23.04
N GLU B 939 34.00 -25.35 -23.10
CA GLU B 939 33.88 -26.24 -24.27
C GLU B 939 33.03 -27.46 -23.85
N ASP B 940 31.95 -27.76 -24.60
CA ASP B 940 31.09 -28.90 -24.27
C ASP B 940 31.61 -30.23 -24.88
N SER B 941 30.73 -31.27 -24.92
CA SER B 941 31.01 -32.60 -25.49
C SER B 941 31.52 -32.49 -26.94
N ARG B 942 30.63 -32.02 -27.86
CA ARG B 942 30.83 -31.83 -29.31
C ARG B 942 32.04 -30.96 -29.67
N GLY B 943 32.42 -30.04 -28.79
CA GLY B 943 33.54 -29.12 -28.99
C GLY B 943 33.11 -27.68 -29.14
N ARG B 944 31.80 -27.41 -28.93
CA ARG B 944 31.19 -26.09 -29.02
C ARG B 944 31.60 -25.21 -27.83
N THR B 945 31.98 -23.96 -28.13
CA THR B 945 32.45 -22.95 -27.19
C THR B 945 31.30 -22.11 -26.66
N SER B 946 31.34 -21.80 -25.36
CA SER B 946 30.38 -20.93 -24.71
C SER B 946 31.07 -20.09 -23.65
N LEU B 947 30.70 -18.80 -23.57
CA LEU B 947 31.22 -17.86 -22.58
C LEU B 947 30.34 -17.90 -21.34
N VAL B 948 30.96 -17.99 -20.16
CA VAL B 948 30.20 -18.05 -18.91
C VAL B 948 30.46 -16.78 -18.10
N ILE B 949 29.40 -15.98 -17.88
CA ILE B 949 29.46 -14.76 -17.07
C ILE B 949 29.36 -15.21 -15.59
N THR B 950 30.48 -15.14 -14.84
CA THR B 950 30.59 -15.57 -13.44
C THR B 950 30.45 -14.40 -12.45
N GLU B 951 30.69 -13.17 -12.93
CA GLU B 951 30.60 -11.91 -12.20
C GLU B 951 30.12 -10.81 -13.15
N LEU B 952 29.43 -9.82 -12.60
CA LEU B 952 28.91 -8.68 -13.35
C LEU B 952 29.21 -7.39 -12.57
N PRO B 953 29.17 -6.19 -13.20
CA PRO B 953 29.36 -4.96 -12.43
C PRO B 953 28.19 -4.71 -11.45
N TYR B 954 28.40 -3.77 -10.51
CA TYR B 954 27.44 -3.36 -9.48
C TYR B 954 26.13 -2.77 -10.03
N GLN B 955 24.98 -3.20 -9.46
CA GLN B 955 23.61 -2.77 -9.79
C GLN B 955 23.13 -3.12 -11.23
N VAL B 956 23.88 -3.94 -12.01
CA VAL B 956 23.37 -4.30 -13.33
C VAL B 956 22.44 -5.49 -13.15
N ASN B 957 21.16 -5.32 -13.52
CA ASN B 957 20.10 -6.33 -13.42
C ASN B 957 20.39 -7.49 -14.37
N HIS B 958 20.50 -8.69 -13.80
CA HIS B 958 20.81 -9.94 -14.50
C HIS B 958 19.86 -10.23 -15.65
N ASP B 959 18.54 -10.18 -15.39
CA ASP B 959 17.52 -10.47 -16.40
C ASP B 959 17.48 -9.43 -17.52
N ASN B 960 17.78 -8.15 -17.20
CA ASN B 960 17.81 -7.06 -18.19
C ASN B 960 19.05 -7.13 -19.08
N PHE B 961 20.14 -7.67 -18.52
CA PHE B 961 21.41 -7.90 -19.20
C PHE B 961 21.22 -9.00 -20.25
N ILE B 962 20.57 -10.12 -19.86
CA ILE B 962 20.26 -11.27 -20.74
C ILE B 962 19.34 -10.79 -21.88
N THR B 963 18.29 -10.00 -21.54
CA THR B 963 17.33 -9.44 -22.49
C THR B 963 18.02 -8.53 -23.53
N SER B 964 18.92 -7.61 -23.07
CA SER B 964 19.66 -6.69 -23.95
C SER B 964 20.47 -7.43 -25.01
N ILE B 965 21.17 -8.52 -24.62
CA ILE B 965 21.97 -9.36 -25.52
C ILE B 965 21.07 -10.03 -26.56
N ALA B 966 19.96 -10.66 -26.09
CA ALA B 966 18.97 -11.33 -26.94
C ALA B 966 18.35 -10.35 -27.95
N GLU B 967 18.01 -9.12 -27.50
CA GLU B 967 17.46 -8.04 -28.32
C GLU B 967 18.48 -7.53 -29.34
N GLN B 968 19.78 -7.52 -28.97
CA GLN B 968 20.84 -7.09 -29.87
C GLN B 968 21.16 -8.14 -30.93
N VAL B 969 21.13 -9.44 -30.57
CA VAL B 969 21.42 -10.55 -31.48
C VAL B 969 20.34 -10.67 -32.57
N ARG B 970 19.04 -10.70 -32.18
CA ARG B 970 17.93 -10.75 -33.14
C ARG B 970 17.92 -9.55 -34.11
N ASP B 971 18.41 -8.37 -33.63
CA ASP B 971 18.51 -7.13 -34.42
C ASP B 971 19.82 -7.03 -35.21
N GLY B 972 20.67 -8.05 -35.07
CA GLY B 972 21.95 -8.17 -35.76
C GLY B 972 23.05 -7.26 -35.26
N LYS B 973 22.80 -6.50 -34.17
CA LYS B 973 23.73 -5.56 -33.54
C LYS B 973 24.88 -6.28 -32.80
N LEU B 974 24.68 -7.56 -32.46
CA LEU B 974 25.64 -8.40 -31.76
C LEU B 974 25.75 -9.70 -32.52
N ALA B 975 26.95 -10.00 -33.01
CA ALA B 975 27.22 -11.19 -33.82
C ALA B 975 28.06 -12.21 -33.07
N GLY B 976 28.10 -13.42 -33.60
CA GLY B 976 28.85 -14.53 -33.02
C GLY B 976 28.14 -15.30 -31.93
N ILE B 977 27.03 -14.74 -31.39
CA ILE B 977 26.23 -15.36 -30.34
C ILE B 977 25.14 -16.24 -30.97
N SER B 978 25.04 -17.49 -30.48
CA SER B 978 24.08 -18.49 -30.95
C SER B 978 22.99 -18.82 -29.90
N ASN B 979 23.23 -18.49 -28.61
CA ASN B 979 22.29 -18.73 -27.51
C ASN B 979 22.72 -18.06 -26.21
N ILE B 980 21.74 -17.75 -25.35
CA ILE B 980 21.93 -17.22 -24.00
C ILE B 980 21.00 -17.98 -23.02
N GLU B 981 21.55 -18.42 -21.88
CA GLU B 981 20.84 -19.18 -20.85
C GLU B 981 21.26 -18.75 -19.45
N ASP B 982 20.30 -18.72 -18.51
CA ASP B 982 20.57 -18.38 -17.12
C ASP B 982 20.61 -19.66 -16.26
N GLN B 983 21.82 -20.20 -16.06
CA GLN B 983 22.03 -21.41 -15.28
C GLN B 983 22.49 -21.12 -13.84
N SER B 984 22.27 -19.87 -13.36
CA SER B 984 22.66 -19.43 -12.02
C SER B 984 21.88 -20.13 -10.91
N SER B 985 22.58 -20.42 -9.79
CA SER B 985 22.05 -21.01 -8.56
C SER B 985 23.03 -20.71 -7.44
N ASP B 986 22.63 -20.94 -6.17
CA ASP B 986 23.49 -20.71 -5.01
C ASP B 986 24.74 -21.61 -5.05
N ARG B 987 24.57 -22.88 -5.47
CA ARG B 987 25.65 -23.87 -5.53
C ARG B 987 26.63 -23.64 -6.66
N VAL B 988 26.18 -23.05 -7.79
CA VAL B 988 27.04 -22.82 -8.97
C VAL B 988 27.47 -21.33 -9.11
N GLY B 989 26.86 -20.46 -8.31
CA GLY B 989 27.11 -19.02 -8.36
C GLY B 989 26.47 -18.40 -9.58
N LEU B 990 27.01 -17.27 -10.05
CA LEU B 990 26.51 -16.63 -11.25
C LEU B 990 27.01 -17.43 -12.46
N ARG B 991 26.07 -17.82 -13.32
CA ARG B 991 26.37 -18.64 -14.49
C ARG B 991 25.44 -18.27 -15.66
N ILE B 992 25.81 -17.20 -16.40
CA ILE B 992 25.06 -16.79 -17.60
C ILE B 992 25.86 -17.34 -18.78
N VAL B 993 25.34 -18.42 -19.39
CA VAL B 993 26.00 -19.14 -20.49
C VAL B 993 25.62 -18.55 -21.83
N ILE B 994 26.61 -17.97 -22.53
CA ILE B 994 26.45 -17.37 -23.85
C ILE B 994 27.16 -18.26 -24.85
N GLU B 995 26.38 -19.08 -25.58
CA GLU B 995 26.92 -19.98 -26.58
C GLU B 995 27.33 -19.14 -27.79
N ILE B 996 28.54 -19.43 -28.33
CA ILE B 996 29.09 -18.71 -29.47
C ILE B 996 29.23 -19.63 -30.68
N LYS B 997 28.91 -19.09 -31.87
CA LYS B 997 28.98 -19.76 -33.17
C LYS B 997 30.40 -20.25 -33.41
N ARG B 998 30.54 -21.47 -33.98
CA ARG B 998 31.86 -22.09 -34.27
C ARG B 998 32.75 -21.14 -35.09
N ASP B 999 32.09 -20.31 -35.91
CA ASP B 999 32.59 -19.25 -36.79
C ASP B 999 33.29 -18.13 -35.97
N ALA B 1000 32.76 -17.83 -34.76
CA ALA B 1000 33.23 -16.76 -33.89
C ALA B 1000 34.45 -17.07 -32.99
N VAL B 1001 35.21 -16.01 -32.68
CA VAL B 1001 36.38 -16.02 -31.80
C VAL B 1001 35.90 -15.50 -30.45
N ALA B 1002 36.12 -16.28 -29.36
CA ALA B 1002 35.70 -15.94 -27.99
C ALA B 1002 36.10 -14.53 -27.57
N LYS B 1003 37.39 -14.17 -27.75
CA LYS B 1003 37.96 -12.86 -27.39
C LYS B 1003 37.25 -11.69 -28.08
N VAL B 1004 36.90 -11.87 -29.37
CA VAL B 1004 36.23 -10.86 -30.19
C VAL B 1004 34.75 -10.69 -29.78
N VAL B 1005 34.14 -11.73 -29.18
CA VAL B 1005 32.73 -11.67 -28.72
C VAL B 1005 32.69 -10.96 -27.36
N ILE B 1006 33.63 -11.31 -26.45
CA ILE B 1006 33.76 -10.72 -25.10
C ILE B 1006 33.96 -9.21 -25.19
N ASN B 1007 34.87 -8.74 -26.08
CA ASN B 1007 35.14 -7.31 -26.28
C ASN B 1007 33.91 -6.55 -26.79
N ASN B 1008 33.07 -7.20 -27.64
CA ASN B 1008 31.83 -6.64 -28.18
C ASN B 1008 30.76 -6.55 -27.08
N LEU B 1009 30.81 -7.49 -26.11
CA LEU B 1009 29.92 -7.49 -24.95
C LEU B 1009 30.30 -6.35 -24.01
N TYR B 1010 31.62 -6.03 -23.89
CA TYR B 1010 32.09 -4.91 -23.07
C TYR B 1010 31.54 -3.60 -23.67
N LYS B 1011 31.79 -3.42 -24.98
CA LYS B 1011 31.42 -2.30 -25.84
C LYS B 1011 29.92 -1.98 -25.87
N HIS B 1012 29.07 -3.00 -26.14
CA HIS B 1012 27.63 -2.79 -26.35
C HIS B 1012 26.68 -3.27 -25.23
N THR B 1013 27.18 -3.91 -24.16
CA THR B 1013 26.32 -4.34 -23.03
C THR B 1013 26.85 -3.80 -21.69
N GLN B 1014 26.06 -3.99 -20.61
CA GLN B 1014 26.42 -3.55 -19.25
C GLN B 1014 27.51 -4.43 -18.61
N LEU B 1015 28.08 -5.42 -19.36
CA LEU B 1015 29.18 -6.26 -18.87
C LEU B 1015 30.38 -5.35 -18.51
N GLN B 1016 30.38 -4.16 -19.11
CA GLN B 1016 31.32 -3.09 -18.86
C GLN B 1016 30.50 -1.81 -18.86
N THR B 1017 30.32 -1.24 -17.66
CA THR B 1017 29.59 0.01 -17.42
C THR B 1017 30.39 0.88 -16.42
N SER B 1018 30.13 2.20 -16.41
CA SER B 1018 30.81 3.14 -15.54
C SER B 1018 29.99 3.50 -14.31
N PHE B 1019 30.68 3.76 -13.19
CA PHE B 1019 30.08 4.19 -11.93
C PHE B 1019 30.41 5.68 -11.77
N GLY B 1020 29.41 6.51 -12.04
CA GLY B 1020 29.51 7.96 -11.95
C GLY B 1020 29.39 8.41 -10.52
N ALA B 1021 30.53 8.42 -9.80
CA ALA B 1021 30.62 8.77 -8.39
C ALA B 1021 30.40 10.26 -8.15
N ASN B 1022 29.46 10.58 -7.27
CA ASN B 1022 29.15 11.92 -6.81
C ASN B 1022 29.04 11.85 -5.30
N MET B 1023 30.17 12.10 -4.62
CA MET B 1023 30.30 12.01 -3.16
C MET B 1023 29.60 13.19 -2.46
N LEU B 1024 28.27 13.25 -2.65
CA LEU B 1024 27.35 14.26 -2.13
C LEU B 1024 26.56 13.67 -0.97
N ALA B 1025 26.54 14.38 0.17
CA ALA B 1025 25.86 13.93 1.39
C ALA B 1025 25.39 15.11 2.25
N ILE B 1026 24.53 14.83 3.25
CA ILE B 1026 24.02 15.83 4.18
C ILE B 1026 25.04 16.04 5.30
N VAL B 1027 25.59 17.26 5.37
CA VAL B 1027 26.56 17.66 6.41
C VAL B 1027 25.88 18.76 7.20
N ASP B 1028 25.60 18.52 8.51
CA ASP B 1028 24.95 19.49 9.39
C ASP B 1028 23.70 20.15 8.73
N GLY B 1029 22.86 19.32 8.12
CA GLY B 1029 21.65 19.75 7.43
C GLY B 1029 21.84 20.31 6.03
N VAL B 1030 23.10 20.53 5.58
CA VAL B 1030 23.35 21.12 4.24
C VAL B 1030 23.94 20.10 3.24
N PRO B 1031 23.47 20.09 1.97
CA PRO B 1031 24.03 19.17 0.97
C PRO B 1031 25.43 19.61 0.55
N ARG B 1032 26.43 18.73 0.68
CA ARG B 1032 27.82 19.05 0.37
C ARG B 1032 28.56 17.95 -0.38
N THR B 1033 29.30 18.33 -1.46
CA THR B 1033 30.14 17.42 -2.25
C THR B 1033 31.49 17.36 -1.52
N LEU B 1034 31.89 16.15 -1.07
CA LEU B 1034 33.08 15.97 -0.24
C LEU B 1034 34.18 15.08 -0.78
N ARG B 1035 35.42 15.36 -0.30
CA ARG B 1035 36.62 14.57 -0.56
C ARG B 1035 36.60 13.42 0.48
N LEU B 1036 37.39 12.35 0.25
CA LEU B 1036 37.46 11.17 1.11
C LEU B 1036 37.87 11.47 2.55
N ASP B 1037 38.85 12.39 2.73
CA ASP B 1037 39.33 12.82 4.05
C ASP B 1037 38.20 13.49 4.85
N GLN B 1038 37.35 14.27 4.18
CA GLN B 1038 36.20 14.96 4.75
C GLN B 1038 35.16 13.91 5.21
N LEU B 1039 34.99 12.82 4.43
CA LEU B 1039 34.06 11.73 4.75
C LEU B 1039 34.51 10.91 5.94
N ILE B 1040 35.82 10.72 6.09
CA ILE B 1040 36.43 9.99 7.20
C ILE B 1040 36.40 10.84 8.48
N ARG B 1041 36.83 12.11 8.38
CA ARG B 1041 36.90 13.02 9.52
C ARG B 1041 35.54 13.29 10.13
N TYR B 1042 34.51 13.61 9.30
CA TYR B 1042 33.14 13.84 9.77
C TYR B 1042 32.58 12.62 10.48
N TYR B 1043 32.96 11.42 10.00
CA TYR B 1043 32.58 10.16 10.61
C TYR B 1043 33.26 10.01 11.99
N VAL B 1044 34.58 10.27 12.07
CA VAL B 1044 35.38 10.17 13.31
C VAL B 1044 34.82 11.11 14.38
N ASP B 1045 34.48 12.36 13.99
CA ASP B 1045 33.89 13.36 14.89
C ASP B 1045 32.60 12.84 15.55
N HIS B 1046 31.73 12.13 14.77
CA HIS B 1046 30.50 11.50 15.23
C HIS B 1046 30.81 10.41 16.26
N GLN B 1047 31.84 9.59 15.98
CA GLN B 1047 32.31 8.51 16.85
C GLN B 1047 32.79 8.99 18.20
N LEU B 1048 33.53 10.11 18.21
CA LEU B 1048 34.03 10.74 19.45
C LEU B 1048 32.86 11.36 20.21
N ASP B 1049 31.85 11.88 19.48
CA ASP B 1049 30.63 12.45 20.06
C ASP B 1049 29.83 11.37 20.77
N VAL B 1050 29.70 10.18 20.12
CA VAL B 1050 28.98 9.02 20.63
C VAL B 1050 29.60 8.52 21.94
N ILE B 1051 30.94 8.45 21.99
CA ILE B 1051 31.70 8.00 23.17
C ILE B 1051 31.58 8.98 24.38
N VAL B 1052 31.73 10.32 24.16
CA VAL B 1052 31.57 11.30 25.25
C VAL B 1052 30.14 11.30 25.78
N ARG B 1053 29.14 11.17 24.86
CA ARG B 1053 27.73 11.15 25.19
C ARG B 1053 27.35 9.85 25.90
N ARG B 1054 28.07 8.76 25.56
CA ARG B 1054 27.89 7.45 26.17
C ARG B 1054 28.36 7.48 27.62
N THR B 1055 29.61 7.91 27.85
CA THR B 1055 30.28 8.02 29.15
C THR B 1055 29.52 8.92 30.12
N THR B 1056 29.01 10.07 29.62
CA THR B 1056 28.23 11.05 30.38
C THR B 1056 26.95 10.41 30.96
N TYR B 1057 26.21 9.66 30.09
CA TYR B 1057 24.98 8.94 30.44
C TYR B 1057 25.31 7.90 31.51
N ARG B 1058 26.24 6.96 31.18
CA ARG B 1058 26.70 5.88 32.07
C ARG B 1058 27.04 6.37 33.46
N LEU B 1059 27.69 7.55 33.55
CA LEU B 1059 28.08 8.19 34.82
C LEU B 1059 26.86 8.70 35.59
N ARG B 1060 25.90 9.36 34.90
CA ARG B 1060 24.68 9.84 35.52
C ARG B 1060 23.87 8.69 36.11
N LYS B 1061 23.69 7.60 35.34
CA LYS B 1061 22.96 6.41 35.77
C LYS B 1061 23.70 5.60 36.86
N ALA B 1062 25.04 5.74 36.93
CA ALA B 1062 25.85 5.08 37.97
C ALA B 1062 25.68 5.80 39.30
N ASN B 1063 25.63 7.16 39.26
CA ASN B 1063 25.43 7.98 40.46
C ASN B 1063 24.00 7.85 40.98
N GLU B 1064 23.04 7.62 40.08
CA GLU B 1064 21.63 7.42 40.42
C GLU B 1064 21.44 6.08 41.10
N ARG B 1065 22.13 5.03 40.60
CA ARG B 1065 22.08 3.68 41.16
C ARG B 1065 22.72 3.66 42.54
N ALA B 1066 23.91 4.30 42.67
CA ALA B 1066 24.68 4.41 43.92
C ALA B 1066 23.86 5.09 45.01
N HIS B 1067 23.13 6.16 44.65
CA HIS B 1067 22.27 6.92 45.55
C HIS B 1067 21.19 6.00 46.15
N ILE B 1068 20.53 5.21 45.28
CA ILE B 1068 19.49 4.23 45.64
C ILE B 1068 20.08 3.13 46.54
N LEU B 1069 21.21 2.51 46.11
CA LEU B 1069 21.89 1.44 46.84
C LEU B 1069 22.33 1.87 48.24
N ARG B 1070 22.73 3.16 48.40
CA ARG B 1070 23.12 3.73 49.70
C ARG B 1070 21.91 3.82 50.63
N GLY B 1071 20.74 4.10 50.06
CA GLY B 1071 19.47 4.17 50.77
C GLY B 1071 19.01 2.82 51.26
N LEU B 1072 19.21 1.78 50.42
CA LEU B 1072 18.88 0.39 50.76
C LEU B 1072 19.84 -0.15 51.83
N VAL B 1073 21.15 0.20 51.74
CA VAL B 1073 22.19 -0.19 52.71
C VAL B 1073 21.83 0.35 54.10
N LYS B 1074 21.40 1.64 54.18
CA LYS B 1074 20.95 2.32 55.40
C LYS B 1074 19.81 1.54 56.05
N ALA B 1075 18.83 1.11 55.23
CA ALA B 1075 17.66 0.32 55.64
C ALA B 1075 18.08 -1.07 56.10
N LEU B 1076 19.07 -1.71 55.42
CA LEU B 1076 19.58 -3.04 55.77
C LEU B 1076 20.33 -3.04 57.11
N ASP B 1077 21.01 -1.93 57.44
CA ASP B 1077 21.77 -1.73 58.67
C ASP B 1077 20.85 -1.64 59.89
N ALA B 1078 19.62 -1.12 59.68
CA ALA B 1078 18.59 -0.96 60.70
C ALA B 1078 17.25 -1.61 60.23
N LEU B 1079 17.35 -2.85 59.71
CA LEU B 1079 16.25 -3.66 59.18
C LEU B 1079 15.11 -3.92 60.15
N ASP B 1080 15.47 -4.22 61.42
CA ASP B 1080 14.53 -4.53 62.50
C ASP B 1080 13.56 -3.38 62.74
N GLU B 1081 14.10 -2.16 62.94
CA GLU B 1081 13.33 -0.94 63.18
C GLU B 1081 12.66 -0.39 61.92
N VAL B 1082 13.19 -0.74 60.71
CA VAL B 1082 12.58 -0.33 59.43
C VAL B 1082 11.24 -1.07 59.26
N ILE B 1083 11.27 -2.42 59.39
CA ILE B 1083 10.10 -3.29 59.26
C ILE B 1083 9.04 -2.96 60.32
N ALA B 1084 9.49 -2.68 61.57
CA ALA B 1084 8.63 -2.31 62.70
C ALA B 1084 7.91 -0.97 62.46
N LEU B 1085 8.58 -0.02 61.76
CA LEU B 1085 8.04 1.30 61.40
C LEU B 1085 6.89 1.16 60.38
N ILE B 1086 7.08 0.33 59.32
CA ILE B 1086 6.08 0.10 58.27
C ILE B 1086 4.82 -0.52 58.87
N ARG B 1087 5.01 -1.53 59.73
CA ARG B 1087 3.94 -2.27 60.39
C ARG B 1087 3.10 -1.39 61.31
N ALA B 1088 3.76 -0.62 62.21
CA ALA B 1088 3.12 0.28 63.17
C ALA B 1088 2.29 1.41 62.52
N SER B 1089 2.73 1.89 61.34
CA SER B 1089 2.09 2.96 60.57
C SER B 1089 0.81 2.51 59.84
N GLU B 1090 -0.25 3.34 59.92
CA GLU B 1090 -1.58 3.08 59.32
C GLU B 1090 -1.61 3.16 57.79
N THR B 1091 -1.20 4.29 57.18
CA THR B 1091 -1.18 4.46 55.72
C THR B 1091 0.23 4.28 55.15
N VAL B 1092 0.35 4.17 53.82
CA VAL B 1092 1.63 4.03 53.12
C VAL B 1092 2.49 5.31 53.26
N ASP B 1093 1.83 6.49 53.28
CA ASP B 1093 2.46 7.79 53.37
C ASP B 1093 3.18 8.04 54.69
N ILE B 1094 2.59 7.63 55.84
CA ILE B 1094 3.23 7.78 57.17
C ILE B 1094 4.43 6.83 57.28
N ALA B 1095 4.34 5.63 56.64
CA ALA B 1095 5.43 4.66 56.58
C ALA B 1095 6.58 5.28 55.76
N ARG B 1096 6.21 6.03 54.67
CA ARG B 1096 7.12 6.74 53.77
C ARG B 1096 7.81 7.89 54.52
N ALA B 1097 7.02 8.75 55.19
CA ALA B 1097 7.50 9.91 55.97
C ALA B 1097 8.34 9.51 57.18
N GLY B 1098 7.96 8.39 57.82
CA GLY B 1098 8.66 7.83 58.97
C GLY B 1098 10.03 7.30 58.60
N LEU B 1099 10.13 6.74 57.39
CA LEU B 1099 11.36 6.19 56.82
C LEU B 1099 12.37 7.30 56.50
N ILE B 1100 11.89 8.46 56.00
CA ILE B 1100 12.70 9.65 55.68
C ILE B 1100 13.28 10.28 56.96
N GLU B 1101 12.56 10.12 58.10
CA GLU B 1101 12.98 10.65 59.39
C GLU B 1101 13.94 9.68 60.11
N LEU B 1102 13.58 8.38 60.18
CA LEU B 1102 14.36 7.30 60.80
C LEU B 1102 15.77 7.20 60.19
N LEU B 1103 15.81 7.10 58.85
CA LEU B 1103 17.04 7.03 58.06
C LEU B 1103 17.24 8.39 57.40
N ASP B 1104 18.47 8.94 57.43
CA ASP B 1104 18.76 10.23 56.79
C ASP B 1104 18.80 9.99 55.26
N ILE B 1105 17.60 9.97 54.64
CA ILE B 1105 17.36 9.69 53.23
C ILE B 1105 16.38 10.70 52.58
N ASP B 1106 16.14 10.56 51.25
CA ASP B 1106 15.21 11.41 50.49
C ASP B 1106 13.97 10.61 50.02
N GLU B 1107 13.06 11.27 49.27
CA GLU B 1107 11.82 10.71 48.73
C GLU B 1107 12.03 9.57 47.75
N ILE B 1108 13.10 9.66 46.94
CA ILE B 1108 13.48 8.67 45.92
C ILE B 1108 14.01 7.38 46.58
N GLN B 1109 14.81 7.51 47.67
CA GLN B 1109 15.37 6.39 48.43
C GLN B 1109 14.28 5.65 49.20
N ALA B 1110 13.32 6.39 49.79
CA ALA B 1110 12.20 5.84 50.56
C ALA B 1110 11.33 4.95 49.68
N GLN B 1111 11.12 5.38 48.42
CA GLN B 1111 10.36 4.66 47.41
C GLN B 1111 11.07 3.35 47.02
N ALA B 1112 12.42 3.30 47.16
CA ALA B 1112 13.23 2.12 46.86
C ALA B 1112 13.11 1.09 47.98
N ILE B 1113 13.04 1.55 49.23
CA ILE B 1113 12.87 0.70 50.41
C ILE B 1113 11.42 0.15 50.42
N LEU B 1114 10.42 1.01 50.14
CA LEU B 1114 9.00 0.61 50.11
C LEU B 1114 8.66 -0.35 48.97
N ASP B 1115 9.21 -0.13 47.76
CA ASP B 1115 8.96 -1.00 46.60
C ASP B 1115 9.81 -2.28 46.62
N MET B 1116 10.69 -2.41 47.63
CA MET B 1116 11.58 -3.55 47.84
C MET B 1116 10.74 -4.78 48.17
N GLN B 1117 10.96 -5.86 47.39
CA GLN B 1117 10.26 -7.12 47.54
C GLN B 1117 10.78 -7.90 48.74
N LEU B 1118 9.89 -8.70 49.38
CA LEU B 1118 10.21 -9.51 50.56
C LEU B 1118 11.31 -10.55 50.31
N ARG B 1119 11.49 -10.96 49.04
CA ARG B 1119 12.53 -11.90 48.62
C ARG B 1119 13.94 -11.29 48.73
N ARG B 1120 14.06 -9.96 48.59
CA ARG B 1120 15.34 -9.22 48.66
C ARG B 1120 15.97 -9.21 50.07
N LEU B 1121 15.23 -9.67 51.09
CA LEU B 1121 15.68 -9.71 52.48
C LEU B 1121 16.54 -10.95 52.84
N ALA B 1122 16.77 -11.85 51.86
CA ALA B 1122 17.57 -13.07 52.00
C ALA B 1122 19.06 -12.72 52.13
N ALA B 1123 19.85 -13.57 52.83
CA ALA B 1123 21.29 -13.38 53.06
C ALA B 1123 22.11 -13.12 51.80
N LEU B 1124 21.87 -13.90 50.72
CA LEU B 1124 22.56 -13.74 49.44
C LEU B 1124 22.05 -12.51 48.69
N GLU B 1125 20.82 -12.04 49.03
CA GLU B 1125 20.20 -10.87 48.42
C GLU B 1125 20.58 -9.56 49.10
N ARG B 1126 20.84 -9.61 50.43
CA ARG B 1126 21.30 -8.46 51.21
C ARG B 1126 22.72 -8.14 50.77
N GLN B 1127 23.55 -9.19 50.58
CA GLN B 1127 24.94 -9.09 50.13
C GLN B 1127 25.03 -8.56 48.71
N ARG B 1128 24.04 -8.90 47.85
CA ARG B 1128 23.96 -8.45 46.46
C ARG B 1128 23.97 -6.91 46.39
N ILE B 1129 23.20 -6.22 47.29
CA ILE B 1129 23.15 -4.76 47.42
C ILE B 1129 24.52 -4.21 47.86
N ILE B 1130 25.11 -4.78 48.95
CA ILE B 1130 26.42 -4.41 49.52
C ILE B 1130 27.52 -4.54 48.46
N ASP B 1131 27.54 -5.66 47.72
CA ASP B 1131 28.50 -5.95 46.66
C ASP B 1131 28.37 -4.93 45.53
N ASP B 1132 27.13 -4.76 44.99
CA ASP B 1132 26.83 -3.83 43.90
C ASP B 1132 27.21 -2.38 44.16
N LEU B 1133 26.94 -1.86 45.38
CA LEU B 1133 27.26 -0.47 45.76
C LEU B 1133 28.77 -0.17 45.75
N ALA B 1134 29.60 -1.11 46.24
CA ALA B 1134 31.05 -0.96 46.30
C ALA B 1134 31.69 -0.95 44.89
N LYS B 1135 31.12 -1.72 43.95
CA LYS B 1135 31.59 -1.84 42.57
C LYS B 1135 31.37 -0.56 41.77
N ILE B 1136 30.28 0.18 42.08
CA ILE B 1136 29.86 1.40 41.37
C ILE B 1136 30.92 2.51 41.49
N GLU B 1137 31.54 2.70 42.66
CA GLU B 1137 32.56 3.74 42.88
C GLU B 1137 33.84 3.55 42.04
N ALA B 1138 34.11 2.32 41.58
CA ALA B 1138 35.25 1.98 40.73
C ALA B 1138 34.90 2.25 39.27
N GLU B 1139 33.62 2.00 38.91
CA GLU B 1139 33.03 2.24 37.60
C GLU B 1139 32.97 3.75 37.37
N ILE B 1140 32.54 4.52 38.41
CA ILE B 1140 32.45 5.99 38.43
C ILE B 1140 33.82 6.62 38.16
N ALA B 1141 34.86 6.18 38.89
CA ALA B 1141 36.23 6.68 38.73
C ALA B 1141 36.72 6.50 37.28
N ASP B 1142 36.48 5.31 36.69
CA ASP B 1142 36.86 4.98 35.32
C ASP B 1142 36.09 5.80 34.29
N LEU B 1143 34.78 6.03 34.54
CA LEU B 1143 33.93 6.84 33.67
C LEU B 1143 34.41 8.28 33.69
N GLU B 1144 34.66 8.82 34.90
CA GLU B 1144 35.19 10.18 35.11
C GLU B 1144 36.57 10.36 34.44
N ASP B 1145 37.39 9.27 34.42
CA ASP B 1145 38.70 9.22 33.79
C ASP B 1145 38.63 9.32 32.27
N ILE B 1146 37.58 8.72 31.64
CA ILE B 1146 37.35 8.78 30.20
C ILE B 1146 37.00 10.22 29.78
N LEU B 1147 36.11 10.89 30.55
CA LEU B 1147 35.67 12.26 30.30
C LEU B 1147 36.80 13.26 30.38
N ALA B 1148 37.74 13.01 31.29
CA ALA B 1148 38.90 13.86 31.53
C ALA B 1148 40.01 13.61 30.51
N LYS B 1149 39.99 12.45 29.79
CA LYS B 1149 41.04 12.07 28.83
C LYS B 1149 40.55 11.89 27.39
N PRO B 1150 40.77 12.88 26.48
CA PRO B 1150 40.37 12.70 25.08
C PRO B 1150 41.15 11.58 24.38
N GLU B 1151 42.36 11.28 24.92
CA GLU B 1151 43.25 10.21 24.48
C GLU B 1151 42.56 8.87 24.70
N ARG B 1152 41.91 8.70 25.88
CA ARG B 1152 41.15 7.50 26.23
C ARG B 1152 39.95 7.31 25.31
N GLN B 1153 39.22 8.40 25.04
CA GLN B 1153 38.07 8.42 24.15
C GLN B 1153 38.48 7.96 22.73
N ARG B 1154 39.63 8.46 22.21
CA ARG B 1154 40.19 8.07 20.90
C ARG B 1154 40.51 6.57 20.87
N GLY B 1155 41.04 6.05 21.98
CA GLY B 1155 41.35 4.63 22.17
C GLY B 1155 40.08 3.79 22.21
N ILE B 1156 39.00 4.33 22.81
CA ILE B 1156 37.71 3.62 22.88
C ILE B 1156 37.15 3.42 21.47
N VAL B 1157 37.25 4.44 20.61
CA VAL B 1157 36.81 4.39 19.20
C VAL B 1157 37.65 3.34 18.44
N ARG B 1158 38.99 3.37 18.65
CA ARG B 1158 39.95 2.47 18.01
C ARG B 1158 39.71 0.99 18.36
N ASP B 1159 39.66 0.68 19.68
CA ASP B 1159 39.49 -0.68 20.22
C ASP B 1159 38.15 -1.31 19.89
N GLU B 1160 37.08 -0.50 19.85
CA GLU B 1160 35.74 -0.99 19.55
C GLU B 1160 35.56 -1.21 18.05
N LEU B 1161 36.20 -0.37 17.20
CA LEU B 1161 36.13 -0.54 15.75
C LEU B 1161 36.93 -1.77 15.33
N ALA B 1162 38.13 -1.95 15.91
CA ALA B 1162 39.03 -3.07 15.66
C ALA B 1162 38.33 -4.40 15.99
N GLU B 1163 37.58 -4.42 17.11
CA GLU B 1163 36.79 -5.57 17.55
C GLU B 1163 35.71 -5.91 16.50
N ILE B 1164 35.04 -4.87 15.92
CA ILE B 1164 34.02 -5.04 14.87
C ILE B 1164 34.70 -5.56 13.60
N VAL B 1165 35.87 -5.00 13.25
CA VAL B 1165 36.62 -5.35 12.03
C VAL B 1165 37.17 -6.78 12.12
N ASP B 1166 37.63 -7.19 13.31
CA ASP B 1166 38.15 -8.54 13.51
C ASP B 1166 37.06 -9.59 13.37
N ARG B 1167 35.84 -9.27 13.79
CA ARG B 1167 34.71 -10.19 13.75
C ARG B 1167 33.89 -10.17 12.44
N HIS B 1168 33.71 -8.98 11.83
CA HIS B 1168 32.85 -8.82 10.65
C HIS B 1168 33.56 -8.39 9.36
N GLY B 1169 34.82 -7.95 9.47
CA GLY B 1169 35.60 -7.55 8.31
C GLY B 1169 35.84 -8.73 7.40
N ASP B 1170 35.94 -8.49 6.08
CA ASP B 1170 36.12 -9.56 5.11
C ASP B 1170 37.09 -9.21 3.99
N ASP B 1171 37.38 -10.21 3.15
CA ASP B 1171 38.27 -10.08 2.01
C ASP B 1171 37.69 -9.16 0.96
N ARG B 1172 38.56 -8.46 0.23
CA ARG B 1172 38.19 -7.59 -0.88
C ARG B 1172 37.48 -8.44 -1.95
N ARG B 1173 36.43 -7.89 -2.57
CA ARG B 1173 35.64 -8.59 -3.59
C ARG B 1173 35.96 -8.14 -5.00
N THR B 1174 36.11 -6.82 -5.21
CA THR B 1174 36.42 -6.22 -6.49
C THR B 1174 37.94 -6.14 -6.71
N ARG B 1175 38.44 -6.77 -7.78
CA ARG B 1175 39.87 -6.74 -8.14
C ARG B 1175 40.16 -5.49 -8.96
N ILE B 1176 41.22 -4.78 -8.60
CA ILE B 1176 41.62 -3.55 -9.29
C ILE B 1176 42.71 -3.86 -10.31
N ILE B 1177 42.37 -3.72 -11.60
CA ILE B 1177 43.27 -3.94 -12.72
C ILE B 1177 43.51 -2.59 -13.46
N ALA B 1178 44.61 -2.49 -14.20
CA ALA B 1178 44.95 -1.28 -14.94
C ALA B 1178 44.44 -1.35 -16.38
N ALA B 1179 44.59 -0.24 -17.15
CA ALA B 1179 44.23 -0.06 -18.57
C ALA B 1179 42.78 -0.37 -18.89
O1 MES C . -19.73 -3.02 11.03
C2 MES C . -18.54 -2.86 10.26
C3 MES C . -18.86 -2.51 8.83
N4 MES C . -19.75 -3.56 8.23
C5 MES C . -20.96 -3.76 9.08
C6 MES C . -20.55 -4.05 10.50
C7 MES C . -20.10 -3.26 6.80
C8 MES C . -19.83 -4.50 5.96
S MES C . -19.19 -4.08 4.35
O1S MES C . -17.75 -3.94 4.52
O2S MES C . -19.54 -5.19 3.48
O3S MES C . -19.83 -2.83 3.96
O1 MES D . -0.06 -1.80 22.17
C2 MES D . -1.06 -2.81 22.05
C3 MES D . -0.45 -4.19 22.08
N4 MES D . 0.57 -4.33 20.99
C5 MES D . 1.57 -3.22 21.09
C6 MES D . 0.87 -1.88 21.10
C7 MES D . 1.21 -5.68 21.02
C8 MES D . 1.76 -6.11 19.68
S MES D . 2.82 -7.53 19.91
O1S MES D . 1.94 -8.65 20.18
O2S MES D . 3.68 -7.22 21.04
O3S MES D . 3.57 -7.68 18.68
O1 MES E . -23.10 17.16 5.57
C2 MES E . -24.23 17.22 4.69
C3 MES E . -23.99 16.42 3.43
N4 MES E . -22.77 16.92 2.74
C5 MES E . -21.60 16.90 3.68
C6 MES E . -21.94 17.69 4.92
C7 MES E . -22.50 16.12 1.49
C8 MES E . -21.39 16.67 0.58
S MES E . -21.45 15.86 -1.01
O1S MES E . -22.73 16.20 -1.59
O2S MES E . -21.31 14.43 -0.73
O3S MES E . -20.33 16.38 -1.78
O1 MES F . 22.89 1.19 4.34
C2 MES F . 21.49 0.94 4.28
C3 MES F . 20.97 1.01 2.87
N4 MES F . 21.28 2.34 2.27
C5 MES F . 22.75 2.63 2.40
C6 MES F . 23.18 2.50 3.83
C7 MES F . 20.84 2.39 0.83
C8 MES F . 20.56 3.79 0.35
S MES F . 19.73 3.75 -1.22
O1S MES F . 18.31 3.86 -0.94
O2S MES F . 20.07 2.47 -1.84
O3S MES F . 20.24 4.88 -1.99
O1 MES G . 7.54 -3.59 20.50
C2 MES G . 8.48 -2.54 20.34
C3 MES G . 7.99 -1.25 20.95
N4 MES G . 6.68 -0.86 20.33
C5 MES G . 5.71 -2.00 20.44
C6 MES G . 6.30 -3.25 19.85
C7 MES G . 6.17 0.40 20.98
C8 MES G . 5.10 1.12 20.18
S MES G . 4.56 2.55 21.09
O1S MES G . 3.36 3.02 20.43
O2S MES G . 4.30 2.09 22.45
O3S MES G . 5.66 3.51 21.03
#